data_2DVK
# 
_entry.id   2DVK 
# 
_audit_conform.dict_name       mmcif_pdbx.dic 
_audit_conform.dict_version    5.397 
_audit_conform.dict_location   http://mmcif.pdb.org/dictionaries/ascii/mmcif_pdbx.dic 
# 
loop_
_database_2.database_id 
_database_2.database_code 
_database_2.pdbx_database_accession 
_database_2.pdbx_DOI 
PDB   2DVK         pdb_00002dvk 10.2210/pdb2dvk/pdb 
RCSB  RCSB025895   ?            ?                   
WWPDB D_1000025895 ?            ?                   
# 
loop_
_pdbx_audit_revision_history.ordinal 
_pdbx_audit_revision_history.data_content_type 
_pdbx_audit_revision_history.major_revision 
_pdbx_audit_revision_history.minor_revision 
_pdbx_audit_revision_history.revision_date 
1 'Structure model' 1 0 2007-01-31 
2 'Structure model' 1 1 2008-04-30 
3 'Structure model' 1 2 2011-07-13 
4 'Structure model' 1 3 2024-10-23 
# 
_pdbx_audit_revision_details.ordinal             1 
_pdbx_audit_revision_details.revision_ordinal    1 
_pdbx_audit_revision_details.data_content_type   'Structure model' 
_pdbx_audit_revision_details.provider            repository 
_pdbx_audit_revision_details.type                'Initial release' 
_pdbx_audit_revision_details.description         ? 
_pdbx_audit_revision_details.details             ? 
# 
loop_
_pdbx_audit_revision_group.ordinal 
_pdbx_audit_revision_group.revision_ordinal 
_pdbx_audit_revision_group.data_content_type 
_pdbx_audit_revision_group.group 
1 2 'Structure model' 'Version format compliance' 
2 3 'Structure model' 'Derived calculations'      
3 3 'Structure model' 'Version format compliance' 
4 4 'Structure model' 'Data collection'           
5 4 'Structure model' 'Database references'       
6 4 'Structure model' 'Structure summary'         
# 
loop_
_pdbx_audit_revision_category.ordinal 
_pdbx_audit_revision_category.revision_ordinal 
_pdbx_audit_revision_category.data_content_type 
_pdbx_audit_revision_category.category 
1 4 'Structure model' chem_comp_atom            
2 4 'Structure model' chem_comp_bond            
3 4 'Structure model' database_2                
4 4 'Structure model' pdbx_entry_details        
5 4 'Structure model' pdbx_modification_feature 
# 
loop_
_pdbx_audit_revision_item.ordinal 
_pdbx_audit_revision_item.revision_ordinal 
_pdbx_audit_revision_item.data_content_type 
_pdbx_audit_revision_item.item 
1 4 'Structure model' '_database_2.pdbx_DOI'                
2 4 'Structure model' '_database_2.pdbx_database_accession' 
# 
_pdbx_database_status.status_code                     REL 
_pdbx_database_status.entry_id                        2DVK 
_pdbx_database_status.recvd_initial_deposition_date   2006-07-31 
_pdbx_database_status.deposit_site                    PDBJ 
_pdbx_database_status.process_site                    PDBJ 
_pdbx_database_status.status_code_sf                  REL 
_pdbx_database_status.status_code_mr                  ? 
_pdbx_database_status.SG_entry                        Y 
_pdbx_database_status.pdb_format_compatible           Y 
_pdbx_database_status.status_code_cs                  ? 
_pdbx_database_status.status_code_nmr_data            ? 
_pdbx_database_status.methods_development_category    ? 
# 
_pdbx_database_related.db_name        TargetDB 
_pdbx_database_related.db_id          ape001000816.1 
_pdbx_database_related.details        . 
_pdbx_database_related.content_type   unspecified 
# 
loop_
_audit_author.name 
_audit_author.pdbx_ordinal 
'Lokanath, N.K.'                                         1 
'RIKEN Structural Genomics/Proteomics Initiative (RSGI)' 2 
# 
_citation.id                        primary 
_citation.title                     'Crystal Structure of Hypothetical protein from Aeropyrum pernix' 
_citation.journal_abbrev            'To be Published' 
_citation.journal_volume            ? 
_citation.page_first                ? 
_citation.page_last                 ? 
_citation.year                      ? 
_citation.journal_id_ASTM           ? 
_citation.country                   ? 
_citation.journal_id_ISSN           ? 
_citation.journal_id_CSD            0353 
_citation.book_publisher            ? 
_citation.pdbx_database_id_PubMed   ? 
_citation.pdbx_database_id_DOI      ? 
# 
loop_
_citation_author.citation_id 
_citation_author.name 
_citation_author.ordinal 
_citation_author.identifier_ORCID 
primary 'Lokanath, N.K.' 1 ? 
primary 'Kunishima, N.'  2 ? 
# 
loop_
_entity.id 
_entity.type 
_entity.src_method 
_entity.pdbx_description 
_entity.formula_weight 
_entity.pdbx_number_of_molecules 
_entity.pdbx_ec 
_entity.pdbx_mutation 
_entity.pdbx_fragment 
_entity.details 
1 polymer man 'UPF0130 protein APE0816' 21023.297 1   ? ? ? ? 
2 water   nat water                     18.015    200 ? ? ? ? 
# 
_entity_poly.entity_id                      1 
_entity_poly.type                           'polypeptide(L)' 
_entity_poly.nstd_linkage                   no 
_entity_poly.nstd_monomer                   no 
_entity_poly.pdbx_seq_one_letter_code       
;MGSIEEVLLEERLIGYLDPGAEKVLARINRPSKIVSTSSCTGRITLIEGEAHWLRNGARVAYKTHHPISRSEVERVLRRG
FTNLWLKVTGPILHLRVEGWQCAKSLLEAARRNGFKHSGVISIAEDSRLVIEIMSSQSMSVPLVMEGARIVGDDALDMLI
EKANTILVESRIGLDTFSREVEELVECF
;
_entity_poly.pdbx_seq_one_letter_code_can   
;MGSIEEVLLEERLIGYLDPGAEKVLARINRPSKIVSTSSCTGRITLIEGEAHWLRNGARVAYKTHHPISRSEVERVLRRG
FTNLWLKVTGPILHLRVEGWQCAKSLLEAARRNGFKHSGVISIAEDSRLVIEIMSSQSMSVPLVMEGARIVGDDALDMLI
EKANTILVESRIGLDTFSREVEELVECF
;
_entity_poly.pdbx_strand_id                 A 
_entity_poly.pdbx_target_identifier         ape001000816.1 
# 
_pdbx_entity_nonpoly.entity_id   2 
_pdbx_entity_nonpoly.name        water 
_pdbx_entity_nonpoly.comp_id     HOH 
# 
loop_
_entity_poly_seq.entity_id 
_entity_poly_seq.num 
_entity_poly_seq.mon_id 
_entity_poly_seq.hetero 
1 1   MET n 
1 2   GLY n 
1 3   SER n 
1 4   ILE n 
1 5   GLU n 
1 6   GLU n 
1 7   VAL n 
1 8   LEU n 
1 9   LEU n 
1 10  GLU n 
1 11  GLU n 
1 12  ARG n 
1 13  LEU n 
1 14  ILE n 
1 15  GLY n 
1 16  TYR n 
1 17  LEU n 
1 18  ASP n 
1 19  PRO n 
1 20  GLY n 
1 21  ALA n 
1 22  GLU n 
1 23  LYS n 
1 24  VAL n 
1 25  LEU n 
1 26  ALA n 
1 27  ARG n 
1 28  ILE n 
1 29  ASN n 
1 30  ARG n 
1 31  PRO n 
1 32  SER n 
1 33  LYS n 
1 34  ILE n 
1 35  VAL n 
1 36  SER n 
1 37  THR n 
1 38  SER n 
1 39  SER n 
1 40  CYS n 
1 41  THR n 
1 42  GLY n 
1 43  ARG n 
1 44  ILE n 
1 45  THR n 
1 46  LEU n 
1 47  ILE n 
1 48  GLU n 
1 49  GLY n 
1 50  GLU n 
1 51  ALA n 
1 52  HIS n 
1 53  TRP n 
1 54  LEU n 
1 55  ARG n 
1 56  ASN n 
1 57  GLY n 
1 58  ALA n 
1 59  ARG n 
1 60  VAL n 
1 61  ALA n 
1 62  TYR n 
1 63  LYS n 
1 64  THR n 
1 65  HIS n 
1 66  HIS n 
1 67  PRO n 
1 68  ILE n 
1 69  SER n 
1 70  ARG n 
1 71  SER n 
1 72  GLU n 
1 73  VAL n 
1 74  GLU n 
1 75  ARG n 
1 76  VAL n 
1 77  LEU n 
1 78  ARG n 
1 79  ARG n 
1 80  GLY n 
1 81  PHE n 
1 82  THR n 
1 83  ASN n 
1 84  LEU n 
1 85  TRP n 
1 86  LEU n 
1 87  LYS n 
1 88  VAL n 
1 89  THR n 
1 90  GLY n 
1 91  PRO n 
1 92  ILE n 
1 93  LEU n 
1 94  HIS n 
1 95  LEU n 
1 96  ARG n 
1 97  VAL n 
1 98  GLU n 
1 99  GLY n 
1 100 TRP n 
1 101 GLN n 
1 102 CYS n 
1 103 ALA n 
1 104 LYS n 
1 105 SER n 
1 106 LEU n 
1 107 LEU n 
1 108 GLU n 
1 109 ALA n 
1 110 ALA n 
1 111 ARG n 
1 112 ARG n 
1 113 ASN n 
1 114 GLY n 
1 115 PHE n 
1 116 LYS n 
1 117 HIS n 
1 118 SER n 
1 119 GLY n 
1 120 VAL n 
1 121 ILE n 
1 122 SER n 
1 123 ILE n 
1 124 ALA n 
1 125 GLU n 
1 126 ASP n 
1 127 SER n 
1 128 ARG n 
1 129 LEU n 
1 130 VAL n 
1 131 ILE n 
1 132 GLU n 
1 133 ILE n 
1 134 MET n 
1 135 SER n 
1 136 SER n 
1 137 GLN n 
1 138 SER n 
1 139 MET n 
1 140 SER n 
1 141 VAL n 
1 142 PRO n 
1 143 LEU n 
1 144 VAL n 
1 145 MET n 
1 146 GLU n 
1 147 GLY n 
1 148 ALA n 
1 149 ARG n 
1 150 ILE n 
1 151 VAL n 
1 152 GLY n 
1 153 ASP n 
1 154 ASP n 
1 155 ALA n 
1 156 LEU n 
1 157 ASP n 
1 158 MET n 
1 159 LEU n 
1 160 ILE n 
1 161 GLU n 
1 162 LYS n 
1 163 ALA n 
1 164 ASN n 
1 165 THR n 
1 166 ILE n 
1 167 LEU n 
1 168 VAL n 
1 169 GLU n 
1 170 SER n 
1 171 ARG n 
1 172 ILE n 
1 173 GLY n 
1 174 LEU n 
1 175 ASP n 
1 176 THR n 
1 177 PHE n 
1 178 SER n 
1 179 ARG n 
1 180 GLU n 
1 181 VAL n 
1 182 GLU n 
1 183 GLU n 
1 184 LEU n 
1 185 VAL n 
1 186 GLU n 
1 187 CYS n 
1 188 PHE n 
# 
_entity_src_gen.entity_id                          1 
_entity_src_gen.pdbx_src_id                        1 
_entity_src_gen.pdbx_alt_source_flag               sample 
_entity_src_gen.pdbx_seq_type                      ? 
_entity_src_gen.pdbx_beg_seq_num                   ? 
_entity_src_gen.pdbx_end_seq_num                   ? 
_entity_src_gen.gene_src_common_name               ? 
_entity_src_gen.gene_src_genus                     Aeropyrum 
_entity_src_gen.pdbx_gene_src_gene                 ? 
_entity_src_gen.gene_src_species                   ? 
_entity_src_gen.gene_src_strain                    ? 
_entity_src_gen.gene_src_tissue                    ? 
_entity_src_gen.gene_src_tissue_fraction           ? 
_entity_src_gen.gene_src_details                   ? 
_entity_src_gen.pdbx_gene_src_fragment             ? 
_entity_src_gen.pdbx_gene_src_scientific_name      'Aeropyrum pernix' 
_entity_src_gen.pdbx_gene_src_ncbi_taxonomy_id     56636 
_entity_src_gen.pdbx_gene_src_variant              ? 
_entity_src_gen.pdbx_gene_src_cell_line            ? 
_entity_src_gen.pdbx_gene_src_atcc                 ? 
_entity_src_gen.pdbx_gene_src_organ                ? 
_entity_src_gen.pdbx_gene_src_organelle            ? 
_entity_src_gen.pdbx_gene_src_cell                 ? 
_entity_src_gen.pdbx_gene_src_cellular_location    ? 
_entity_src_gen.host_org_common_name               ? 
_entity_src_gen.pdbx_host_org_scientific_name      'Escherichia coli' 
_entity_src_gen.pdbx_host_org_ncbi_taxonomy_id     562 
_entity_src_gen.host_org_genus                     Escherichia 
_entity_src_gen.pdbx_host_org_gene                 ? 
_entity_src_gen.pdbx_host_org_organ                ? 
_entity_src_gen.host_org_species                   ? 
_entity_src_gen.pdbx_host_org_tissue               ? 
_entity_src_gen.pdbx_host_org_tissue_fraction      ? 
_entity_src_gen.pdbx_host_org_strain               '21-CodonPlus (DE3)-RIL' 
_entity_src_gen.pdbx_host_org_variant              ? 
_entity_src_gen.pdbx_host_org_cell_line            ? 
_entity_src_gen.pdbx_host_org_atcc                 ? 
_entity_src_gen.pdbx_host_org_culture_collection   ? 
_entity_src_gen.pdbx_host_org_cell                 ? 
_entity_src_gen.pdbx_host_org_organelle            ? 
_entity_src_gen.pdbx_host_org_cellular_location    ? 
_entity_src_gen.pdbx_host_org_vector_type          plasmid 
_entity_src_gen.pdbx_host_org_vector               ? 
_entity_src_gen.host_org_details                   ? 
_entity_src_gen.expression_system_id               ? 
_entity_src_gen.plasmid_name                       pET11a 
_entity_src_gen.plasmid_details                    ? 
_entity_src_gen.pdbx_description                   ? 
# 
loop_
_chem_comp.id 
_chem_comp.type 
_chem_comp.mon_nstd_flag 
_chem_comp.name 
_chem_comp.pdbx_synonyms 
_chem_comp.formula 
_chem_comp.formula_weight 
ALA 'L-peptide linking' y ALANINE         ? 'C3 H7 N O2'     89.093  
ARG 'L-peptide linking' y ARGININE        ? 'C6 H15 N4 O2 1' 175.209 
ASN 'L-peptide linking' y ASPARAGINE      ? 'C4 H8 N2 O3'    132.118 
ASP 'L-peptide linking' y 'ASPARTIC ACID' ? 'C4 H7 N O4'     133.103 
CYS 'L-peptide linking' y CYSTEINE        ? 'C3 H7 N O2 S'   121.158 
GLN 'L-peptide linking' y GLUTAMINE       ? 'C5 H10 N2 O3'   146.144 
GLU 'L-peptide linking' y 'GLUTAMIC ACID' ? 'C5 H9 N O4'     147.129 
GLY 'peptide linking'   y GLYCINE         ? 'C2 H5 N O2'     75.067  
HIS 'L-peptide linking' y HISTIDINE       ? 'C6 H10 N3 O2 1' 156.162 
HOH non-polymer         . WATER           ? 'H2 O'           18.015  
ILE 'L-peptide linking' y ISOLEUCINE      ? 'C6 H13 N O2'    131.173 
LEU 'L-peptide linking' y LEUCINE         ? 'C6 H13 N O2'    131.173 
LYS 'L-peptide linking' y LYSINE          ? 'C6 H15 N2 O2 1' 147.195 
MET 'L-peptide linking' y METHIONINE      ? 'C5 H11 N O2 S'  149.211 
PHE 'L-peptide linking' y PHENYLALANINE   ? 'C9 H11 N O2'    165.189 
PRO 'L-peptide linking' y PROLINE         ? 'C5 H9 N O2'     115.130 
SER 'L-peptide linking' y SERINE          ? 'C3 H7 N O3'     105.093 
THR 'L-peptide linking' y THREONINE       ? 'C4 H9 N O3'     119.119 
TRP 'L-peptide linking' y TRYPTOPHAN      ? 'C11 H12 N2 O2'  204.225 
TYR 'L-peptide linking' y TYROSINE        ? 'C9 H11 N O3'    181.189 
VAL 'L-peptide linking' y VALINE          ? 'C5 H11 N O2'    117.146 
# 
loop_
_pdbx_poly_seq_scheme.asym_id 
_pdbx_poly_seq_scheme.entity_id 
_pdbx_poly_seq_scheme.seq_id 
_pdbx_poly_seq_scheme.mon_id 
_pdbx_poly_seq_scheme.ndb_seq_num 
_pdbx_poly_seq_scheme.pdb_seq_num 
_pdbx_poly_seq_scheme.auth_seq_num 
_pdbx_poly_seq_scheme.pdb_mon_id 
_pdbx_poly_seq_scheme.auth_mon_id 
_pdbx_poly_seq_scheme.pdb_strand_id 
_pdbx_poly_seq_scheme.pdb_ins_code 
_pdbx_poly_seq_scheme.hetero 
A 1 1   MET 1   1   ?   ?   ?   A . n 
A 1 2   GLY 2   2   ?   ?   ?   A . n 
A 1 3   SER 3   3   ?   ?   ?   A . n 
A 1 4   ILE 4   4   ?   ?   ?   A . n 
A 1 5   GLU 5   5   ?   ?   ?   A . n 
A 1 6   GLU 6   6   ?   ?   ?   A . n 
A 1 7   VAL 7   7   ?   ?   ?   A . n 
A 1 8   LEU 8   8   ?   ?   ?   A . n 
A 1 9   LEU 9   9   ?   ?   ?   A . n 
A 1 10  GLU 10  10  ?   ?   ?   A . n 
A 1 11  GLU 11  11  ?   ?   ?   A . n 
A 1 12  ARG 12  12  ?   ?   ?   A . n 
A 1 13  LEU 13  13  ?   ?   ?   A . n 
A 1 14  ILE 14  14  ?   ?   ?   A . n 
A 1 15  GLY 15  15  ?   ?   ?   A . n 
A 1 16  TYR 16  16  ?   ?   ?   A . n 
A 1 17  LEU 17  17  ?   ?   ?   A . n 
A 1 18  ASP 18  18  18  ASP ASP A . n 
A 1 19  PRO 19  19  19  PRO PRO A . n 
A 1 20  GLY 20  20  20  GLY GLY A . n 
A 1 21  ALA 21  21  21  ALA ALA A . n 
A 1 22  GLU 22  22  22  GLU GLU A . n 
A 1 23  LYS 23  23  23  LYS LYS A . n 
A 1 24  VAL 24  24  24  VAL VAL A . n 
A 1 25  LEU 25  25  25  LEU LEU A . n 
A 1 26  ALA 26  26  26  ALA ALA A . n 
A 1 27  ARG 27  27  27  ARG ARG A . n 
A 1 28  ILE 28  28  28  ILE ILE A . n 
A 1 29  ASN 29  29  29  ASN ASN A . n 
A 1 30  ARG 30  30  30  ARG ARG A . n 
A 1 31  PRO 31  31  31  PRO PRO A . n 
A 1 32  SER 32  32  32  SER SER A . n 
A 1 33  LYS 33  33  33  LYS LYS A . n 
A 1 34  ILE 34  34  34  ILE ILE A . n 
A 1 35  VAL 35  35  35  VAL VAL A . n 
A 1 36  SER 36  36  36  SER SER A . n 
A 1 37  THR 37  37  37  THR THR A . n 
A 1 38  SER 38  38  38  SER SER A . n 
A 1 39  SER 39  39  39  SER SER A . n 
A 1 40  CYS 40  40  40  CYS CYS A . n 
A 1 41  THR 41  41  41  THR THR A . n 
A 1 42  GLY 42  42  42  GLY GLY A . n 
A 1 43  ARG 43  43  43  ARG ARG A . n 
A 1 44  ILE 44  44  44  ILE ILE A . n 
A 1 45  THR 45  45  45  THR THR A . n 
A 1 46  LEU 46  46  46  LEU LEU A . n 
A 1 47  ILE 47  47  47  ILE ILE A . n 
A 1 48  GLU 48  48  48  GLU GLU A . n 
A 1 49  GLY 49  49  49  GLY GLY A . n 
A 1 50  GLU 50  50  50  GLU GLU A . n 
A 1 51  ALA 51  51  51  ALA ALA A . n 
A 1 52  HIS 52  52  52  HIS HIS A . n 
A 1 53  TRP 53  53  53  TRP TRP A . n 
A 1 54  LEU 54  54  54  LEU LEU A . n 
A 1 55  ARG 55  55  ?   ?   ?   A . n 
A 1 56  ASN 56  56  ?   ?   ?   A . n 
A 1 57  GLY 57  57  ?   ?   ?   A . n 
A 1 58  ALA 58  58  ?   ?   ?   A . n 
A 1 59  ARG 59  59  59  ARG ARG A . n 
A 1 60  VAL 60  60  60  VAL VAL A . n 
A 1 61  ALA 61  61  61  ALA ALA A . n 
A 1 62  TYR 62  62  62  TYR TYR A . n 
A 1 63  LYS 63  63  63  LYS LYS A . n 
A 1 64  THR 64  64  64  THR THR A . n 
A 1 65  HIS 65  65  65  HIS HIS A . n 
A 1 66  HIS 66  66  66  HIS HIS A . n 
A 1 67  PRO 67  67  67  PRO PRO A . n 
A 1 68  ILE 68  68  68  ILE ILE A . n 
A 1 69  SER 69  69  69  SER SER A . n 
A 1 70  ARG 70  70  70  ARG ARG A . n 
A 1 71  SER 71  71  71  SER SER A . n 
A 1 72  GLU 72  72  72  GLU GLU A . n 
A 1 73  VAL 73  73  73  VAL VAL A . n 
A 1 74  GLU 74  74  74  GLU GLU A . n 
A 1 75  ARG 75  75  75  ARG ARG A . n 
A 1 76  VAL 76  76  76  VAL VAL A . n 
A 1 77  LEU 77  77  77  LEU LEU A . n 
A 1 78  ARG 78  78  78  ARG ARG A . n 
A 1 79  ARG 79  79  79  ARG ARG A . n 
A 1 80  GLY 80  80  80  GLY GLY A . n 
A 1 81  PHE 81  81  81  PHE PHE A . n 
A 1 82  THR 82  82  82  THR THR A . n 
A 1 83  ASN 83  83  83  ASN ASN A . n 
A 1 84  LEU 84  84  84  LEU LEU A . n 
A 1 85  TRP 85  85  85  TRP TRP A . n 
A 1 86  LEU 86  86  86  LEU LEU A . n 
A 1 87  LYS 87  87  87  LYS LYS A . n 
A 1 88  VAL 88  88  88  VAL VAL A . n 
A 1 89  THR 89  89  89  THR THR A . n 
A 1 90  GLY 90  90  90  GLY GLY A . n 
A 1 91  PRO 91  91  91  PRO PRO A . n 
A 1 92  ILE 92  92  92  ILE ILE A . n 
A 1 93  LEU 93  93  93  LEU LEU A . n 
A 1 94  HIS 94  94  94  HIS HIS A . n 
A 1 95  LEU 95  95  95  LEU LEU A . n 
A 1 96  ARG 96  96  96  ARG ARG A . n 
A 1 97  VAL 97  97  97  VAL VAL A . n 
A 1 98  GLU 98  98  98  GLU GLU A . n 
A 1 99  GLY 99  99  99  GLY GLY A . n 
A 1 100 TRP 100 100 100 TRP TRP A . n 
A 1 101 GLN 101 101 101 GLN GLN A . n 
A 1 102 CYS 102 102 102 CYS CYS A . n 
A 1 103 ALA 103 103 103 ALA ALA A . n 
A 1 104 LYS 104 104 104 LYS LYS A . n 
A 1 105 SER 105 105 105 SER SER A . n 
A 1 106 LEU 106 106 106 LEU LEU A . n 
A 1 107 LEU 107 107 107 LEU LEU A . n 
A 1 108 GLU 108 108 108 GLU GLU A . n 
A 1 109 ALA 109 109 109 ALA ALA A . n 
A 1 110 ALA 110 110 110 ALA ALA A . n 
A 1 111 ARG 111 111 111 ARG ARG A . n 
A 1 112 ARG 112 112 112 ARG ARG A . n 
A 1 113 ASN 113 113 113 ASN ASN A . n 
A 1 114 GLY 114 114 114 GLY GLY A . n 
A 1 115 PHE 115 115 115 PHE PHE A . n 
A 1 116 LYS 116 116 116 LYS LYS A . n 
A 1 117 HIS 117 117 117 HIS HIS A . n 
A 1 118 SER 118 118 118 SER SER A . n 
A 1 119 GLY 119 119 119 GLY GLY A . n 
A 1 120 VAL 120 120 120 VAL VAL A . n 
A 1 121 ILE 121 121 121 ILE ILE A . n 
A 1 122 SER 122 122 122 SER SER A . n 
A 1 123 ILE 123 123 123 ILE ILE A . n 
A 1 124 ALA 124 124 124 ALA ALA A . n 
A 1 125 GLU 125 125 125 GLU GLU A . n 
A 1 126 ASP 126 126 126 ASP ASP A . n 
A 1 127 SER 127 127 127 SER SER A . n 
A 1 128 ARG 128 128 128 ARG ARG A . n 
A 1 129 LEU 129 129 129 LEU LEU A . n 
A 1 130 VAL 130 130 130 VAL VAL A . n 
A 1 131 ILE 131 131 131 ILE ILE A . n 
A 1 132 GLU 132 132 132 GLU GLU A . n 
A 1 133 ILE 133 133 133 ILE ILE A . n 
A 1 134 MET 134 134 134 MET MET A . n 
A 1 135 SER 135 135 135 SER SER A . n 
A 1 136 SER 136 136 136 SER SER A . n 
A 1 137 GLN 137 137 137 GLN GLN A . n 
A 1 138 SER 138 138 138 SER SER A . n 
A 1 139 MET 139 139 139 MET MET A . n 
A 1 140 SER 140 140 140 SER SER A . n 
A 1 141 VAL 141 141 141 VAL VAL A . n 
A 1 142 PRO 142 142 142 PRO PRO A . n 
A 1 143 LEU 143 143 143 LEU LEU A . n 
A 1 144 VAL 144 144 144 VAL VAL A . n 
A 1 145 MET 145 145 145 MET MET A . n 
A 1 146 GLU 146 146 146 GLU GLU A . n 
A 1 147 GLY 147 147 147 GLY GLY A . n 
A 1 148 ALA 148 148 148 ALA ALA A . n 
A 1 149 ARG 149 149 149 ARG ARG A . n 
A 1 150 ILE 150 150 150 ILE ILE A . n 
A 1 151 VAL 151 151 151 VAL VAL A . n 
A 1 152 GLY 152 152 152 GLY GLY A . n 
A 1 153 ASP 153 153 153 ASP ASP A . n 
A 1 154 ASP 154 154 154 ASP ASP A . n 
A 1 155 ALA 155 155 155 ALA ALA A . n 
A 1 156 LEU 156 156 156 LEU LEU A . n 
A 1 157 ASP 157 157 157 ASP ASP A . n 
A 1 158 MET 158 158 158 MET MET A . n 
A 1 159 LEU 159 159 159 LEU LEU A . n 
A 1 160 ILE 160 160 160 ILE ILE A . n 
A 1 161 GLU 161 161 161 GLU GLU A . n 
A 1 162 LYS 162 162 162 LYS LYS A . n 
A 1 163 ALA 163 163 163 ALA ALA A . n 
A 1 164 ASN 164 164 164 ASN ASN A . n 
A 1 165 THR 165 165 165 THR THR A . n 
A 1 166 ILE 166 166 166 ILE ILE A . n 
A 1 167 LEU 167 167 167 LEU LEU A . n 
A 1 168 VAL 168 168 168 VAL VAL A . n 
A 1 169 GLU 169 169 169 GLU GLU A . n 
A 1 170 SER 170 170 170 SER SER A . n 
A 1 171 ARG 171 171 171 ARG ARG A . n 
A 1 172 ILE 172 172 172 ILE ILE A . n 
A 1 173 GLY 173 173 173 GLY GLY A . n 
A 1 174 LEU 174 174 174 LEU LEU A . n 
A 1 175 ASP 175 175 175 ASP ASP A . n 
A 1 176 THR 176 176 176 THR THR A . n 
A 1 177 PHE 177 177 177 PHE PHE A . n 
A 1 178 SER 178 178 178 SER SER A . n 
A 1 179 ARG 179 179 179 ARG ARG A . n 
A 1 180 GLU 180 180 180 GLU GLU A . n 
A 1 181 VAL 181 181 181 VAL VAL A . n 
A 1 182 GLU 182 182 182 GLU GLU A . n 
A 1 183 GLU 183 183 183 GLU GLU A . n 
A 1 184 LEU 184 184 184 LEU LEU A . n 
A 1 185 VAL 185 185 185 VAL VAL A . n 
A 1 186 GLU 186 186 186 GLU GLU A . n 
A 1 187 CYS 187 187 187 CYS CYS A . n 
A 1 188 PHE 188 188 ?   ?   ?   A . n 
# 
loop_
_pdbx_nonpoly_scheme.asym_id 
_pdbx_nonpoly_scheme.entity_id 
_pdbx_nonpoly_scheme.mon_id 
_pdbx_nonpoly_scheme.ndb_seq_num 
_pdbx_nonpoly_scheme.pdb_seq_num 
_pdbx_nonpoly_scheme.auth_seq_num 
_pdbx_nonpoly_scheme.pdb_mon_id 
_pdbx_nonpoly_scheme.auth_mon_id 
_pdbx_nonpoly_scheme.pdb_strand_id 
_pdbx_nonpoly_scheme.pdb_ins_code 
B 2 HOH 1   189 1   HOH HOH A . 
B 2 HOH 2   190 2   HOH HOH A . 
B 2 HOH 3   191 3   HOH HOH A . 
B 2 HOH 4   192 4   HOH HOH A . 
B 2 HOH 5   193 5   HOH HOH A . 
B 2 HOH 6   194 6   HOH HOH A . 
B 2 HOH 7   195 7   HOH HOH A . 
B 2 HOH 8   196 8   HOH HOH A . 
B 2 HOH 9   197 9   HOH HOH A . 
B 2 HOH 10  198 10  HOH HOH A . 
B 2 HOH 11  199 11  HOH HOH A . 
B 2 HOH 12  200 12  HOH HOH A . 
B 2 HOH 13  201 13  HOH HOH A . 
B 2 HOH 14  202 14  HOH HOH A . 
B 2 HOH 15  203 15  HOH HOH A . 
B 2 HOH 16  204 16  HOH HOH A . 
B 2 HOH 17  205 17  HOH HOH A . 
B 2 HOH 18  206 18  HOH HOH A . 
B 2 HOH 19  207 19  HOH HOH A . 
B 2 HOH 20  208 20  HOH HOH A . 
B 2 HOH 21  209 21  HOH HOH A . 
B 2 HOH 22  210 22  HOH HOH A . 
B 2 HOH 23  211 23  HOH HOH A . 
B 2 HOH 24  212 24  HOH HOH A . 
B 2 HOH 25  213 25  HOH HOH A . 
B 2 HOH 26  214 26  HOH HOH A . 
B 2 HOH 27  215 27  HOH HOH A . 
B 2 HOH 28  216 28  HOH HOH A . 
B 2 HOH 29  217 29  HOH HOH A . 
B 2 HOH 30  218 30  HOH HOH A . 
B 2 HOH 31  219 31  HOH HOH A . 
B 2 HOH 32  220 32  HOH HOH A . 
B 2 HOH 33  221 33  HOH HOH A . 
B 2 HOH 34  222 34  HOH HOH A . 
B 2 HOH 35  223 35  HOH HOH A . 
B 2 HOH 36  224 36  HOH HOH A . 
B 2 HOH 37  225 37  HOH HOH A . 
B 2 HOH 38  226 38  HOH HOH A . 
B 2 HOH 39  227 39  HOH HOH A . 
B 2 HOH 40  228 40  HOH HOH A . 
B 2 HOH 41  229 41  HOH HOH A . 
B 2 HOH 42  230 42  HOH HOH A . 
B 2 HOH 43  231 43  HOH HOH A . 
B 2 HOH 44  232 44  HOH HOH A . 
B 2 HOH 45  233 45  HOH HOH A . 
B 2 HOH 46  234 46  HOH HOH A . 
B 2 HOH 47  235 47  HOH HOH A . 
B 2 HOH 48  236 48  HOH HOH A . 
B 2 HOH 49  237 49  HOH HOH A . 
B 2 HOH 50  238 50  HOH HOH A . 
B 2 HOH 51  239 51  HOH HOH A . 
B 2 HOH 52  240 52  HOH HOH A . 
B 2 HOH 53  241 53  HOH HOH A . 
B 2 HOH 54  242 54  HOH HOH A . 
B 2 HOH 55  243 55  HOH HOH A . 
B 2 HOH 56  244 56  HOH HOH A . 
B 2 HOH 57  245 57  HOH HOH A . 
B 2 HOH 58  246 58  HOH HOH A . 
B 2 HOH 59  247 59  HOH HOH A . 
B 2 HOH 60  248 60  HOH HOH A . 
B 2 HOH 61  249 61  HOH HOH A . 
B 2 HOH 62  250 62  HOH HOH A . 
B 2 HOH 63  251 63  HOH HOH A . 
B 2 HOH 64  252 64  HOH HOH A . 
B 2 HOH 65  253 65  HOH HOH A . 
B 2 HOH 66  254 66  HOH HOH A . 
B 2 HOH 67  255 67  HOH HOH A . 
B 2 HOH 68  256 68  HOH HOH A . 
B 2 HOH 69  257 69  HOH HOH A . 
B 2 HOH 70  258 70  HOH HOH A . 
B 2 HOH 71  259 71  HOH HOH A . 
B 2 HOH 72  260 72  HOH HOH A . 
B 2 HOH 73  261 73  HOH HOH A . 
B 2 HOH 74  262 74  HOH HOH A . 
B 2 HOH 75  263 75  HOH HOH A . 
B 2 HOH 76  264 76  HOH HOH A . 
B 2 HOH 77  265 77  HOH HOH A . 
B 2 HOH 78  266 78  HOH HOH A . 
B 2 HOH 79  267 79  HOH HOH A . 
B 2 HOH 80  268 80  HOH HOH A . 
B 2 HOH 81  269 81  HOH HOH A . 
B 2 HOH 82  270 82  HOH HOH A . 
B 2 HOH 83  271 83  HOH HOH A . 
B 2 HOH 84  272 84  HOH HOH A . 
B 2 HOH 85  273 85  HOH HOH A . 
B 2 HOH 86  274 86  HOH HOH A . 
B 2 HOH 87  275 87  HOH HOH A . 
B 2 HOH 88  276 88  HOH HOH A . 
B 2 HOH 89  277 89  HOH HOH A . 
B 2 HOH 90  278 90  HOH HOH A . 
B 2 HOH 91  279 91  HOH HOH A . 
B 2 HOH 92  280 92  HOH HOH A . 
B 2 HOH 93  281 93  HOH HOH A . 
B 2 HOH 94  282 94  HOH HOH A . 
B 2 HOH 95  283 95  HOH HOH A . 
B 2 HOH 96  284 96  HOH HOH A . 
B 2 HOH 97  285 97  HOH HOH A . 
B 2 HOH 98  286 98  HOH HOH A . 
B 2 HOH 99  287 99  HOH HOH A . 
B 2 HOH 100 288 100 HOH HOH A . 
B 2 HOH 101 289 101 HOH HOH A . 
B 2 HOH 102 290 102 HOH HOH A . 
B 2 HOH 103 291 103 HOH HOH A . 
B 2 HOH 104 292 104 HOH HOH A . 
B 2 HOH 105 293 105 HOH HOH A . 
B 2 HOH 106 294 106 HOH HOH A . 
B 2 HOH 107 295 107 HOH HOH A . 
B 2 HOH 108 296 108 HOH HOH A . 
B 2 HOH 109 297 109 HOH HOH A . 
B 2 HOH 110 298 110 HOH HOH A . 
B 2 HOH 111 299 111 HOH HOH A . 
B 2 HOH 112 300 112 HOH HOH A . 
B 2 HOH 113 301 113 HOH HOH A . 
B 2 HOH 114 302 114 HOH HOH A . 
B 2 HOH 115 303 115 HOH HOH A . 
B 2 HOH 116 304 116 HOH HOH A . 
B 2 HOH 117 305 117 HOH HOH A . 
B 2 HOH 118 306 118 HOH HOH A . 
B 2 HOH 119 307 119 HOH HOH A . 
B 2 HOH 120 308 120 HOH HOH A . 
B 2 HOH 121 309 121 HOH HOH A . 
B 2 HOH 122 310 122 HOH HOH A . 
B 2 HOH 123 311 123 HOH HOH A . 
B 2 HOH 124 312 124 HOH HOH A . 
B 2 HOH 125 313 125 HOH HOH A . 
B 2 HOH 126 314 126 HOH HOH A . 
B 2 HOH 127 315 127 HOH HOH A . 
B 2 HOH 128 316 128 HOH HOH A . 
B 2 HOH 129 317 129 HOH HOH A . 
B 2 HOH 130 318 130 HOH HOH A . 
B 2 HOH 131 319 131 HOH HOH A . 
B 2 HOH 132 320 132 HOH HOH A . 
B 2 HOH 133 321 133 HOH HOH A . 
B 2 HOH 134 322 134 HOH HOH A . 
B 2 HOH 135 323 135 HOH HOH A . 
B 2 HOH 136 324 136 HOH HOH A . 
B 2 HOH 137 325 137 HOH HOH A . 
B 2 HOH 138 326 138 HOH HOH A . 
B 2 HOH 139 327 139 HOH HOH A . 
B 2 HOH 140 328 140 HOH HOH A . 
B 2 HOH 141 329 141 HOH HOH A . 
B 2 HOH 142 330 142 HOH HOH A . 
B 2 HOH 143 331 143 HOH HOH A . 
B 2 HOH 144 332 144 HOH HOH A . 
B 2 HOH 145 333 145 HOH HOH A . 
B 2 HOH 146 334 146 HOH HOH A . 
B 2 HOH 147 335 147 HOH HOH A . 
B 2 HOH 148 336 148 HOH HOH A . 
B 2 HOH 149 337 149 HOH HOH A . 
B 2 HOH 150 338 150 HOH HOH A . 
B 2 HOH 151 339 151 HOH HOH A . 
B 2 HOH 152 340 152 HOH HOH A . 
B 2 HOH 153 341 153 HOH HOH A . 
B 2 HOH 154 342 154 HOH HOH A . 
B 2 HOH 155 343 155 HOH HOH A . 
B 2 HOH 156 344 156 HOH HOH A . 
B 2 HOH 157 345 157 HOH HOH A . 
B 2 HOH 158 346 158 HOH HOH A . 
B 2 HOH 159 347 159 HOH HOH A . 
B 2 HOH 160 348 160 HOH HOH A . 
B 2 HOH 161 349 161 HOH HOH A . 
B 2 HOH 162 350 162 HOH HOH A . 
B 2 HOH 163 351 163 HOH HOH A . 
B 2 HOH 164 352 164 HOH HOH A . 
B 2 HOH 165 353 165 HOH HOH A . 
B 2 HOH 166 354 166 HOH HOH A . 
B 2 HOH 167 355 167 HOH HOH A . 
B 2 HOH 168 356 168 HOH HOH A . 
B 2 HOH 169 357 169 HOH HOH A . 
B 2 HOH 170 358 170 HOH HOH A . 
B 2 HOH 171 359 171 HOH HOH A . 
B 2 HOH 172 360 172 HOH HOH A . 
B 2 HOH 173 361 173 HOH HOH A . 
B 2 HOH 174 362 174 HOH HOH A . 
B 2 HOH 175 363 175 HOH HOH A . 
B 2 HOH 176 364 176 HOH HOH A . 
B 2 HOH 177 365 177 HOH HOH A . 
B 2 HOH 178 366 178 HOH HOH A . 
B 2 HOH 179 367 179 HOH HOH A . 
B 2 HOH 180 368 180 HOH HOH A . 
B 2 HOH 181 369 181 HOH HOH A . 
B 2 HOH 182 370 182 HOH HOH A . 
B 2 HOH 183 371 183 HOH HOH A . 
B 2 HOH 184 372 184 HOH HOH A . 
B 2 HOH 185 373 185 HOH HOH A . 
B 2 HOH 186 374 186 HOH HOH A . 
B 2 HOH 187 375 187 HOH HOH A . 
B 2 HOH 188 376 188 HOH HOH A . 
B 2 HOH 189 377 189 HOH HOH A . 
B 2 HOH 190 378 190 HOH HOH A . 
B 2 HOH 191 379 191 HOH HOH A . 
B 2 HOH 192 380 192 HOH HOH A . 
B 2 HOH 193 381 193 HOH HOH A . 
B 2 HOH 194 382 194 HOH HOH A . 
B 2 HOH 195 383 195 HOH HOH A . 
B 2 HOH 196 384 196 HOH HOH A . 
B 2 HOH 197 385 197 HOH HOH A . 
B 2 HOH 198 386 198 HOH HOH A . 
B 2 HOH 199 387 199 HOH HOH A . 
B 2 HOH 200 388 200 HOH HOH A . 
# 
loop_
_software.name 
_software.classification 
_software.version 
_software.citation_id 
_software.pdbx_ordinal 
CNS       refinement       1.1 ? 1 
HKL-2000  'data reduction' .   ? 2 
SCALEPACK 'data scaling'   .   ? 3 
SOLVE     phasing          .   ? 4 
# 
_cell.entry_id           2DVK 
_cell.length_a           55.870 
_cell.length_b           70.232 
_cell.length_c           91.579 
_cell.angle_alpha        90.00 
_cell.angle_beta         90.00 
_cell.angle_gamma        90.00 
_cell.Z_PDB              8 
_cell.pdbx_unique_axis   ? 
_cell.length_a_esd       ? 
_cell.length_b_esd       ? 
_cell.length_c_esd       ? 
_cell.angle_alpha_esd    ? 
_cell.angle_beta_esd     ? 
_cell.angle_gamma_esd    ? 
# 
_symmetry.entry_id                         2DVK 
_symmetry.space_group_name_H-M             'C 2 2 21' 
_symmetry.pdbx_full_space_group_name_H-M   ? 
_symmetry.cell_setting                     ? 
_symmetry.Int_Tables_number                20 
_symmetry.space_group_name_Hall            ? 
# 
_exptl.entry_id          2DVK 
_exptl.method            'X-RAY DIFFRACTION' 
_exptl.crystals_number   2 
# 
_exptl_crystal.id                    1 
_exptl_crystal.density_meas          ? 
_exptl_crystal.density_Matthews      2.14 
_exptl_crystal.density_percent_sol   42.42 
_exptl_crystal.description           ? 
_exptl_crystal.F_000                 ? 
_exptl_crystal.preparation           ? 
# 
_exptl_crystal_grow.crystal_id      1 
_exptl_crystal_grow.method          MICROBATCH 
_exptl_crystal_grow.temp            295 
_exptl_crystal_grow.temp_details    ? 
_exptl_crystal_grow.pH              7.5 
_exptl_crystal_grow.pdbx_details    'HEPES, PEG, pH 7.5, microbatch, temperature 295K' 
_exptl_crystal_grow.pdbx_pH_range   . 
# 
loop_
_diffrn.id 
_diffrn.ambient_temp 
_diffrn.ambient_temp_details 
_diffrn.crystal_id 
1   100.0 ? 1 
2   ?     ? 1 
1,2 ?     ? 1 
# 
loop_
_diffrn_detector.diffrn_id 
_diffrn_detector.detector 
_diffrn_detector.type 
_diffrn_detector.pdbx_collection_date 
_diffrn_detector.details 
1 'IMAGE PLATE' RIGAKU 2006-07-11 'RH coated bend cylindrical mirror' 
2 'IMAGE PLATE' RIGAKU 2006-07-11 ?                                   
# 
loop_
_diffrn_radiation.diffrn_id 
_diffrn_radiation.wavelength_id 
_diffrn_radiation.pdbx_monochromatic_or_laue_m_l 
_diffrn_radiation.monochromator 
_diffrn_radiation.pdbx_diffrn_protocol 
_diffrn_radiation.pdbx_scattering_type 
1 1 M GRAPHITE 'SINGLE WAVELENGTH' x-ray 
2 1 M GRAPHITE MAD                 x-ray 
# 
loop_
_diffrn_radiation_wavelength.id 
_diffrn_radiation_wavelength.wavelength 
_diffrn_radiation_wavelength.wt 
1 1.0      1.0 
2 0.919573 1.0 
3 0.919884 1.0 
# 
loop_
_diffrn_source.diffrn_id 
_diffrn_source.source 
_diffrn_source.type 
_diffrn_source.pdbx_synchrotron_site 
_diffrn_source.pdbx_synchrotron_beamline 
_diffrn_source.pdbx_wavelength 
_diffrn_source.pdbx_wavelength_list 
1 SYNCHROTRON 'SPRING-8 BEAMLINE BL26B1' SPring-8 BL26B1 ? 1.0                       
2 SYNCHROTRON 'SPRING-8 BEAMLINE BL26B1' SPring-8 BL26B1 ? '0.919573, 0.919884, 1.0' 
# 
_reflns.entry_id                     2DVK 
_reflns.observed_criterion_sigma_I   0.0 
_reflns.observed_criterion_sigma_F   0.0 
_reflns.d_resolution_low             40.0 
_reflns.d_resolution_high            1.80 
_reflns.number_obs                   16254 
_reflns.number_all                   16342 
_reflns.percent_possible_obs         97.0 
_reflns.pdbx_Rmerge_I_obs            0.066 
_reflns.pdbx_Rsym_value              ? 
_reflns.pdbx_netI_over_sigmaI        16.2 
_reflns.B_iso_Wilson_estimate        13.8 
_reflns.pdbx_redundancy              6.3 
_reflns.R_free_details               ? 
_reflns.limit_h_max                  ? 
_reflns.limit_h_min                  ? 
_reflns.limit_k_max                  ? 
_reflns.limit_k_min                  ? 
_reflns.limit_l_max                  ? 
_reflns.limit_l_min                  ? 
_reflns.observed_criterion_F_max     ? 
_reflns.observed_criterion_F_min     ? 
_reflns.pdbx_chi_squared             ? 
_reflns.pdbx_scaling_rejects         ? 
_reflns.pdbx_ordinal                 1 
_reflns.pdbx_diffrn_id               1,2 
# 
_reflns_shell.d_res_high             1.80 
_reflns_shell.d_res_low              1.86 
_reflns_shell.percent_possible_all   97.0 
_reflns_shell.Rmerge_I_obs           ? 
_reflns_shell.pdbx_Rsym_value        ? 
_reflns_shell.meanI_over_sigI_obs    ? 
_reflns_shell.pdbx_redundancy        ? 
_reflns_shell.percent_possible_obs   ? 
_reflns_shell.number_unique_all      ? 
_reflns_shell.number_measured_all    ? 
_reflns_shell.number_measured_obs    ? 
_reflns_shell.number_unique_obs      ? 
_reflns_shell.pdbx_chi_squared       ? 
_reflns_shell.pdbx_ordinal           1 
_reflns_shell.pdbx_diffrn_id         1,2 
# 
_refine.entry_id                                 2DVK 
_refine.ls_number_reflns_obs                     16254 
_refine.ls_number_reflns_all                     16342 
_refine.pdbx_ls_sigma_I                          ? 
_refine.pdbx_ls_sigma_F                          0.0 
_refine.pdbx_data_cutoff_high_absF               1603995.15 
_refine.pdbx_data_cutoff_low_absF                0.000000 
_refine.pdbx_data_cutoff_high_rms_absF           ? 
_refine.ls_d_res_low                             39.46 
_refine.ls_d_res_high                            1.80 
_refine.ls_percent_reflns_obs                    95.6 
_refine.ls_R_factor_obs                          0.234 
_refine.ls_R_factor_all                          ? 
_refine.ls_R_factor_R_work                       0.234 
_refine.ls_R_factor_R_free                       0.249 
_refine.ls_R_factor_R_free_error                 0.009 
_refine.ls_R_factor_R_free_error_details         ? 
_refine.ls_percent_reflns_R_free                 4.9 
_refine.ls_number_reflns_R_free                  790 
_refine.ls_number_parameters                     ? 
_refine.ls_number_restraints                     ? 
_refine.occupancy_min                            ? 
_refine.occupancy_max                            ? 
_refine.correlation_coeff_Fo_to_Fc               ? 
_refine.correlation_coeff_Fo_to_Fc_free          ? 
_refine.B_iso_mean                               23.4 
_refine.aniso_B[1][1]                            -3.69 
_refine.aniso_B[2][2]                            1.50 
_refine.aniso_B[3][3]                            2.20 
_refine.aniso_B[1][2]                            0.00 
_refine.aniso_B[1][3]                            0.00 
_refine.aniso_B[2][3]                            0.00 
_refine.solvent_model_details                    'FLAT MODEL' 
_refine.solvent_model_param_ksol                 0.352144 
_refine.solvent_model_param_bsol                 52.5388 
_refine.pdbx_solvent_vdw_probe_radii             ? 
_refine.pdbx_solvent_ion_probe_radii             ? 
_refine.pdbx_solvent_shrinkage_radii             ? 
_refine.pdbx_ls_cross_valid_method               THROUGHOUT 
_refine.details                                  ? 
_refine.pdbx_starting_model                      ? 
_refine.pdbx_method_to_determine_struct          MAD 
_refine.pdbx_isotropic_thermal_model             RESTRAINED 
_refine.pdbx_stereochemistry_target_values       'Engh & Huber' 
_refine.pdbx_stereochem_target_val_spec_case     ? 
_refine.pdbx_R_Free_selection_details            RANDOM 
_refine.pdbx_overall_ESU_R                       ? 
_refine.pdbx_overall_ESU_R_Free                  ? 
_refine.overall_SU_ML                            ? 
_refine.overall_SU_B                             ? 
_refine.ls_redundancy_reflns_obs                 ? 
_refine.B_iso_min                                ? 
_refine.B_iso_max                                ? 
_refine.overall_SU_R_Cruickshank_DPI             ? 
_refine.overall_SU_R_free                        ? 
_refine.ls_wR_factor_R_free                      ? 
_refine.ls_wR_factor_R_work                      ? 
_refine.overall_FOM_free_R_set                   ? 
_refine.overall_FOM_work_R_set                   ? 
_refine.pdbx_refine_id                           'X-RAY DIFFRACTION' 
_refine.pdbx_diffrn_id                           1 
_refine.pdbx_TLS_residual_ADP_flag               ? 
_refine.pdbx_overall_phase_error                 ? 
_refine.pdbx_overall_SU_R_free_Cruickshank_DPI   ? 
_refine.pdbx_overall_SU_R_Blow_DPI               ? 
_refine.pdbx_overall_SU_R_free_Blow_DPI          ? 
# 
_refine_analyze.entry_id                        2DVK 
_refine_analyze.Luzzati_coordinate_error_obs    0.25 
_refine_analyze.Luzzati_sigma_a_obs             0.21 
_refine_analyze.Luzzati_d_res_low_obs           5.00 
_refine_analyze.Luzzati_coordinate_error_free   0.28 
_refine_analyze.Luzzati_sigma_a_free            0.20 
_refine_analyze.Luzzati_d_res_low_free          ? 
_refine_analyze.number_disordered_residues      ? 
_refine_analyze.occupancy_sum_hydrogen          ? 
_refine_analyze.occupancy_sum_non_hydrogen      ? 
_refine_analyze.pdbx_Luzzati_d_res_high_obs     ? 
_refine_analyze.pdbx_refine_id                  'X-RAY DIFFRACTION' 
# 
_refine_hist.pdbx_refine_id                   'X-RAY DIFFRACTION' 
_refine_hist.cycle_id                         LAST 
_refine_hist.pdbx_number_atoms_protein        1296 
_refine_hist.pdbx_number_atoms_nucleic_acid   0 
_refine_hist.pdbx_number_atoms_ligand         0 
_refine_hist.number_atoms_solvent             200 
_refine_hist.number_atoms_total               1496 
_refine_hist.d_res_high                       1.80 
_refine_hist.d_res_low                        39.46 
# 
loop_
_refine_ls_restr.type 
_refine_ls_restr.dev_ideal 
_refine_ls_restr.dev_ideal_target 
_refine_ls_restr.weight 
_refine_ls_restr.number 
_refine_ls_restr.pdbx_refine_id 
_refine_ls_restr.pdbx_restraint_function 
c_bond_d           0.009 ? ? ? 'X-RAY DIFFRACTION' ? 
c_angle_deg        1.4   ? ? ? 'X-RAY DIFFRACTION' ? 
c_dihedral_angle_d 22.6  ? ? ? 'X-RAY DIFFRACTION' ? 
c_improper_angle_d 0.83  ? ? ? 'X-RAY DIFFRACTION' ? 
# 
_refine_ls_shell.pdbx_total_number_of_bins_used   6 
_refine_ls_shell.d_res_high                       1.80 
_refine_ls_shell.d_res_low                        1.91 
_refine_ls_shell.number_reflns_R_work             2432 
_refine_ls_shell.R_factor_R_work                  0.331 
_refine_ls_shell.percent_reflns_obs               92.2 
_refine_ls_shell.R_factor_R_free                  0.36 
_refine_ls_shell.R_factor_R_free_error            0.033 
_refine_ls_shell.percent_reflns_R_free            4.8 
_refine_ls_shell.number_reflns_R_free             123 
_refine_ls_shell.number_reflns_all                ? 
_refine_ls_shell.R_factor_all                     ? 
_refine_ls_shell.number_reflns_obs                ? 
_refine_ls_shell.redundancy_reflns_obs            ? 
_refine_ls_shell.pdbx_refine_id                   'X-RAY DIFFRACTION' 
# 
loop_
_pdbx_xplor_file.serial_no 
_pdbx_xplor_file.param_file 
_pdbx_xplor_file.topol_file 
_pdbx_xplor_file.pdbx_refine_id 
1 protein_rep.param protein.top 'X-RAY DIFFRACTION' 
2 water_rep.param   water.top   'X-RAY DIFFRACTION' 
3 ion.param         ion.top     'X-RAY DIFFRACTION' 
# 
_struct.entry_id                  2DVK 
_struct.title                     'Crystal Structure of Hypothetical protein from Aeropyrum pernix' 
_struct.pdbx_model_details        ? 
_struct.pdbx_CASP_flag            ? 
_struct.pdbx_model_type_details   ? 
# 
_struct_keywords.entry_id        2DVK 
_struct_keywords.pdbx_keywords   'STRUCTURAL GENOMICS, UNKNOWN FUNCTION' 
_struct_keywords.text            
;Hypothetical protein, Structural Genomics, NPPSFA, National Project on Protein Structural and Functional Analyses, RIKEN Structural Genomics/Proteomics Initiative, RSGI, UNKNOWN FUNCTION
;
# 
loop_
_struct_asym.id 
_struct_asym.pdbx_blank_PDB_chainid_flag 
_struct_asym.pdbx_modified 
_struct_asym.entity_id 
_struct_asym.details 
A N N 1 ? 
B N N 2 ? 
# 
_struct_ref.id                         1 
_struct_ref.db_name                    UNP 
_struct_ref.db_code                    Y816_AERPE 
_struct_ref.pdbx_db_accession          Q9YDV3 
_struct_ref.entity_id                  1 
_struct_ref.pdbx_seq_one_letter_code   
;MGSIEEVLLEERLIGYLDPGAEKVLARINRPSKIVSTSSCTGRITLIEGEAHWLRNGARVAYKTHHPISRSEVERVLRRG
FTNLWLKVTGPILHLRVEGWQCAKSLLEAARRNGFKHSGVISIAEDSRLVIEIMSSQSMSVPLVMEGARIVGDDALDMLI
EKANTILVESRIGLDTFSREVEELVECF
;
_struct_ref.pdbx_align_begin           1 
_struct_ref.pdbx_db_isoform            ? 
# 
_struct_ref_seq.align_id                      1 
_struct_ref_seq.ref_id                        1 
_struct_ref_seq.pdbx_PDB_id_code              2DVK 
_struct_ref_seq.pdbx_strand_id                A 
_struct_ref_seq.seq_align_beg                 1 
_struct_ref_seq.pdbx_seq_align_beg_ins_code   ? 
_struct_ref_seq.seq_align_end                 188 
_struct_ref_seq.pdbx_seq_align_end_ins_code   ? 
_struct_ref_seq.pdbx_db_accession             Q9YDV3 
_struct_ref_seq.db_align_beg                  1 
_struct_ref_seq.pdbx_db_align_beg_ins_code    ? 
_struct_ref_seq.db_align_end                  188 
_struct_ref_seq.pdbx_db_align_end_ins_code    ? 
_struct_ref_seq.pdbx_auth_seq_align_beg       1 
_struct_ref_seq.pdbx_auth_seq_align_end       188 
# 
_pdbx_struct_assembly.id                   1 
_pdbx_struct_assembly.details              author_and_software_defined_assembly 
_pdbx_struct_assembly.method_details       PISA,PQS 
_pdbx_struct_assembly.oligomeric_details   dimeric 
_pdbx_struct_assembly.oligomeric_count     2 
# 
loop_
_pdbx_struct_assembly_prop.biol_id 
_pdbx_struct_assembly_prop.type 
_pdbx_struct_assembly_prop.value 
_pdbx_struct_assembly_prop.details 
1 'ABSA (A^2)' 2700  ? 
1 MORE         -22   ? 
1 'SSA (A^2)'  15330 ? 
# 
_pdbx_struct_assembly_gen.assembly_id       1 
_pdbx_struct_assembly_gen.oper_expression   1,2 
_pdbx_struct_assembly_gen.asym_id_list      A,B 
# 
loop_
_pdbx_struct_oper_list.id 
_pdbx_struct_oper_list.type 
_pdbx_struct_oper_list.name 
_pdbx_struct_oper_list.symmetry_operation 
_pdbx_struct_oper_list.matrix[1][1] 
_pdbx_struct_oper_list.matrix[1][2] 
_pdbx_struct_oper_list.matrix[1][3] 
_pdbx_struct_oper_list.vector[1] 
_pdbx_struct_oper_list.matrix[2][1] 
_pdbx_struct_oper_list.matrix[2][2] 
_pdbx_struct_oper_list.matrix[2][3] 
_pdbx_struct_oper_list.vector[2] 
_pdbx_struct_oper_list.matrix[3][1] 
_pdbx_struct_oper_list.matrix[3][2] 
_pdbx_struct_oper_list.matrix[3][3] 
_pdbx_struct_oper_list.vector[3] 
1 'identity operation'         1_555 x,y,z       1.0000000000  0.0000000000 0.0000000000 0.0000000000  0.0000000000 1.0000000000 0.0000000000 0.0000000000  0.0000000000 0.0000000000 1.0000000000  0.0000000000   
2 'crystal symmetry operation' 4_566 x,-y+1,-z+1 -0.6306252559 0.6949971762 0.3453848746 15.8395378929 0.6949971762 0.3076721750 0.6498590291 -2.8605218656 0.3453848746 0.6498590291 -0.6770469191 -11.1836705083 
# 
_struct_biol.id   1 
# 
loop_
_struct_conf.conf_type_id 
_struct_conf.id 
_struct_conf.pdbx_PDB_helix_id 
_struct_conf.beg_label_comp_id 
_struct_conf.beg_label_asym_id 
_struct_conf.beg_label_seq_id 
_struct_conf.pdbx_beg_PDB_ins_code 
_struct_conf.end_label_comp_id 
_struct_conf.end_label_asym_id 
_struct_conf.end_label_seq_id 
_struct_conf.pdbx_end_PDB_ins_code 
_struct_conf.beg_auth_comp_id 
_struct_conf.beg_auth_asym_id 
_struct_conf.beg_auth_seq_id 
_struct_conf.end_auth_comp_id 
_struct_conf.end_auth_asym_id 
_struct_conf.end_auth_seq_id 
_struct_conf.pdbx_PDB_helix_class 
_struct_conf.details 
_struct_conf.pdbx_PDB_helix_length 
HELX_P HELX_P1 1 ASP A 18  ? GLY A 20  ? ASP A 18  GLY A 20  5 ? 3  
HELX_P HELX_P2 2 ALA A 21  ? ARG A 30  ? ALA A 21  ARG A 30  1 ? 10 
HELX_P HELX_P3 3 SER A 69  ? ARG A 78  ? SER A 69  ARG A 78  1 ? 10 
HELX_P HELX_P4 4 GLY A 99  ? ASN A 113 ? GLY A 99  ASN A 113 1 ? 15 
HELX_P HELX_P5 5 GLY A 152 ? LEU A 184 ? GLY A 152 LEU A 184 1 ? 33 
# 
_struct_conf_type.id          HELX_P 
_struct_conf_type.criteria    ? 
_struct_conf_type.reference   ? 
# 
_struct_conn.id                            disulf1 
_struct_conn.conn_type_id                  disulf 
_struct_conn.pdbx_leaving_atom_flag        ? 
_struct_conn.pdbx_PDB_id                   ? 
_struct_conn.ptnr1_label_asym_id           A 
_struct_conn.ptnr1_label_comp_id           CYS 
_struct_conn.ptnr1_label_seq_id            102 
_struct_conn.ptnr1_label_atom_id           SG 
_struct_conn.pdbx_ptnr1_label_alt_id       ? 
_struct_conn.pdbx_ptnr1_PDB_ins_code       ? 
_struct_conn.pdbx_ptnr1_standard_comp_id   ? 
_struct_conn.ptnr1_symmetry                1_555 
_struct_conn.ptnr2_label_asym_id           A 
_struct_conn.ptnr2_label_comp_id           CYS 
_struct_conn.ptnr2_label_seq_id            187 
_struct_conn.ptnr2_label_atom_id           SG 
_struct_conn.pdbx_ptnr2_label_alt_id       ? 
_struct_conn.pdbx_ptnr2_PDB_ins_code       ? 
_struct_conn.ptnr1_auth_asym_id            A 
_struct_conn.ptnr1_auth_comp_id            CYS 
_struct_conn.ptnr1_auth_seq_id             102 
_struct_conn.ptnr2_auth_asym_id            A 
_struct_conn.ptnr2_auth_comp_id            CYS 
_struct_conn.ptnr2_auth_seq_id             187 
_struct_conn.ptnr2_symmetry                1_555 
_struct_conn.pdbx_ptnr3_label_atom_id      ? 
_struct_conn.pdbx_ptnr3_label_seq_id       ? 
_struct_conn.pdbx_ptnr3_label_comp_id      ? 
_struct_conn.pdbx_ptnr3_label_asym_id      ? 
_struct_conn.pdbx_ptnr3_label_alt_id       ? 
_struct_conn.pdbx_ptnr3_PDB_ins_code       ? 
_struct_conn.details                       ? 
_struct_conn.pdbx_dist_value               2.033 
_struct_conn.pdbx_value_order              ? 
_struct_conn.pdbx_role                     ? 
# 
_struct_conn_type.id          disulf 
_struct_conn_type.criteria    ? 
_struct_conn_type.reference   ? 
# 
_pdbx_modification_feature.ordinal                            1 
_pdbx_modification_feature.label_comp_id                      CYS 
_pdbx_modification_feature.label_asym_id                      A 
_pdbx_modification_feature.label_seq_id                       102 
_pdbx_modification_feature.label_alt_id                       ? 
_pdbx_modification_feature.modified_residue_label_comp_id     CYS 
_pdbx_modification_feature.modified_residue_label_asym_id     A 
_pdbx_modification_feature.modified_residue_label_seq_id      187 
_pdbx_modification_feature.modified_residue_label_alt_id      ? 
_pdbx_modification_feature.auth_comp_id                       CYS 
_pdbx_modification_feature.auth_asym_id                       A 
_pdbx_modification_feature.auth_seq_id                        102 
_pdbx_modification_feature.PDB_ins_code                       ? 
_pdbx_modification_feature.symmetry                           1_555 
_pdbx_modification_feature.modified_residue_auth_comp_id      CYS 
_pdbx_modification_feature.modified_residue_auth_asym_id      A 
_pdbx_modification_feature.modified_residue_auth_seq_id       187 
_pdbx_modification_feature.modified_residue_PDB_ins_code      ? 
_pdbx_modification_feature.modified_residue_symmetry          1_555 
_pdbx_modification_feature.comp_id_linking_atom               SG 
_pdbx_modification_feature.modified_residue_id_linking_atom   SG 
_pdbx_modification_feature.modified_residue_id                . 
_pdbx_modification_feature.ref_pcm_id                         . 
_pdbx_modification_feature.ref_comp_id                        . 
_pdbx_modification_feature.type                               None 
_pdbx_modification_feature.category                           'Disulfide bridge' 
# 
loop_
_struct_sheet.id 
_struct_sheet.type 
_struct_sheet.number_strands 
_struct_sheet.details 
A ? 4 ? 
B ? 5 ? 
# 
loop_
_struct_sheet_order.sheet_id 
_struct_sheet_order.range_id_1 
_struct_sheet_order.range_id_2 
_struct_sheet_order.offset 
_struct_sheet_order.sense 
A 1 2 ? anti-parallel 
A 2 3 ? anti-parallel 
A 3 4 ? anti-parallel 
B 1 2 ? anti-parallel 
B 2 3 ? anti-parallel 
B 3 4 ? anti-parallel 
B 4 5 ? anti-parallel 
# 
loop_
_struct_sheet_range.sheet_id 
_struct_sheet_range.id 
_struct_sheet_range.beg_label_comp_id 
_struct_sheet_range.beg_label_asym_id 
_struct_sheet_range.beg_label_seq_id 
_struct_sheet_range.pdbx_beg_PDB_ins_code 
_struct_sheet_range.end_label_comp_id 
_struct_sheet_range.end_label_asym_id 
_struct_sheet_range.end_label_seq_id 
_struct_sheet_range.pdbx_end_PDB_ins_code 
_struct_sheet_range.beg_auth_comp_id 
_struct_sheet_range.beg_auth_asym_id 
_struct_sheet_range.beg_auth_seq_id 
_struct_sheet_range.end_auth_comp_id 
_struct_sheet_range.end_auth_asym_id 
_struct_sheet_range.end_auth_seq_id 
A 1 ILE A 34  ? CYS A 40  ? ILE A 34  CYS A 40  
A 2 ILE A 92  ? VAL A 97  ? ILE A 92  VAL A 97  
A 3 LEU A 129 ? MET A 134 ? LEU A 129 MET A 134 
A 4 HIS A 117 ? ILE A 123 ? HIS A 117 ILE A 123 
B 1 VAL A 60  ? THR A 64  ? VAL A 60  THR A 64  
B 2 ARG A 43  ? GLU A 48  ? ARG A 43  GLU A 48  
B 3 LEU A 84  ? THR A 89  ? LEU A 84  THR A 89  
B 4 SER A 138 ? MET A 145 ? SER A 138 MET A 145 
B 5 ALA A 148 ? ARG A 149 ? ALA A 148 ARG A 149 
# 
loop_
_pdbx_struct_sheet_hbond.sheet_id 
_pdbx_struct_sheet_hbond.range_id_1 
_pdbx_struct_sheet_hbond.range_id_2 
_pdbx_struct_sheet_hbond.range_1_label_atom_id 
_pdbx_struct_sheet_hbond.range_1_label_comp_id 
_pdbx_struct_sheet_hbond.range_1_label_asym_id 
_pdbx_struct_sheet_hbond.range_1_label_seq_id 
_pdbx_struct_sheet_hbond.range_1_PDB_ins_code 
_pdbx_struct_sheet_hbond.range_1_auth_atom_id 
_pdbx_struct_sheet_hbond.range_1_auth_comp_id 
_pdbx_struct_sheet_hbond.range_1_auth_asym_id 
_pdbx_struct_sheet_hbond.range_1_auth_seq_id 
_pdbx_struct_sheet_hbond.range_2_label_atom_id 
_pdbx_struct_sheet_hbond.range_2_label_comp_id 
_pdbx_struct_sheet_hbond.range_2_label_asym_id 
_pdbx_struct_sheet_hbond.range_2_label_seq_id 
_pdbx_struct_sheet_hbond.range_2_PDB_ins_code 
_pdbx_struct_sheet_hbond.range_2_auth_atom_id 
_pdbx_struct_sheet_hbond.range_2_auth_comp_id 
_pdbx_struct_sheet_hbond.range_2_auth_asym_id 
_pdbx_struct_sheet_hbond.range_2_auth_seq_id 
A 1 2 N VAL A 35  ? N VAL A 35  O ARG A 96  ? O ARG A 96  
A 2 3 N LEU A 93  ? N LEU A 93  O ILE A 133 ? O ILE A 133 
A 3 4 O VAL A 130 ? O VAL A 130 N SER A 122 ? N SER A 122 
B 1 2 O THR A 64  ? O THR A 64  N ILE A 44  ? N ILE A 44  
B 2 3 N THR A 45  ? N THR A 45  O LYS A 87  ? O LYS A 87  
B 3 4 N LEU A 84  ? N LEU A 84  O LEU A 143 ? O LEU A 143 
B 4 5 N MET A 145 ? N MET A 145 O ALA A 148 ? O ALA A 148 
# 
_pdbx_entry_details.entry_id                   2DVK 
_pdbx_entry_details.compound_details           ? 
_pdbx_entry_details.source_details             ? 
_pdbx_entry_details.nonpolymer_details         ? 
_pdbx_entry_details.sequence_details           ? 
_pdbx_entry_details.has_ligand_of_interest     ? 
_pdbx_entry_details.has_protein_modification   Y 
# 
loop_
_pdbx_validate_rmsd_bond.id 
_pdbx_validate_rmsd_bond.PDB_model_num 
_pdbx_validate_rmsd_bond.auth_atom_id_1 
_pdbx_validate_rmsd_bond.auth_asym_id_1 
_pdbx_validate_rmsd_bond.auth_comp_id_1 
_pdbx_validate_rmsd_bond.auth_seq_id_1 
_pdbx_validate_rmsd_bond.PDB_ins_code_1 
_pdbx_validate_rmsd_bond.label_alt_id_1 
_pdbx_validate_rmsd_bond.auth_atom_id_2 
_pdbx_validate_rmsd_bond.auth_asym_id_2 
_pdbx_validate_rmsd_bond.auth_comp_id_2 
_pdbx_validate_rmsd_bond.auth_seq_id_2 
_pdbx_validate_rmsd_bond.PDB_ins_code_2 
_pdbx_validate_rmsd_bond.label_alt_id_2 
_pdbx_validate_rmsd_bond.bond_value 
_pdbx_validate_rmsd_bond.bond_target_value 
_pdbx_validate_rmsd_bond.bond_deviation 
_pdbx_validate_rmsd_bond.bond_standard_deviation 
_pdbx_validate_rmsd_bond.linker_flag 
1 1 NE1 A TRP 53  ? ? CE2 A TRP 53  ? ? 1.483 1.371 0.112 0.013 N 
2 1 NE1 A TRP 100 ? ? CE2 A TRP 100 ? ? 1.485 1.371 0.114 0.013 N 
# 
loop_
_pdbx_validate_torsion.id 
_pdbx_validate_torsion.PDB_model_num 
_pdbx_validate_torsion.auth_comp_id 
_pdbx_validate_torsion.auth_asym_id 
_pdbx_validate_torsion.auth_seq_id 
_pdbx_validate_torsion.PDB_ins_code 
_pdbx_validate_torsion.label_alt_id 
_pdbx_validate_torsion.phi 
_pdbx_validate_torsion.psi 
1 1 PHE A 115 ? ? -106.34 65.99 
2 1 SER A 127 ? ? 73.85   -4.15 
# 
_pdbx_SG_project.id                    1 
_pdbx_SG_project.project_name          'NPPSFA, National Project on Protein Structural and Functional Analyses' 
_pdbx_SG_project.full_name_of_center   'RIKEN Structural Genomics/Proteomics Initiative' 
_pdbx_SG_project.initial_of_center     RSGI 
# 
_pdbx_struct_special_symmetry.id              1 
_pdbx_struct_special_symmetry.PDB_model_num   1 
_pdbx_struct_special_symmetry.auth_asym_id    A 
_pdbx_struct_special_symmetry.auth_comp_id    HOH 
_pdbx_struct_special_symmetry.auth_seq_id     345 
_pdbx_struct_special_symmetry.PDB_ins_code    ? 
_pdbx_struct_special_symmetry.label_asym_id   B 
_pdbx_struct_special_symmetry.label_comp_id   HOH 
_pdbx_struct_special_symmetry.label_seq_id    . 
# 
loop_
_pdbx_unobs_or_zero_occ_residues.id 
_pdbx_unobs_or_zero_occ_residues.PDB_model_num 
_pdbx_unobs_or_zero_occ_residues.polymer_flag 
_pdbx_unobs_or_zero_occ_residues.occupancy_flag 
_pdbx_unobs_or_zero_occ_residues.auth_asym_id 
_pdbx_unobs_or_zero_occ_residues.auth_comp_id 
_pdbx_unobs_or_zero_occ_residues.auth_seq_id 
_pdbx_unobs_or_zero_occ_residues.PDB_ins_code 
_pdbx_unobs_or_zero_occ_residues.label_asym_id 
_pdbx_unobs_or_zero_occ_residues.label_comp_id 
_pdbx_unobs_or_zero_occ_residues.label_seq_id 
1  1 Y 1 A MET 1   ? A MET 1   
2  1 Y 1 A GLY 2   ? A GLY 2   
3  1 Y 1 A SER 3   ? A SER 3   
4  1 Y 1 A ILE 4   ? A ILE 4   
5  1 Y 1 A GLU 5   ? A GLU 5   
6  1 Y 1 A GLU 6   ? A GLU 6   
7  1 Y 1 A VAL 7   ? A VAL 7   
8  1 Y 1 A LEU 8   ? A LEU 8   
9  1 Y 1 A LEU 9   ? A LEU 9   
10 1 Y 1 A GLU 10  ? A GLU 10  
11 1 Y 1 A GLU 11  ? A GLU 11  
12 1 Y 1 A ARG 12  ? A ARG 12  
13 1 Y 1 A LEU 13  ? A LEU 13  
14 1 Y 1 A ILE 14  ? A ILE 14  
15 1 Y 1 A GLY 15  ? A GLY 15  
16 1 Y 1 A TYR 16  ? A TYR 16  
17 1 Y 1 A LEU 17  ? A LEU 17  
18 1 Y 1 A ARG 55  ? A ARG 55  
19 1 Y 1 A ASN 56  ? A ASN 56  
20 1 Y 1 A GLY 57  ? A GLY 57  
21 1 Y 1 A ALA 58  ? A ALA 58  
22 1 Y 1 A PHE 188 ? A PHE 188 
# 
loop_
_chem_comp_atom.comp_id 
_chem_comp_atom.atom_id 
_chem_comp_atom.type_symbol 
_chem_comp_atom.pdbx_aromatic_flag 
_chem_comp_atom.pdbx_stereo_config 
_chem_comp_atom.pdbx_ordinal 
ALA N    N N N 1   
ALA CA   C N S 2   
ALA C    C N N 3   
ALA O    O N N 4   
ALA CB   C N N 5   
ALA OXT  O N N 6   
ALA H    H N N 7   
ALA H2   H N N 8   
ALA HA   H N N 9   
ALA HB1  H N N 10  
ALA HB2  H N N 11  
ALA HB3  H N N 12  
ALA HXT  H N N 13  
ARG N    N N N 14  
ARG CA   C N S 15  
ARG C    C N N 16  
ARG O    O N N 17  
ARG CB   C N N 18  
ARG CG   C N N 19  
ARG CD   C N N 20  
ARG NE   N N N 21  
ARG CZ   C N N 22  
ARG NH1  N N N 23  
ARG NH2  N N N 24  
ARG OXT  O N N 25  
ARG H    H N N 26  
ARG H2   H N N 27  
ARG HA   H N N 28  
ARG HB2  H N N 29  
ARG HB3  H N N 30  
ARG HG2  H N N 31  
ARG HG3  H N N 32  
ARG HD2  H N N 33  
ARG HD3  H N N 34  
ARG HE   H N N 35  
ARG HH11 H N N 36  
ARG HH12 H N N 37  
ARG HH21 H N N 38  
ARG HH22 H N N 39  
ARG HXT  H N N 40  
ASN N    N N N 41  
ASN CA   C N S 42  
ASN C    C N N 43  
ASN O    O N N 44  
ASN CB   C N N 45  
ASN CG   C N N 46  
ASN OD1  O N N 47  
ASN ND2  N N N 48  
ASN OXT  O N N 49  
ASN H    H N N 50  
ASN H2   H N N 51  
ASN HA   H N N 52  
ASN HB2  H N N 53  
ASN HB3  H N N 54  
ASN HD21 H N N 55  
ASN HD22 H N N 56  
ASN HXT  H N N 57  
ASP N    N N N 58  
ASP CA   C N S 59  
ASP C    C N N 60  
ASP O    O N N 61  
ASP CB   C N N 62  
ASP CG   C N N 63  
ASP OD1  O N N 64  
ASP OD2  O N N 65  
ASP OXT  O N N 66  
ASP H    H N N 67  
ASP H2   H N N 68  
ASP HA   H N N 69  
ASP HB2  H N N 70  
ASP HB3  H N N 71  
ASP HD2  H N N 72  
ASP HXT  H N N 73  
CYS N    N N N 74  
CYS CA   C N R 75  
CYS C    C N N 76  
CYS O    O N N 77  
CYS CB   C N N 78  
CYS SG   S N N 79  
CYS OXT  O N N 80  
CYS H    H N N 81  
CYS H2   H N N 82  
CYS HA   H N N 83  
CYS HB2  H N N 84  
CYS HB3  H N N 85  
CYS HG   H N N 86  
CYS HXT  H N N 87  
GLN N    N N N 88  
GLN CA   C N S 89  
GLN C    C N N 90  
GLN O    O N N 91  
GLN CB   C N N 92  
GLN CG   C N N 93  
GLN CD   C N N 94  
GLN OE1  O N N 95  
GLN NE2  N N N 96  
GLN OXT  O N N 97  
GLN H    H N N 98  
GLN H2   H N N 99  
GLN HA   H N N 100 
GLN HB2  H N N 101 
GLN HB3  H N N 102 
GLN HG2  H N N 103 
GLN HG3  H N N 104 
GLN HE21 H N N 105 
GLN HE22 H N N 106 
GLN HXT  H N N 107 
GLU N    N N N 108 
GLU CA   C N S 109 
GLU C    C N N 110 
GLU O    O N N 111 
GLU CB   C N N 112 
GLU CG   C N N 113 
GLU CD   C N N 114 
GLU OE1  O N N 115 
GLU OE2  O N N 116 
GLU OXT  O N N 117 
GLU H    H N N 118 
GLU H2   H N N 119 
GLU HA   H N N 120 
GLU HB2  H N N 121 
GLU HB3  H N N 122 
GLU HG2  H N N 123 
GLU HG3  H N N 124 
GLU HE2  H N N 125 
GLU HXT  H N N 126 
GLY N    N N N 127 
GLY CA   C N N 128 
GLY C    C N N 129 
GLY O    O N N 130 
GLY OXT  O N N 131 
GLY H    H N N 132 
GLY H2   H N N 133 
GLY HA2  H N N 134 
GLY HA3  H N N 135 
GLY HXT  H N N 136 
HIS N    N N N 137 
HIS CA   C N S 138 
HIS C    C N N 139 
HIS O    O N N 140 
HIS CB   C N N 141 
HIS CG   C Y N 142 
HIS ND1  N Y N 143 
HIS CD2  C Y N 144 
HIS CE1  C Y N 145 
HIS NE2  N Y N 146 
HIS OXT  O N N 147 
HIS H    H N N 148 
HIS H2   H N N 149 
HIS HA   H N N 150 
HIS HB2  H N N 151 
HIS HB3  H N N 152 
HIS HD1  H N N 153 
HIS HD2  H N N 154 
HIS HE1  H N N 155 
HIS HE2  H N N 156 
HIS HXT  H N N 157 
HOH O    O N N 158 
HOH H1   H N N 159 
HOH H2   H N N 160 
ILE N    N N N 161 
ILE CA   C N S 162 
ILE C    C N N 163 
ILE O    O N N 164 
ILE CB   C N S 165 
ILE CG1  C N N 166 
ILE CG2  C N N 167 
ILE CD1  C N N 168 
ILE OXT  O N N 169 
ILE H    H N N 170 
ILE H2   H N N 171 
ILE HA   H N N 172 
ILE HB   H N N 173 
ILE HG12 H N N 174 
ILE HG13 H N N 175 
ILE HG21 H N N 176 
ILE HG22 H N N 177 
ILE HG23 H N N 178 
ILE HD11 H N N 179 
ILE HD12 H N N 180 
ILE HD13 H N N 181 
ILE HXT  H N N 182 
LEU N    N N N 183 
LEU CA   C N S 184 
LEU C    C N N 185 
LEU O    O N N 186 
LEU CB   C N N 187 
LEU CG   C N N 188 
LEU CD1  C N N 189 
LEU CD2  C N N 190 
LEU OXT  O N N 191 
LEU H    H N N 192 
LEU H2   H N N 193 
LEU HA   H N N 194 
LEU HB2  H N N 195 
LEU HB3  H N N 196 
LEU HG   H N N 197 
LEU HD11 H N N 198 
LEU HD12 H N N 199 
LEU HD13 H N N 200 
LEU HD21 H N N 201 
LEU HD22 H N N 202 
LEU HD23 H N N 203 
LEU HXT  H N N 204 
LYS N    N N N 205 
LYS CA   C N S 206 
LYS C    C N N 207 
LYS O    O N N 208 
LYS CB   C N N 209 
LYS CG   C N N 210 
LYS CD   C N N 211 
LYS CE   C N N 212 
LYS NZ   N N N 213 
LYS OXT  O N N 214 
LYS H    H N N 215 
LYS H2   H N N 216 
LYS HA   H N N 217 
LYS HB2  H N N 218 
LYS HB3  H N N 219 
LYS HG2  H N N 220 
LYS HG3  H N N 221 
LYS HD2  H N N 222 
LYS HD3  H N N 223 
LYS HE2  H N N 224 
LYS HE3  H N N 225 
LYS HZ1  H N N 226 
LYS HZ2  H N N 227 
LYS HZ3  H N N 228 
LYS HXT  H N N 229 
MET N    N N N 230 
MET CA   C N S 231 
MET C    C N N 232 
MET O    O N N 233 
MET CB   C N N 234 
MET CG   C N N 235 
MET SD   S N N 236 
MET CE   C N N 237 
MET OXT  O N N 238 
MET H    H N N 239 
MET H2   H N N 240 
MET HA   H N N 241 
MET HB2  H N N 242 
MET HB3  H N N 243 
MET HG2  H N N 244 
MET HG3  H N N 245 
MET HE1  H N N 246 
MET HE2  H N N 247 
MET HE3  H N N 248 
MET HXT  H N N 249 
PHE N    N N N 250 
PHE CA   C N S 251 
PHE C    C N N 252 
PHE O    O N N 253 
PHE CB   C N N 254 
PHE CG   C Y N 255 
PHE CD1  C Y N 256 
PHE CD2  C Y N 257 
PHE CE1  C Y N 258 
PHE CE2  C Y N 259 
PHE CZ   C Y N 260 
PHE OXT  O N N 261 
PHE H    H N N 262 
PHE H2   H N N 263 
PHE HA   H N N 264 
PHE HB2  H N N 265 
PHE HB3  H N N 266 
PHE HD1  H N N 267 
PHE HD2  H N N 268 
PHE HE1  H N N 269 
PHE HE2  H N N 270 
PHE HZ   H N N 271 
PHE HXT  H N N 272 
PRO N    N N N 273 
PRO CA   C N S 274 
PRO C    C N N 275 
PRO O    O N N 276 
PRO CB   C N N 277 
PRO CG   C N N 278 
PRO CD   C N N 279 
PRO OXT  O N N 280 
PRO H    H N N 281 
PRO HA   H N N 282 
PRO HB2  H N N 283 
PRO HB3  H N N 284 
PRO HG2  H N N 285 
PRO HG3  H N N 286 
PRO HD2  H N N 287 
PRO HD3  H N N 288 
PRO HXT  H N N 289 
SER N    N N N 290 
SER CA   C N S 291 
SER C    C N N 292 
SER O    O N N 293 
SER CB   C N N 294 
SER OG   O N N 295 
SER OXT  O N N 296 
SER H    H N N 297 
SER H2   H N N 298 
SER HA   H N N 299 
SER HB2  H N N 300 
SER HB3  H N N 301 
SER HG   H N N 302 
SER HXT  H N N 303 
THR N    N N N 304 
THR CA   C N S 305 
THR C    C N N 306 
THR O    O N N 307 
THR CB   C N R 308 
THR OG1  O N N 309 
THR CG2  C N N 310 
THR OXT  O N N 311 
THR H    H N N 312 
THR H2   H N N 313 
THR HA   H N N 314 
THR HB   H N N 315 
THR HG1  H N N 316 
THR HG21 H N N 317 
THR HG22 H N N 318 
THR HG23 H N N 319 
THR HXT  H N N 320 
TRP N    N N N 321 
TRP CA   C N S 322 
TRP C    C N N 323 
TRP O    O N N 324 
TRP CB   C N N 325 
TRP CG   C Y N 326 
TRP CD1  C Y N 327 
TRP CD2  C Y N 328 
TRP NE1  N Y N 329 
TRP CE2  C Y N 330 
TRP CE3  C Y N 331 
TRP CZ2  C Y N 332 
TRP CZ3  C Y N 333 
TRP CH2  C Y N 334 
TRP OXT  O N N 335 
TRP H    H N N 336 
TRP H2   H N N 337 
TRP HA   H N N 338 
TRP HB2  H N N 339 
TRP HB3  H N N 340 
TRP HD1  H N N 341 
TRP HE1  H N N 342 
TRP HE3  H N N 343 
TRP HZ2  H N N 344 
TRP HZ3  H N N 345 
TRP HH2  H N N 346 
TRP HXT  H N N 347 
TYR N    N N N 348 
TYR CA   C N S 349 
TYR C    C N N 350 
TYR O    O N N 351 
TYR CB   C N N 352 
TYR CG   C Y N 353 
TYR CD1  C Y N 354 
TYR CD2  C Y N 355 
TYR CE1  C Y N 356 
TYR CE2  C Y N 357 
TYR CZ   C Y N 358 
TYR OH   O N N 359 
TYR OXT  O N N 360 
TYR H    H N N 361 
TYR H2   H N N 362 
TYR HA   H N N 363 
TYR HB2  H N N 364 
TYR HB3  H N N 365 
TYR HD1  H N N 366 
TYR HD2  H N N 367 
TYR HE1  H N N 368 
TYR HE2  H N N 369 
TYR HH   H N N 370 
TYR HXT  H N N 371 
VAL N    N N N 372 
VAL CA   C N S 373 
VAL C    C N N 374 
VAL O    O N N 375 
VAL CB   C N N 376 
VAL CG1  C N N 377 
VAL CG2  C N N 378 
VAL OXT  O N N 379 
VAL H    H N N 380 
VAL H2   H N N 381 
VAL HA   H N N 382 
VAL HB   H N N 383 
VAL HG11 H N N 384 
VAL HG12 H N N 385 
VAL HG13 H N N 386 
VAL HG21 H N N 387 
VAL HG22 H N N 388 
VAL HG23 H N N 389 
VAL HXT  H N N 390 
# 
loop_
_chem_comp_bond.comp_id 
_chem_comp_bond.atom_id_1 
_chem_comp_bond.atom_id_2 
_chem_comp_bond.value_order 
_chem_comp_bond.pdbx_aromatic_flag 
_chem_comp_bond.pdbx_stereo_config 
_chem_comp_bond.pdbx_ordinal 
ALA N   CA   sing N N 1   
ALA N   H    sing N N 2   
ALA N   H2   sing N N 3   
ALA CA  C    sing N N 4   
ALA CA  CB   sing N N 5   
ALA CA  HA   sing N N 6   
ALA C   O    doub N N 7   
ALA C   OXT  sing N N 8   
ALA CB  HB1  sing N N 9   
ALA CB  HB2  sing N N 10  
ALA CB  HB3  sing N N 11  
ALA OXT HXT  sing N N 12  
ARG N   CA   sing N N 13  
ARG N   H    sing N N 14  
ARG N   H2   sing N N 15  
ARG CA  C    sing N N 16  
ARG CA  CB   sing N N 17  
ARG CA  HA   sing N N 18  
ARG C   O    doub N N 19  
ARG C   OXT  sing N N 20  
ARG CB  CG   sing N N 21  
ARG CB  HB2  sing N N 22  
ARG CB  HB3  sing N N 23  
ARG CG  CD   sing N N 24  
ARG CG  HG2  sing N N 25  
ARG CG  HG3  sing N N 26  
ARG CD  NE   sing N N 27  
ARG CD  HD2  sing N N 28  
ARG CD  HD3  sing N N 29  
ARG NE  CZ   sing N N 30  
ARG NE  HE   sing N N 31  
ARG CZ  NH1  sing N N 32  
ARG CZ  NH2  doub N N 33  
ARG NH1 HH11 sing N N 34  
ARG NH1 HH12 sing N N 35  
ARG NH2 HH21 sing N N 36  
ARG NH2 HH22 sing N N 37  
ARG OXT HXT  sing N N 38  
ASN N   CA   sing N N 39  
ASN N   H    sing N N 40  
ASN N   H2   sing N N 41  
ASN CA  C    sing N N 42  
ASN CA  CB   sing N N 43  
ASN CA  HA   sing N N 44  
ASN C   O    doub N N 45  
ASN C   OXT  sing N N 46  
ASN CB  CG   sing N N 47  
ASN CB  HB2  sing N N 48  
ASN CB  HB3  sing N N 49  
ASN CG  OD1  doub N N 50  
ASN CG  ND2  sing N N 51  
ASN ND2 HD21 sing N N 52  
ASN ND2 HD22 sing N N 53  
ASN OXT HXT  sing N N 54  
ASP N   CA   sing N N 55  
ASP N   H    sing N N 56  
ASP N   H2   sing N N 57  
ASP CA  C    sing N N 58  
ASP CA  CB   sing N N 59  
ASP CA  HA   sing N N 60  
ASP C   O    doub N N 61  
ASP C   OXT  sing N N 62  
ASP CB  CG   sing N N 63  
ASP CB  HB2  sing N N 64  
ASP CB  HB3  sing N N 65  
ASP CG  OD1  doub N N 66  
ASP CG  OD2  sing N N 67  
ASP OD2 HD2  sing N N 68  
ASP OXT HXT  sing N N 69  
CYS N   CA   sing N N 70  
CYS N   H    sing N N 71  
CYS N   H2   sing N N 72  
CYS CA  C    sing N N 73  
CYS CA  CB   sing N N 74  
CYS CA  HA   sing N N 75  
CYS C   O    doub N N 76  
CYS C   OXT  sing N N 77  
CYS CB  SG   sing N N 78  
CYS CB  HB2  sing N N 79  
CYS CB  HB3  sing N N 80  
CYS SG  HG   sing N N 81  
CYS OXT HXT  sing N N 82  
GLN N   CA   sing N N 83  
GLN N   H    sing N N 84  
GLN N   H2   sing N N 85  
GLN CA  C    sing N N 86  
GLN CA  CB   sing N N 87  
GLN CA  HA   sing N N 88  
GLN C   O    doub N N 89  
GLN C   OXT  sing N N 90  
GLN CB  CG   sing N N 91  
GLN CB  HB2  sing N N 92  
GLN CB  HB3  sing N N 93  
GLN CG  CD   sing N N 94  
GLN CG  HG2  sing N N 95  
GLN CG  HG3  sing N N 96  
GLN CD  OE1  doub N N 97  
GLN CD  NE2  sing N N 98  
GLN NE2 HE21 sing N N 99  
GLN NE2 HE22 sing N N 100 
GLN OXT HXT  sing N N 101 
GLU N   CA   sing N N 102 
GLU N   H    sing N N 103 
GLU N   H2   sing N N 104 
GLU CA  C    sing N N 105 
GLU CA  CB   sing N N 106 
GLU CA  HA   sing N N 107 
GLU C   O    doub N N 108 
GLU C   OXT  sing N N 109 
GLU CB  CG   sing N N 110 
GLU CB  HB2  sing N N 111 
GLU CB  HB3  sing N N 112 
GLU CG  CD   sing N N 113 
GLU CG  HG2  sing N N 114 
GLU CG  HG3  sing N N 115 
GLU CD  OE1  doub N N 116 
GLU CD  OE2  sing N N 117 
GLU OE2 HE2  sing N N 118 
GLU OXT HXT  sing N N 119 
GLY N   CA   sing N N 120 
GLY N   H    sing N N 121 
GLY N   H2   sing N N 122 
GLY CA  C    sing N N 123 
GLY CA  HA2  sing N N 124 
GLY CA  HA3  sing N N 125 
GLY C   O    doub N N 126 
GLY C   OXT  sing N N 127 
GLY OXT HXT  sing N N 128 
HIS N   CA   sing N N 129 
HIS N   H    sing N N 130 
HIS N   H2   sing N N 131 
HIS CA  C    sing N N 132 
HIS CA  CB   sing N N 133 
HIS CA  HA   sing N N 134 
HIS C   O    doub N N 135 
HIS C   OXT  sing N N 136 
HIS CB  CG   sing N N 137 
HIS CB  HB2  sing N N 138 
HIS CB  HB3  sing N N 139 
HIS CG  ND1  sing Y N 140 
HIS CG  CD2  doub Y N 141 
HIS ND1 CE1  doub Y N 142 
HIS ND1 HD1  sing N N 143 
HIS CD2 NE2  sing Y N 144 
HIS CD2 HD2  sing N N 145 
HIS CE1 NE2  sing Y N 146 
HIS CE1 HE1  sing N N 147 
HIS NE2 HE2  sing N N 148 
HIS OXT HXT  sing N N 149 
HOH O   H1   sing N N 150 
HOH O   H2   sing N N 151 
ILE N   CA   sing N N 152 
ILE N   H    sing N N 153 
ILE N   H2   sing N N 154 
ILE CA  C    sing N N 155 
ILE CA  CB   sing N N 156 
ILE CA  HA   sing N N 157 
ILE C   O    doub N N 158 
ILE C   OXT  sing N N 159 
ILE CB  CG1  sing N N 160 
ILE CB  CG2  sing N N 161 
ILE CB  HB   sing N N 162 
ILE CG1 CD1  sing N N 163 
ILE CG1 HG12 sing N N 164 
ILE CG1 HG13 sing N N 165 
ILE CG2 HG21 sing N N 166 
ILE CG2 HG22 sing N N 167 
ILE CG2 HG23 sing N N 168 
ILE CD1 HD11 sing N N 169 
ILE CD1 HD12 sing N N 170 
ILE CD1 HD13 sing N N 171 
ILE OXT HXT  sing N N 172 
LEU N   CA   sing N N 173 
LEU N   H    sing N N 174 
LEU N   H2   sing N N 175 
LEU CA  C    sing N N 176 
LEU CA  CB   sing N N 177 
LEU CA  HA   sing N N 178 
LEU C   O    doub N N 179 
LEU C   OXT  sing N N 180 
LEU CB  CG   sing N N 181 
LEU CB  HB2  sing N N 182 
LEU CB  HB3  sing N N 183 
LEU CG  CD1  sing N N 184 
LEU CG  CD2  sing N N 185 
LEU CG  HG   sing N N 186 
LEU CD1 HD11 sing N N 187 
LEU CD1 HD12 sing N N 188 
LEU CD1 HD13 sing N N 189 
LEU CD2 HD21 sing N N 190 
LEU CD2 HD22 sing N N 191 
LEU CD2 HD23 sing N N 192 
LEU OXT HXT  sing N N 193 
LYS N   CA   sing N N 194 
LYS N   H    sing N N 195 
LYS N   H2   sing N N 196 
LYS CA  C    sing N N 197 
LYS CA  CB   sing N N 198 
LYS CA  HA   sing N N 199 
LYS C   O    doub N N 200 
LYS C   OXT  sing N N 201 
LYS CB  CG   sing N N 202 
LYS CB  HB2  sing N N 203 
LYS CB  HB3  sing N N 204 
LYS CG  CD   sing N N 205 
LYS CG  HG2  sing N N 206 
LYS CG  HG3  sing N N 207 
LYS CD  CE   sing N N 208 
LYS CD  HD2  sing N N 209 
LYS CD  HD3  sing N N 210 
LYS CE  NZ   sing N N 211 
LYS CE  HE2  sing N N 212 
LYS CE  HE3  sing N N 213 
LYS NZ  HZ1  sing N N 214 
LYS NZ  HZ2  sing N N 215 
LYS NZ  HZ3  sing N N 216 
LYS OXT HXT  sing N N 217 
MET N   CA   sing N N 218 
MET N   H    sing N N 219 
MET N   H2   sing N N 220 
MET CA  C    sing N N 221 
MET CA  CB   sing N N 222 
MET CA  HA   sing N N 223 
MET C   O    doub N N 224 
MET C   OXT  sing N N 225 
MET CB  CG   sing N N 226 
MET CB  HB2  sing N N 227 
MET CB  HB3  sing N N 228 
MET CG  SD   sing N N 229 
MET CG  HG2  sing N N 230 
MET CG  HG3  sing N N 231 
MET SD  CE   sing N N 232 
MET CE  HE1  sing N N 233 
MET CE  HE2  sing N N 234 
MET CE  HE3  sing N N 235 
MET OXT HXT  sing N N 236 
PHE N   CA   sing N N 237 
PHE N   H    sing N N 238 
PHE N   H2   sing N N 239 
PHE CA  C    sing N N 240 
PHE CA  CB   sing N N 241 
PHE CA  HA   sing N N 242 
PHE C   O    doub N N 243 
PHE C   OXT  sing N N 244 
PHE CB  CG   sing N N 245 
PHE CB  HB2  sing N N 246 
PHE CB  HB3  sing N N 247 
PHE CG  CD1  doub Y N 248 
PHE CG  CD2  sing Y N 249 
PHE CD1 CE1  sing Y N 250 
PHE CD1 HD1  sing N N 251 
PHE CD2 CE2  doub Y N 252 
PHE CD2 HD2  sing N N 253 
PHE CE1 CZ   doub Y N 254 
PHE CE1 HE1  sing N N 255 
PHE CE2 CZ   sing Y N 256 
PHE CE2 HE2  sing N N 257 
PHE CZ  HZ   sing N N 258 
PHE OXT HXT  sing N N 259 
PRO N   CA   sing N N 260 
PRO N   CD   sing N N 261 
PRO N   H    sing N N 262 
PRO CA  C    sing N N 263 
PRO CA  CB   sing N N 264 
PRO CA  HA   sing N N 265 
PRO C   O    doub N N 266 
PRO C   OXT  sing N N 267 
PRO CB  CG   sing N N 268 
PRO CB  HB2  sing N N 269 
PRO CB  HB3  sing N N 270 
PRO CG  CD   sing N N 271 
PRO CG  HG2  sing N N 272 
PRO CG  HG3  sing N N 273 
PRO CD  HD2  sing N N 274 
PRO CD  HD3  sing N N 275 
PRO OXT HXT  sing N N 276 
SER N   CA   sing N N 277 
SER N   H    sing N N 278 
SER N   H2   sing N N 279 
SER CA  C    sing N N 280 
SER CA  CB   sing N N 281 
SER CA  HA   sing N N 282 
SER C   O    doub N N 283 
SER C   OXT  sing N N 284 
SER CB  OG   sing N N 285 
SER CB  HB2  sing N N 286 
SER CB  HB3  sing N N 287 
SER OG  HG   sing N N 288 
SER OXT HXT  sing N N 289 
THR N   CA   sing N N 290 
THR N   H    sing N N 291 
THR N   H2   sing N N 292 
THR CA  C    sing N N 293 
THR CA  CB   sing N N 294 
THR CA  HA   sing N N 295 
THR C   O    doub N N 296 
THR C   OXT  sing N N 297 
THR CB  OG1  sing N N 298 
THR CB  CG2  sing N N 299 
THR CB  HB   sing N N 300 
THR OG1 HG1  sing N N 301 
THR CG2 HG21 sing N N 302 
THR CG2 HG22 sing N N 303 
THR CG2 HG23 sing N N 304 
THR OXT HXT  sing N N 305 
TRP N   CA   sing N N 306 
TRP N   H    sing N N 307 
TRP N   H2   sing N N 308 
TRP CA  C    sing N N 309 
TRP CA  CB   sing N N 310 
TRP CA  HA   sing N N 311 
TRP C   O    doub N N 312 
TRP C   OXT  sing N N 313 
TRP CB  CG   sing N N 314 
TRP CB  HB2  sing N N 315 
TRP CB  HB3  sing N N 316 
TRP CG  CD1  doub Y N 317 
TRP CG  CD2  sing Y N 318 
TRP CD1 NE1  sing Y N 319 
TRP CD1 HD1  sing N N 320 
TRP CD2 CE2  doub Y N 321 
TRP CD2 CE3  sing Y N 322 
TRP NE1 CE2  sing Y N 323 
TRP NE1 HE1  sing N N 324 
TRP CE2 CZ2  sing Y N 325 
TRP CE3 CZ3  doub Y N 326 
TRP CE3 HE3  sing N N 327 
TRP CZ2 CH2  doub Y N 328 
TRP CZ2 HZ2  sing N N 329 
TRP CZ3 CH2  sing Y N 330 
TRP CZ3 HZ3  sing N N 331 
TRP CH2 HH2  sing N N 332 
TRP OXT HXT  sing N N 333 
TYR N   CA   sing N N 334 
TYR N   H    sing N N 335 
TYR N   H2   sing N N 336 
TYR CA  C    sing N N 337 
TYR CA  CB   sing N N 338 
TYR CA  HA   sing N N 339 
TYR C   O    doub N N 340 
TYR C   OXT  sing N N 341 
TYR CB  CG   sing N N 342 
TYR CB  HB2  sing N N 343 
TYR CB  HB3  sing N N 344 
TYR CG  CD1  doub Y N 345 
TYR CG  CD2  sing Y N 346 
TYR CD1 CE1  sing Y N 347 
TYR CD1 HD1  sing N N 348 
TYR CD2 CE2  doub Y N 349 
TYR CD2 HD2  sing N N 350 
TYR CE1 CZ   doub Y N 351 
TYR CE1 HE1  sing N N 352 
TYR CE2 CZ   sing Y N 353 
TYR CE2 HE2  sing N N 354 
TYR CZ  OH   sing N N 355 
TYR OH  HH   sing N N 356 
TYR OXT HXT  sing N N 357 
VAL N   CA   sing N N 358 
VAL N   H    sing N N 359 
VAL N   H2   sing N N 360 
VAL CA  C    sing N N 361 
VAL CA  CB   sing N N 362 
VAL CA  HA   sing N N 363 
VAL C   O    doub N N 364 
VAL C   OXT  sing N N 365 
VAL CB  CG1  sing N N 366 
VAL CB  CG2  sing N N 367 
VAL CB  HB   sing N N 368 
VAL CG1 HG11 sing N N 369 
VAL CG1 HG12 sing N N 370 
VAL CG1 HG13 sing N N 371 
VAL CG2 HG21 sing N N 372 
VAL CG2 HG22 sing N N 373 
VAL CG2 HG23 sing N N 374 
VAL OXT HXT  sing N N 375 
# 
_atom_sites.entry_id                    2DVK 
_atom_sites.fract_transf_matrix[1][1]   -0.00769214 
_atom_sites.fract_transf_matrix[1][2]   -0.01447315 
_atom_sites.fract_transf_matrix[1][3]   -0.00719256 
_atom_sites.fract_transf_matrix[2][1]   -0.00545801 
_atom_sites.fract_transf_matrix[2][2]   0.00806379 
_atom_sites.fract_transf_matrix[2][3]   -0.01038916 
_atom_sites.fract_transf_matrix[3][1]   0.00892761 
_atom_sites.fract_transf_matrix[3][2]   -0.00174204 
_atom_sites.fract_transf_matrix[3][3]   -0.00604231 
_atom_sites.fract_transf_vector[1]      0.148024 
_atom_sites.fract_transf_vector[2]      0.496682 
_atom_sites.fract_transf_vector[3]      0.393038 
# 
loop_
_atom_type.symbol 
C 
N 
O 
S 
# 
loop_
_atom_site.group_PDB 
_atom_site.id 
_atom_site.type_symbol 
_atom_site.label_atom_id 
_atom_site.label_alt_id 
_atom_site.label_comp_id 
_atom_site.label_asym_id 
_atom_site.label_entity_id 
_atom_site.label_seq_id 
_atom_site.pdbx_PDB_ins_code 
_atom_site.Cartn_x 
_atom_site.Cartn_y 
_atom_site.Cartn_z 
_atom_site.occupancy 
_atom_site.B_iso_or_equiv 
_atom_site.pdbx_formal_charge 
_atom_site.auth_seq_id 
_atom_site.auth_comp_id 
_atom_site.auth_asym_id 
_atom_site.auth_atom_id 
_atom_site.pdbx_PDB_model_num 
ATOM   1    N N   . ASP A 1 18  ? -14.791 6.230   3.942   1.00 27.89 ? 18  ASP A N   1 
ATOM   2    C CA  . ASP A 1 18  ? -14.812 4.740   3.888   1.00 27.04 ? 18  ASP A CA  1 
ATOM   3    C C   . ASP A 1 18  ? -13.694 4.175   4.760   1.00 25.60 ? 18  ASP A C   1 
ATOM   4    O O   . ASP A 1 18  ? -12.711 3.621   4.264   1.00 25.69 ? 18  ASP A O   1 
ATOM   5    C CB  . ASP A 1 18  ? -14.654 4.270   2.438   1.00 27.80 ? 18  ASP A CB  1 
ATOM   6    C CG  . ASP A 1 18  ? -14.856 2.776   2.283   1.00 28.73 ? 18  ASP A CG  1 
ATOM   7    O OD1 . ASP A 1 18  ? -15.597 2.187   3.099   1.00 26.29 ? 18  ASP A OD1 1 
ATOM   8    O OD2 . ASP A 1 18  ? -14.286 2.196   1.333   1.00 29.60 ? 18  ASP A OD2 1 
ATOM   9    N N   . PRO A 1 19  ? -13.836 4.309   6.088   1.00 24.55 ? 19  PRO A N   1 
ATOM   10   C CA  . PRO A 1 19  ? -12.844 3.818   7.049   1.00 22.93 ? 19  PRO A CA  1 
ATOM   11   C C   . PRO A 1 19  ? -12.525 2.338   6.843   1.00 22.08 ? 19  PRO A C   1 
ATOM   12   O O   . PRO A 1 19  ? -13.429 1.508   6.743   1.00 23.19 ? 19  PRO A O   1 
ATOM   13   C CB  . PRO A 1 19  ? -13.515 4.075   8.398   1.00 22.96 ? 19  PRO A CB  1 
ATOM   14   C CG  . PRO A 1 19  ? -14.395 5.257   8.119   1.00 23.75 ? 19  PRO A CG  1 
ATOM   15   C CD  . PRO A 1 19  ? -14.988 4.907   6.784   1.00 23.42 ? 19  PRO A CD  1 
ATOM   16   N N   . GLY A 1 20  ? -11.238 2.016   6.779   1.00 20.23 ? 20  GLY A N   1 
ATOM   17   C CA  . GLY A 1 20  ? -10.825 0.636   6.593   1.00 18.68 ? 20  GLY A CA  1 
ATOM   18   C C   . GLY A 1 20  ? -11.103 0.084   5.205   1.00 18.57 ? 20  GLY A C   1 
ATOM   19   O O   . GLY A 1 20  ? -10.857 -1.096  4.949   1.00 19.54 ? 20  GLY A O   1 
ATOM   20   N N   . ALA A 1 21  ? -11.616 0.926   4.314   1.00 17.37 ? 21  ALA A N   1 
ATOM   21   C CA  . ALA A 1 21  ? -11.923 0.510   2.948   1.00 18.68 ? 21  ALA A CA  1 
ATOM   22   C C   . ALA A 1 21  ? -12.985 -0.589  2.933   1.00 18.83 ? 21  ALA A C   1 
ATOM   23   O O   . ALA A 1 21  ? -13.025 -1.424  2.026   1.00 18.30 ? 21  ALA A O   1 
ATOM   24   C CB  . ALA A 1 21  ? -10.652 0.019   2.255   1.00 21.32 ? 21  ALA A CB  1 
ATOM   25   N N   . GLU A 1 22  ? -13.853 -0.585  3.938   1.00 19.55 ? 22  GLU A N   1 
ATOM   26   C CA  . GLU A 1 22  ? -14.899 -1.593  4.026   1.00 18.90 ? 22  GLU A CA  1 
ATOM   27   C C   . GLU A 1 22  ? -15.827 -1.606  2.810   1.00 19.52 ? 22  GLU A C   1 
ATOM   28   O O   . GLU A 1 22  ? -16.252 -2.670  2.367   1.00 22.06 ? 22  GLU A O   1 
ATOM   29   C CB  . GLU A 1 22  ? -15.722 -1.393  5.306   1.00 18.57 ? 22  GLU A CB  1 
ATOM   30   C CG  . GLU A 1 22  ? -14.889 -1.408  6.583   1.00 18.29 ? 22  GLU A CG  1 
ATOM   31   C CD  . GLU A 1 22  ? -15.746 -1.466  7.840   1.00 17.86 ? 22  GLU A CD  1 
ATOM   32   O OE1 . GLU A 1 22  ? -16.684 -0.647  7.961   1.00 20.31 ? 22  GLU A OE1 1 
ATOM   33   O OE2 . GLU A 1 22  ? -15.474 -2.323  8.706   1.00 15.62 ? 22  GLU A OE2 1 
ATOM   34   N N   . LYS A 1 23  ? -16.154 -0.434  2.275   1.00 20.88 ? 23  LYS A N   1 
ATOM   35   C CA  . LYS A 1 23  ? -17.026 -0.374  1.108   1.00 23.11 ? 23  LYS A CA  1 
ATOM   36   C C   . LYS A 1 23  ? -16.298 -0.913  -0.118  1.00 23.23 ? 23  LYS A C   1 
ATOM   37   O O   . LYS A 1 23  ? -16.877 -1.634  -0.935  1.00 21.37 ? 23  LYS A O   1 
ATOM   38   C CB  . LYS A 1 23  ? -17.472 1.062   0.834   1.00 27.12 ? 23  LYS A CB  1 
ATOM   39   C CG  . LYS A 1 23  ? -18.429 1.630   1.862   1.00 30.09 ? 23  LYS A CG  1 
ATOM   40   C CD  . LYS A 1 23  ? -18.894 3.019   1.452   1.00 32.80 ? 23  LYS A CD  1 
ATOM   41   C CE  . LYS A 1 23  ? -19.840 3.616   2.480   1.00 35.57 ? 23  LYS A CE  1 
ATOM   42   N NZ  . LYS A 1 23  ? -21.061 2.782   2.671   1.00 37.06 ? 23  LYS A NZ  1 
ATOM   43   N N   . VAL A 1 24  ? -15.026 -0.550  -0.237  1.00 22.57 ? 24  VAL A N   1 
ATOM   44   C CA  . VAL A 1 24  ? -14.203 -0.991  -1.356  1.00 21.58 ? 24  VAL A CA  1 
ATOM   45   C C   . VAL A 1 24  ? -14.077 -2.508  -1.358  1.00 20.19 ? 24  VAL A C   1 
ATOM   46   O O   . VAL A 1 24  ? -14.220 -3.148  -2.400  1.00 19.54 ? 24  VAL A O   1 
ATOM   47   C CB  . VAL A 1 24  ? -12.796 -0.357  -1.278  1.00 23.24 ? 24  VAL A CB  1 
ATOM   48   C CG1 . VAL A 1 24  ? -11.878 -0.980  -2.314  1.00 25.10 ? 24  VAL A CG1 1 
ATOM   49   C CG2 . VAL A 1 24  ? -12.901 1.137   -1.500  1.00 23.37 ? 24  VAL A CG2 1 
ATOM   50   N N   . LEU A 1 25  ? -13.822 -3.078  -0.182  1.00 19.47 ? 25  LEU A N   1 
ATOM   51   C CA  . LEU A 1 25  ? -13.670 -4.522  -0.037  1.00 20.68 ? 25  LEU A CA  1 
ATOM   52   C C   . LEU A 1 25  ? -14.963 -5.280  -0.309  1.00 22.23 ? 25  LEU A C   1 
ATOM   53   O O   . LEU A 1 25  ? -14.938 -6.417  -0.781  1.00 22.66 ? 25  LEU A O   1 
ATOM   54   C CB  . LEU A 1 25  ? -13.161 -4.863  1.366   1.00 21.74 ? 25  LEU A CB  1 
ATOM   55   C CG  . LEU A 1 25  ? -11.657 -4.747  1.630   1.00 22.25 ? 25  LEU A CG  1 
ATOM   56   C CD1 . LEU A 1 25  ? -10.932 -5.850  0.869   1.00 25.09 ? 25  LEU A CD1 1 
ATOM   57   C CD2 . LEU A 1 25  ? -11.142 -3.388  1.207   1.00 26.02 ? 25  LEU A CD2 1 
ATOM   58   N N   . ALA A 1 26  ? -16.094 -4.661  0.005   1.00 22.55 ? 26  ALA A N   1 
ATOM   59   C CA  . ALA A 1 26  ? -17.378 -5.303  -0.234  1.00 23.66 ? 26  ALA A CA  1 
ATOM   60   C C   . ALA A 1 26  ? -17.584 -5.411  -1.739  1.00 24.27 ? 26  ALA A C   1 
ATOM   61   O O   . ALA A 1 26  ? -18.052 -6.431  -2.243  1.00 25.90 ? 26  ALA A O   1 
ATOM   62   C CB  . ALA A 1 26  ? -18.505 -4.490  0.395   1.00 22.62 ? 26  ALA A CB  1 
ATOM   63   N N   . ARG A 1 27  ? -17.231 -4.349  -2.455  1.00 24.15 ? 27  ARG A N   1 
ATOM   64   C CA  . ARG A 1 27  ? -17.378 -4.331  -3.902  1.00 25.43 ? 27  ARG A CA  1 
ATOM   65   C C   . ARG A 1 27  ? -16.461 -5.363  -4.542  1.00 24.42 ? 27  ARG A C   1 
ATOM   66   O O   . ARG A 1 27  ? -16.876 -6.119  -5.417  1.00 24.47 ? 27  ARG A O   1 
ATOM   67   C CB  . ARG A 1 27  ? -17.063 -2.935  -4.457  1.00 27.46 ? 27  ARG A CB  1 
ATOM   68   C CG  . ARG A 1 27  ? -18.116 -1.885  -4.107  1.00 32.09 ? 27  ARG A CG  1 
ATOM   69   C CD  . ARG A 1 27  ? -17.983 -0.643  -4.974  1.00 34.33 ? 27  ARG A CD  1 
ATOM   70   N NE  . ARG A 1 27  ? -16.830 0.175   -4.616  1.00 36.77 ? 27  ARG A NE  1 
ATOM   71   C CZ  . ARG A 1 27  ? -16.813 1.054   -3.618  1.00 37.07 ? 27  ARG A CZ  1 
ATOM   72   N NH1 . ARG A 1 27  ? -17.891 1.237   -2.868  1.00 38.08 ? 27  ARG A NH1 1 
ATOM   73   N NH2 . ARG A 1 27  ? -15.714 1.753   -3.371  1.00 36.72 ? 27  ARG A NH2 1 
ATOM   74   N N   . ILE A 1 28  ? -15.212 -5.396  -4.090  1.00 23.01 ? 28  ILE A N   1 
ATOM   75   C CA  . ILE A 1 28  ? -14.230 -6.336  -4.617  1.00 22.06 ? 28  ILE A CA  1 
ATOM   76   C C   . ILE A 1 28  ? -14.623 -7.788  -4.352  1.00 22.61 ? 28  ILE A C   1 
ATOM   77   O O   . ILE A 1 28  ? -14.333 -8.670  -5.158  1.00 21.91 ? 28  ILE A O   1 
ATOM   78   C CB  . ILE A 1 28  ? -12.837 -6.058  -4.009  1.00 22.78 ? 28  ILE A CB  1 
ATOM   79   C CG1 . ILE A 1 28  ? -12.334 -4.699  -4.497  1.00 22.05 ? 28  ILE A CG1 1 
ATOM   80   C CG2 . ILE A 1 28  ? -11.861 -7.168  -4.377  1.00 21.63 ? 28  ILE A CG2 1 
ATOM   81   C CD1 . ILE A 1 28  ? -11.027 -4.260  -3.871  1.00 23.24 ? 28  ILE A CD1 1 
ATOM   82   N N   . ASN A 1 29  ? -15.290 -8.031  -3.228  1.00 21.35 ? 29  ASN A N   1 
ATOM   83   C CA  . ASN A 1 29  ? -15.710 -9.384  -2.872  1.00 22.29 ? 29  ASN A CA  1 
ATOM   84   C C   . ASN A 1 29  ? -17.060 -9.785  -3.467  1.00 22.60 ? 29  ASN A C   1 
ATOM   85   O O   . ASN A 1 29  ? -17.461 -10.944 -3.385  1.00 22.39 ? 29  ASN A O   1 
ATOM   86   C CB  . ASN A 1 29  ? -15.751 -9.534  -1.348  1.00 21.07 ? 29  ASN A CB  1 
ATOM   87   C CG  . ASN A 1 29  ? -14.384 -9.805  -0.755  1.00 22.33 ? 29  ASN A CG  1 
ATOM   88   O OD1 . ASN A 1 29  ? -13.869 -10.921 -0.841  1.00 25.22 ? 29  ASN A OD1 1 
ATOM   89   N ND2 . ASN A 1 29  ? -13.782 -8.785  -0.156  1.00 21.40 ? 29  ASN A ND2 1 
ATOM   90   N N   . ARG A 1 30  ? -17.760 -8.833  -4.071  1.00 24.21 ? 30  ARG A N   1 
ATOM   91   C CA  . ARG A 1 30  ? -19.061 -9.127  -4.661  1.00 25.81 ? 30  ARG A CA  1 
ATOM   92   C C   . ARG A 1 30  ? -19.000 -10.247 -5.708  1.00 25.44 ? 30  ARG A C   1 
ATOM   93   O O   . ARG A 1 30  ? -19.798 -11.185 -5.661  1.00 25.47 ? 30  ARG A O   1 
ATOM   94   C CB  . ARG A 1 30  ? -19.652 -7.857  -5.279  1.00 29.29 ? 30  ARG A CB  1 
ATOM   95   C CG  . ARG A 1 30  ? -21.072 -8.009  -5.785  1.00 32.74 ? 30  ARG A CG  1 
ATOM   96   C CD  . ARG A 1 30  ? -21.632 -6.669  -6.240  1.00 36.84 ? 30  ARG A CD  1 
ATOM   97   N NE  . ARG A 1 30  ? -23.018 -6.769  -6.693  1.00 40.40 ? 30  ARG A NE  1 
ATOM   98   C CZ  . ARG A 1 30  ? -24.028 -7.167  -5.926  1.00 41.10 ? 30  ARG A CZ  1 
ATOM   99   N NH1 . ARG A 1 30  ? -23.809 -7.505  -4.663  1.00 44.20 ? 30  ARG A NH1 1 
ATOM   100  N NH2 . ARG A 1 30  ? -25.257 -7.222  -6.418  1.00 42.06 ? 30  ARG A NH2 1 
ATOM   101  N N   . PRO A 1 31  ? -18.053 -10.169 -6.664  1.00 24.11 ? 31  PRO A N   1 
ATOM   102  C CA  . PRO A 1 31  ? -17.935 -11.209 -7.700  1.00 23.13 ? 31  PRO A CA  1 
ATOM   103  C C   . PRO A 1 31  ? -17.756 -12.603 -7.092  1.00 22.57 ? 31  PRO A C   1 
ATOM   104  O O   . PRO A 1 31  ? -16.966 -12.783 -6.169  1.00 21.53 ? 31  PRO A O   1 
ATOM   105  C CB  . PRO A 1 31  ? -16.707 -10.765 -8.498  1.00 22.62 ? 31  PRO A CB  1 
ATOM   106  C CG  . PRO A 1 31  ? -16.714 -9.279  -8.335  1.00 23.30 ? 31  PRO A CG  1 
ATOM   107  C CD  . PRO A 1 31  ? -17.047 -9.113  -6.872  1.00 22.74 ? 31  PRO A CD  1 
ATOM   108  N N   . SER A 1 32  ? -18.475 -13.591 -7.617  1.00 23.30 ? 32  SER A N   1 
ATOM   109  C CA  . SER A 1 32  ? -18.389 -14.948 -7.086  1.00 21.99 ? 32  SER A CA  1 
ATOM   110  C C   . SER A 1 32  ? -17.006 -15.583 -7.215  1.00 22.22 ? 32  SER A C   1 
ATOM   111  O O   . SER A 1 32  ? -16.636 -16.447 -6.417  1.00 19.61 ? 32  SER A O   1 
ATOM   112  C CB  . SER A 1 32  ? -19.423 -15.856 -7.763  1.00 25.86 ? 32  SER A CB  1 
ATOM   113  O OG  . SER A 1 32  ? -19.133 -16.058 -9.138  1.00 27.18 ? 32  SER A OG  1 
ATOM   114  N N   . LYS A 1 33  ? -16.233 -15.143 -8.200  1.00 21.04 ? 33  LYS A N   1 
ATOM   115  C CA  . LYS A 1 33  ? -14.914 -15.718 -8.419  1.00 20.68 ? 33  LYS A CA  1 
ATOM   116  C C   . LYS A 1 33  ? -13.758 -14.987 -7.749  1.00 19.88 ? 33  LYS A C   1 
ATOM   117  O O   . LYS A 1 33  ? -12.595 -15.307 -7.993  1.00 20.29 ? 33  LYS A O   1 
ATOM   118  C CB  . LYS A 1 33  ? -14.664 -15.843 -9.921  1.00 20.30 ? 33  LYS A CB  1 
ATOM   119  C CG  . LYS A 1 33  ? -15.637 -16.804 -10.585 1.00 21.09 ? 33  LYS A CG  1 
ATOM   120  C CD  . LYS A 1 33  ? -15.322 -17.031 -12.039 1.00 20.94 ? 33  LYS A CD  1 
ATOM   121  C CE  . LYS A 1 33  ? -16.231 -18.116 -12.613 1.00 24.05 ? 33  LYS A CE  1 
ATOM   122  N NZ  . LYS A 1 33  ? -15.883 -18.435 -14.020 1.00 25.11 ? 33  LYS A NZ  1 
ATOM   123  N N   . ILE A 1 34  ? -14.077 -14.019 -6.896  1.00 19.00 ? 34  ILE A N   1 
ATOM   124  C CA  . ILE A 1 34  ? -13.047 -13.265 -6.188  1.00 17.88 ? 34  ILE A CA  1 
ATOM   125  C C   . ILE A 1 34  ? -13.290 -13.289 -4.680  1.00 20.16 ? 34  ILE A C   1 
ATOM   126  O O   . ILE A 1 34  ? -14.412 -13.084 -4.222  1.00 20.16 ? 34  ILE A O   1 
ATOM   127  C CB  . ILE A 1 34  ? -13.033 -11.789 -6.629  1.00 17.48 ? 34  ILE A CB  1 
ATOM   128  C CG1 . ILE A 1 34  ? -12.812 -11.690 -8.136  1.00 15.64 ? 34  ILE A CG1 1 
ATOM   129  C CG2 . ILE A 1 34  ? -11.942 -11.038 -5.886  1.00 17.01 ? 34  ILE A CG2 1 
ATOM   130  C CD1 . ILE A 1 34  ? -12.917 -10.269 -8.672  1.00 18.48 ? 34  ILE A CD1 1 
ATOM   131  N N   . VAL A 1 35  ? -12.231 -13.539 -3.919  1.00 20.80 ? 35  VAL A N   1 
ATOM   132  C CA  . VAL A 1 35  ? -12.302 -13.565 -2.465  1.00 22.17 ? 35  VAL A CA  1 
ATOM   133  C C   . VAL A 1 35  ? -11.016 -12.952 -1.921  1.00 21.44 ? 35  VAL A C   1 
ATOM   134  O O   . VAL A 1 35  ? -9.927  -13.459 -2.184  1.00 20.42 ? 35  VAL A O   1 
ATOM   135  C CB  . VAL A 1 35  ? -12.422 -15.005 -1.929  1.00 21.88 ? 35  VAL A CB  1 
ATOM   136  C CG1 . VAL A 1 35  ? -12.457 -14.990 -0.410  1.00 24.51 ? 35  VAL A CG1 1 
ATOM   137  C CG2 . VAL A 1 35  ? -13.676 -15.663 -2.481  1.00 25.12 ? 35  VAL A CG2 1 
ATOM   138  N N   . SER A 1 36  ? -11.130 -11.857 -1.175  1.00 21.75 ? 36  SER A N   1 
ATOM   139  C CA  . SER A 1 36  ? -9.941  -11.230 -0.618  1.00 21.85 ? 36  SER A CA  1 
ATOM   140  C C   . SER A 1 36  ? -9.543  -11.949 0.667   1.00 23.64 ? 36  SER A C   1 
ATOM   141  O O   . SER A 1 36  ? -10.398 -12.313 1.480   1.00 24.51 ? 36  SER A O   1 
ATOM   142  C CB  . SER A 1 36  ? -10.180 -9.733  -0.354  1.00 21.26 ? 36  SER A CB  1 
ATOM   143  O OG  . SER A 1 36  ? -11.210 -9.511  0.591   1.00 22.65 ? 36  SER A OG  1 
ATOM   144  N N   . THR A 1 37  ? -8.244  -12.175 0.830   1.00 23.33 ? 37  THR A N   1 
ATOM   145  C CA  . THR A 1 37  ? -7.726  -12.854 2.013   1.00 25.75 ? 37  THR A CA  1 
ATOM   146  C C   . THR A 1 37  ? -7.054  -11.854 2.947   1.00 26.53 ? 37  THR A C   1 
ATOM   147  O O   . THR A 1 37  ? -7.023  -12.046 4.162   1.00 27.67 ? 37  THR A O   1 
ATOM   148  C CB  . THR A 1 37  ? -6.698  -13.946 1.634   1.00 25.77 ? 37  THR A CB  1 
ATOM   149  O OG1 . THR A 1 37  ? -5.639  -13.362 0.866   1.00 26.41 ? 37  THR A OG1 1 
ATOM   150  C CG2 . THR A 1 37  ? -7.363  -15.050 0.820   1.00 25.32 ? 37  THR A CG2 1 
ATOM   151  N N   . SER A 1 38  ? -6.512  -10.785 2.373   1.00 26.30 ? 38  SER A N   1 
ATOM   152  C CA  . SER A 1 38  ? -5.857  -9.759  3.170   1.00 27.28 ? 38  SER A CA  1 
ATOM   153  C C   . SER A 1 38  ? -5.736  -8.462  2.384   1.00 26.22 ? 38  SER A C   1 
ATOM   154  O O   . SER A 1 38  ? -5.718  -8.465  1.154   1.00 25.57 ? 38  SER A O   1 
ATOM   155  C CB  . SER A 1 38  ? -4.467  -10.228 3.616   1.00 28.02 ? 38  SER A CB  1 
ATOM   156  O OG  . SER A 1 38  ? -3.584  -10.353 2.517   1.00 33.25 ? 38  SER A OG  1 
ATOM   157  N N   . SER A 1 39  ? -5.657  -7.350  3.100   1.00 23.68 ? 39  SER A N   1 
ATOM   158  C CA  . SER A 1 39  ? -5.547  -6.063  2.442   1.00 23.14 ? 39  SER A CA  1 
ATOM   159  C C   . SER A 1 39  ? -4.911  -5.023  3.348   1.00 22.31 ? 39  SER A C   1 
ATOM   160  O O   . SER A 1 39  ? -4.913  -5.158  4.568   1.00 21.57 ? 39  SER A O   1 
ATOM   161  C CB  . SER A 1 39  ? -6.929  -5.574  2.019   1.00 24.85 ? 39  SER A CB  1 
ATOM   162  O OG  . SER A 1 39  ? -7.720  -5.267  3.152   1.00 23.99 ? 39  SER A OG  1 
ATOM   163  N N   . CYS A 1 40  ? -4.355  -3.995  2.723   1.00 21.06 ? 40  CYS A N   1 
ATOM   164  C CA  . CYS A 1 40  ? -3.735  -2.881  3.422   1.00 21.58 ? 40  CYS A CA  1 
ATOM   165  C C   . CYS A 1 40  ? -4.176  -1.658  2.635   1.00 21.49 ? 40  CYS A C   1 
ATOM   166  O O   . CYS A 1 40  ? -3.961  -1.588  1.427   1.00 23.39 ? 40  CYS A O   1 
ATOM   167  C CB  . CYS A 1 40  ? -2.212  -2.993  3.396   1.00 21.07 ? 40  CYS A CB  1 
ATOM   168  S SG  . CYS A 1 40  ? -1.360  -1.523  4.058   1.00 23.83 ? 40  CYS A SG  1 
ATOM   169  N N   . THR A 1 41  ? -4.796  -0.702  3.315   1.00 19.14 ? 41  THR A N   1 
ATOM   170  C CA  . THR A 1 41  ? -5.288  0.500   2.655   1.00 18.79 ? 41  THR A CA  1 
ATOM   171  C C   . THR A 1 41  ? -4.192  1.513   2.347   1.00 17.52 ? 41  THR A C   1 
ATOM   172  O O   . THR A 1 41  ? -4.465  2.608   1.860   1.00 18.44 ? 41  THR A O   1 
ATOM   173  C CB  . THR A 1 41  ? -6.355  1.184   3.523   1.00 21.67 ? 41  THR A CB  1 
ATOM   174  O OG1 . THR A 1 41  ? -5.778  1.552   4.781   1.00 22.76 ? 41  THR A OG1 1 
ATOM   175  C CG2 . THR A 1 41  ? -7.517  0.236   3.772   1.00 23.19 ? 41  THR A CG2 1 
ATOM   176  N N   . GLY A 1 42  ? -2.948  1.141   2.618   1.00 15.70 ? 42  GLY A N   1 
ATOM   177  C CA  . GLY A 1 42  ? -1.851  2.056   2.372   1.00 12.81 ? 42  GLY A CA  1 
ATOM   178  C C   . GLY A 1 42  ? -1.385  2.536   3.724   1.00 13.27 ? 42  GLY A C   1 
ATOM   179  O O   . GLY A 1 42  ? -2.196  2.685   4.634   1.00 11.49 ? 42  GLY A O   1 
ATOM   180  N N   . ARG A 1 43  ? -0.092  2.783   3.876   1.00 10.32 ? 43  ARG A N   1 
ATOM   181  C CA  . ARG A 1 43  ? 0.393   3.218   5.172   1.00 13.16 ? 43  ARG A CA  1 
ATOM   182  C C   . ARG A 1 43  ? 1.677   4.015   5.120   1.00 13.03 ? 43  ARG A C   1 
ATOM   183  O O   . ARG A 1 43  ? 2.423   3.968   4.143   1.00 11.41 ? 43  ARG A O   1 
ATOM   184  C CB  . ARG A 1 43  ? 0.606   2.000   6.067   1.00 14.18 ? 43  ARG A CB  1 
ATOM   185  C CG  . ARG A 1 43  ? 1.686   1.065   5.573   1.00 17.95 ? 43  ARG A CG  1 
ATOM   186  C CD  . ARG A 1 43  ? 1.817   -0.136  6.491   1.00 22.26 ? 43  ARG A CD  1 
ATOM   187  N NE  . ARG A 1 43  ? 3.106   -0.803  6.344   1.00 26.91 ? 43  ARG A NE  1 
ATOM   188  C CZ  . ARG A 1 43  ? 3.537   -1.769  7.150   1.00 28.21 ? 43  ARG A CZ  1 
ATOM   189  N NH1 . ARG A 1 43  ? 2.776   -2.181  8.157   1.00 29.30 ? 43  ARG A NH1 1 
ATOM   190  N NH2 . ARG A 1 43  ? 4.730   -2.314  6.961   1.00 29.30 ? 43  ARG A NH2 1 
ATOM   191  N N   . ILE A 1 44  ? 1.917   4.761   6.192   1.00 11.34 ? 44  ILE A N   1 
ATOM   192  C CA  . ILE A 1 44  ? 3.136   5.540   6.324   1.00 11.47 ? 44  ILE A CA  1 
ATOM   193  C C   . ILE A 1 44  ? 3.890   4.868   7.459   1.00 12.57 ? 44  ILE A C   1 
ATOM   194  O O   . ILE A 1 44  ? 3.332   4.637   8.531   1.00 11.90 ? 44  ILE A O   1 
ATOM   195  C CB  . ILE A 1 44  ? 2.851   7.015   6.707   1.00 9.92  ? 44  ILE A CB  1 
ATOM   196  C CG1 . ILE A 1 44  ? 2.108   7.718   5.564   1.00 10.64 ? 44  ILE A CG1 1 
ATOM   197  C CG2 . ILE A 1 44  ? 4.164   7.728   7.005   1.00 12.08 ? 44  ILE A CG2 1 
ATOM   198  C CD1 . ILE A 1 44  ? 1.657   9.144   5.894   1.00 8.67  ? 44  ILE A CD1 1 
ATOM   199  N N   . THR A 1 45  ? 5.153   4.528   7.229   1.00 11.80 ? 45  THR A N   1 
ATOM   200  C CA  . THR A 1 45  ? 5.918   3.885   8.277   1.00 12.70 ? 45  THR A CA  1 
ATOM   201  C C   . THR A 1 45  ? 7.274   4.536   8.447   1.00 13.49 ? 45  THR A C   1 
ATOM   202  O O   . THR A 1 45  ? 7.766   5.236   7.561   1.00 11.80 ? 45  THR A O   1 
ATOM   203  C CB  . THR A 1 45  ? 6.148   2.385   7.985   1.00 14.46 ? 45  THR A CB  1 
ATOM   204  O OG1 . THR A 1 45  ? 6.899   2.246   6.772   1.00 13.39 ? 45  THR A OG1 1 
ATOM   205  C CG2 . THR A 1 45  ? 4.823   1.654   7.836   1.00 13.12 ? 45  THR A CG2 1 
ATOM   206  N N   . LEU A 1 46  ? 7.845   4.330   9.626   1.00 12.33 ? 46  LEU A N   1 
ATOM   207  C CA  . LEU A 1 46  ? 9.177   4.804   9.953   1.00 13.11 ? 46  LEU A CA  1 
ATOM   208  C C   . LEU A 1 46  ? 9.851   3.468   10.249  1.00 13.89 ? 46  LEU A C   1 
ATOM   209  O O   . LEU A 1 46  ? 9.500   2.773   11.199  1.00 12.94 ? 46  LEU A O   1 
ATOM   210  C CB  . LEU A 1 46  ? 9.142   5.730   11.176  1.00 14.40 ? 46  LEU A CB  1 
ATOM   211  C CG  . LEU A 1 46  ? 8.677   7.142   10.776  1.00 16.64 ? 46  LEU A CG  1 
ATOM   212  C CD1 . LEU A 1 46  ? 8.105   7.894   11.964  1.00 18.23 ? 46  LEU A CD1 1 
ATOM   213  C CD2 . LEU A 1 46  ? 9.847   7.900   10.167  1.00 17.26 ? 46  LEU A CD2 1 
ATOM   214  N N   . ILE A 1 47  ? 10.785  3.096   9.384   1.00 15.09 ? 47  ILE A N   1 
ATOM   215  C CA  . ILE A 1 47  ? 11.472  1.823   9.488   1.00 16.97 ? 47  ILE A CA  1 
ATOM   216  C C   . ILE A 1 47  ? 12.922  2.006   9.893   1.00 16.85 ? 47  ILE A C   1 
ATOM   217  O O   . ILE A 1 47  ? 13.630  2.838   9.327   1.00 15.76 ? 47  ILE A O   1 
ATOM   218  C CB  . ILE A 1 47  ? 11.396  1.079   8.130   1.00 17.52 ? 47  ILE A CB  1 
ATOM   219  C CG1 . ILE A 1 47  ? 9.931   0.808   7.787   1.00 18.20 ? 47  ILE A CG1 1 
ATOM   220  C CG2 . ILE A 1 47  ? 12.178  -0.233  8.187   1.00 16.65 ? 47  ILE A CG2 1 
ATOM   221  C CD1 . ILE A 1 47  ? 9.716   0.330   6.376   1.00 20.63 ? 47  ILE A CD1 1 
ATOM   222  N N   . GLU A 1 48  ? 13.355  1.229   10.880  1.00 18.01 ? 48  GLU A N   1 
ATOM   223  C CA  . GLU A 1 48  ? 14.732  1.304   11.359  1.00 19.26 ? 48  GLU A CA  1 
ATOM   224  C C   . GLU A 1 48  ? 15.607  0.322   10.586  1.00 19.33 ? 48  GLU A C   1 
ATOM   225  O O   . GLU A 1 48  ? 15.140  -0.732  10.159  1.00 19.90 ? 48  GLU A O   1 
ATOM   226  C CB  . GLU A 1 48  ? 14.797  0.984   12.864  1.00 22.98 ? 48  GLU A CB  1 
ATOM   227  C CG  . GLU A 1 48  ? 13.951  -0.219  13.296  1.00 25.15 ? 48  GLU A CG  1 
ATOM   228  C CD  . GLU A 1 48  ? 14.492  -0.925  14.541  1.00 29.73 ? 48  GLU A CD  1 
ATOM   229  O OE1 . GLU A 1 48  ? 15.653  -1.376  14.510  1.00 27.66 ? 48  GLU A OE1 1 
ATOM   230  O OE2 . GLU A 1 48  ? 13.757  -1.037  15.547  1.00 31.97 ? 48  GLU A OE2 1 
ATOM   231  N N   . GLY A 1 49  ? 16.871  0.674   10.395  1.00 17.67 ? 49  GLY A N   1 
ATOM   232  C CA  . GLY A 1 49  ? 17.777  -0.208  9.680   1.00 21.49 ? 49  GLY A CA  1 
ATOM   233  C C   . GLY A 1 49  ? 18.200  0.274   8.305   1.00 22.12 ? 49  GLY A C   1 
ATOM   234  O O   . GLY A 1 49  ? 17.571  1.151   7.714   1.00 22.23 ? 49  GLY A O   1 
ATOM   235  N N   . GLU A 1 50  ? 19.278  -0.310  7.792   1.00 23.15 ? 50  GLU A N   1 
ATOM   236  C CA  . GLU A 1 50  ? 19.800  0.054   6.483   1.00 24.22 ? 50  GLU A CA  1 
ATOM   237  C C   . GLU A 1 50  ? 18.836  -0.283  5.354   1.00 24.91 ? 50  GLU A C   1 
ATOM   238  O O   . GLU A 1 50  ? 18.752  0.442   4.362   1.00 24.01 ? 50  GLU A O   1 
ATOM   239  C CB  . GLU A 1 50  ? 21.135  -0.652  6.245   1.00 27.49 ? 50  GLU A CB  1 
ATOM   240  C CG  . GLU A 1 50  ? 22.279  -0.079  7.055   1.00 31.69 ? 50  GLU A CG  1 
ATOM   241  C CD  . GLU A 1 50  ? 23.536  -0.915  6.954   1.00 34.91 ? 50  GLU A CD  1 
ATOM   242  O OE1 . GLU A 1 50  ? 23.829  -1.415  5.847   1.00 36.78 ? 50  GLU A OE1 1 
ATOM   243  O OE2 . GLU A 1 50  ? 24.236  -1.063  7.979   1.00 37.41 ? 50  GLU A OE2 1 
ATOM   244  N N   . ALA A 1 51  ? 18.110  -1.383  5.506   1.00 24.02 ? 51  ALA A N   1 
ATOM   245  C CA  . ALA A 1 51  ? 17.153  -1.782  4.487   1.00 25.36 ? 51  ALA A CA  1 
ATOM   246  C C   . ALA A 1 51  ? 15.714  -1.565  4.958   1.00 25.08 ? 51  ALA A C   1 
ATOM   247  O O   . ALA A 1 51  ? 15.353  -1.811  6.102   1.00 27.96 ? 51  ALA A O   1 
ATOM   248  C CB  . ALA A 1 51  ? 17.382  -3.262  4.185   1.00 24.83 ? 51  ALA A CB  1 
ATOM   249  N N   . HIS A 1 52  ? 14.886  -1.042  4.037   1.00 23.45 ? 52  HIS A N   1 
ATOM   250  C CA  . HIS A 1 52  ? 13.489  -0.832  4.387   1.00 22.68 ? 52  HIS A CA  1 
ATOM   251  C C   . HIS A 1 52  ? 12.578  -1.906  3.780   1.00 24.16 ? 52  HIS A C   1 
ATOM   252  O O   . HIS A 1 52  ? 11.383  -1.975  4.039   1.00 24.22 ? 52  HIS A O   1 
ATOM   253  C CB  . HIS A 1 52  ? 13.076  0.565   3.912   1.00 22.09 ? 52  HIS A CB  1 
ATOM   254  C CG  . HIS A 1 52  ? 13.028  0.607   2.407   1.00 20.99 ? 52  HIS A CG  1 
ATOM   255  N ND1 . HIS A 1 52  ? 12.074  -0.021  1.680   1.00 21.54 ? 52  HIS A ND1 1 
ATOM   256  C CD2 . HIS A 1 52  ? 13.838  1.344   1.531   1.00 20.67 ? 52  HIS A CD2 1 
ATOM   257  C CE1 . HIS A 1 52  ? 12.296  0.337   0.401   1.00 20.74 ? 52  HIS A CE1 1 
ATOM   258  N NE2 . HIS A 1 52  ? 13.347  1.154   0.281   1.00 20.70 ? 52  HIS A NE2 1 
ATOM   259  N N   . TRP A 1 53  ? 13.187  -2.758  2.926   1.00 23.03 ? 53  TRP A N   1 
ATOM   260  C CA  . TRP A 1 53  ? 12.400  -3.764  2.215   1.00 24.87 ? 53  TRP A CA  1 
ATOM   261  C C   . TRP A 1 53  ? 12.426  -5.132  2.913   1.00 28.43 ? 53  TRP A C   1 
ATOM   262  O O   . TRP A 1 53  ? 12.181  -6.176  2.323   1.00 28.78 ? 53  TRP A O   1 
ATOM   263  C CB  . TRP A 1 53  ? 12.958  -3.879  0.793   1.00 22.68 ? 53  TRP A CB  1 
ATOM   264  C CG  . TRP A 1 53  ? 14.430  -4.057  0.821   1.00 19.96 ? 53  TRP A CG  1 
ATOM   265  C CD1 . TRP A 1 53  ? 15.127  -5.277  0.955   1.00 20.13 ? 53  TRP A CD1 1 
ATOM   266  C CD2 . TRP A 1 53  ? 15.439  -3.026  0.662   1.00 18.84 ? 53  TRP A CD2 1 
ATOM   267  N NE1 . TRP A 1 53  ? 16.478  -5.115  0.898   1.00 19.47 ? 53  TRP A NE1 1 
ATOM   268  C CE2 . TRP A 1 53  ? 16.706  -3.660  0.725   1.00 18.82 ? 53  TRP A CE2 1 
ATOM   269  C CE3 . TRP A 1 53  ? 15.378  -1.647  0.490   1.00 19.67 ? 53  TRP A CE3 1 
ATOM   270  C CZ2 . TRP A 1 53  ? 17.865  -2.911  0.624   1.00 18.24 ? 53  TRP A CZ2 1 
ATOM   271  C CZ3 . TRP A 1 53  ? 16.537  -0.896  0.383   1.00 19.17 ? 53  TRP A CZ3 1 
ATOM   272  C CH2 . TRP A 1 53  ? 17.790  -1.531  0.460   1.00 19.62 ? 53  TRP A CH2 1 
ATOM   273  N N   . LEU A 1 54  ? 12.719  -5.137  4.211   1.00 30.52 ? 54  LEU A N   1 
ATOM   274  C CA  . LEU A 1 54  ? 12.764  -6.362  5.006   1.00 33.89 ? 54  LEU A CA  1 
ATOM   275  C C   . LEU A 1 54  ? 13.989  -7.199  4.653   1.00 35.54 ? 54  LEU A C   1 
ATOM   276  O O   . LEU A 1 54  ? 15.081  -6.971  5.174   1.00 36.70 ? 54  LEU A O   1 
ATOM   277  C CB  . LEU A 1 54  ? 11.489  -7.185  4.787   1.00 34.97 ? 54  LEU A CB  1 
ATOM   278  C CG  . LEU A 1 54  ? 10.157  -6.445  4.958   1.00 36.93 ? 54  LEU A CG  1 
ATOM   279  C CD1 . LEU A 1 54  ? 9.000   -7.367  4.597   1.00 36.81 ? 54  LEU A CD1 1 
ATOM   280  C CD2 . LEU A 1 54  ? 10.024  -5.949  6.392   1.00 38.47 ? 54  LEU A CD2 1 
ATOM   281  N N   . ARG A 1 59  ? 12.979  -3.514  11.558  1.00 33.51 ? 59  ARG A N   1 
ATOM   282  C CA  . ARG A 1 59  ? 11.542  -3.471  11.316  1.00 31.86 ? 59  ARG A CA  1 
ATOM   283  C C   . ARG A 1 59  ? 10.958  -2.092  11.635  1.00 29.29 ? 59  ARG A C   1 
ATOM   284  O O   . ARG A 1 59  ? 11.603  -1.064  11.477  1.00 27.21 ? 59  ARG A O   1 
ATOM   285  C CB  . ARG A 1 59  ? 10.879  -4.534  12.193  1.00 33.74 ? 59  ARG A CB  1 
ATOM   286  C CG  . ARG A 1 59  ? 9.834   -5.348  11.430  1.00 37.90 ? 59  ARG A CG  1 
ATOM   287  C CD  . ARG A 1 59  ? 8.408   -5.042  11.902  1.00 40.92 ? 59  ARG A CD  1 
ATOM   288  N NE  . ARG A 1 59  ? 7.436   -5.392  10.863  1.00 44.15 ? 59  ARG A NE  1 
ATOM   289  C CZ  . ARG A 1 59  ? 7.363   -6.685  10.497  1.00 45.47 ? 59  ARG A CZ  1 
ATOM   290  N NH1 . ARG A 1 59  ? 8.143   -7.584  11.071  1.00 46.83 ? 59  ARG A NH1 1 
ATOM   291  N NH2 . ARG A 1 59  ? 6.496   -7.054  9.549   1.00 46.40 ? 59  ARG A NH2 1 
ATOM   292  N N   . VAL A 1 60  ? 9.650   -2.191  11.853  1.00 26.59 ? 60  VAL A N   1 
ATOM   293  C CA  . VAL A 1 60  ? 8.800   -1.011  11.907  1.00 24.76 ? 60  VAL A CA  1 
ATOM   294  C C   . VAL A 1 60  ? 8.857   -0.315  13.257  1.00 23.24 ? 60  VAL A C   1 
ATOM   295  O O   . VAL A 1 60  ? 8.423   -0.858  14.272  1.00 25.85 ? 60  VAL A O   1 
ATOM   296  C CB  . VAL A 1 60  ? 7.334   -1.370  11.590  1.00 24.95 ? 60  VAL A CB  1 
ATOM   297  C CG1 . VAL A 1 60  ? 6.497   -0.104  11.508  1.00 26.24 ? 60  VAL A CG1 1 
ATOM   298  C CG2 . VAL A 1 60  ? 7.263   -2.141  10.277  1.00 26.42 ? 60  VAL A CG2 1 
ATOM   299  N N   . ALA A 1 61  ? 9.396   0.898   13.258  1.00 19.63 ? 61  ALA A N   1 
ATOM   300  C CA  . ALA A 1 61  ? 9.503   1.690   14.472  1.00 17.02 ? 61  ALA A CA  1 
ATOM   301  C C   . ALA A 1 61  ? 8.159   2.342   14.764  1.00 16.88 ? 61  ALA A C   1 
ATOM   302  O O   . ALA A 1 61  ? 7.812   2.587   15.919  1.00 17.44 ? 61  ALA A O   1 
ATOM   303  C CB  . ALA A 1 61  ? 10.573  2.762   14.302  1.00 16.82 ? 61  ALA A CB  1 
ATOM   304  N N   . TYR A 1 62  ? 7.406   2.626   13.706  1.00 14.32 ? 62  TYR A N   1 
ATOM   305  C CA  . TYR A 1 62  ? 6.101   3.261   13.842  1.00 14.47 ? 62  TYR A CA  1 
ATOM   306  C C   . TYR A 1 62  ? 5.334   3.127   12.540  1.00 13.88 ? 62  TYR A C   1 
ATOM   307  O O   . TYR A 1 62  ? 5.922   3.157   11.464  1.00 15.10 ? 62  TYR A O   1 
ATOM   308  C CB  . TYR A 1 62  ? 6.256   4.753   14.170  1.00 14.71 ? 62  TYR A CB  1 
ATOM   309  C CG  . TYR A 1 62  ? 4.934   5.466   14.365  1.00 14.80 ? 62  TYR A CG  1 
ATOM   310  C CD1 . TYR A 1 62  ? 4.165   5.243   15.508  1.00 16.30 ? 62  TYR A CD1 1 
ATOM   311  C CD2 . TYR A 1 62  ? 4.429   6.334   13.392  1.00 12.79 ? 62  TYR A CD2 1 
ATOM   312  C CE1 . TYR A 1 62  ? 2.928   5.857   15.678  1.00 16.57 ? 62  TYR A CE1 1 
ATOM   313  C CE2 . TYR A 1 62  ? 3.183   6.960   13.556  1.00 15.57 ? 62  TYR A CE2 1 
ATOM   314  C CZ  . TYR A 1 62  ? 2.441   6.712   14.703  1.00 16.73 ? 62  TYR A CZ  1 
ATOM   315  O OH  . TYR A 1 62  ? 1.209   7.313   14.882  1.00 18.74 ? 62  TYR A OH  1 
ATOM   316  N N   . LYS A 1 63  ? 4.020   2.974   12.635  1.00 15.69 ? 63  LYS A N   1 
ATOM   317  C CA  . LYS A 1 63  ? 3.204   2.874   11.439  1.00 15.99 ? 63  LYS A CA  1 
ATOM   318  C C   . LYS A 1 63  ? 1.847   3.503   11.697  1.00 15.65 ? 63  LYS A C   1 
ATOM   319  O O   . LYS A 1 63  ? 1.355   3.501   12.828  1.00 18.49 ? 63  LYS A O   1 
ATOM   320  C CB  . LYS A 1 63  ? 3.033   1.413   11.017  1.00 18.65 ? 63  LYS A CB  1 
ATOM   321  C CG  . LYS A 1 63  ? 2.076   0.610   11.876  1.00 24.53 ? 63  LYS A CG  1 
ATOM   322  C CD  . LYS A 1 63  ? 1.898   -0.797  11.322  1.00 27.52 ? 63  LYS A CD  1 
ATOM   323  C CE  . LYS A 1 63  ? 0.918   -1.598  12.161  1.00 30.89 ? 63  LYS A CE  1 
ATOM   324  N NZ  . LYS A 1 63  ? 0.704   -2.974  11.627  1.00 32.28 ? 63  LYS A NZ  1 
ATOM   325  N N   . THR A 1 64  ? 1.263   4.065   10.647  1.00 14.52 ? 64  THR A N   1 
ATOM   326  C CA  . THR A 1 64  ? -0.060  4.673   10.693  1.00 14.75 ? 64  THR A CA  1 
ATOM   327  C C   . THR A 1 64  ? -0.758  4.641   9.335   1.00 17.50 ? 64  THR A C   1 
ATOM   328  O O   . THR A 1 64  ? -0.164  4.856   8.286   1.00 18.37 ? 64  THR A O   1 
ATOM   329  C CB  . THR A 1 64  ? 0.093   6.125   11.145  1.00 13.69 ? 64  THR A CB  1 
ATOM   330  O OG1 . THR A 1 64  ? -1.203  6.722   11.242  1.00 11.74 ? 64  THR A OG1 1 
ATOM   331  C CG2 . THR A 1 64  ? 0.928   6.909   10.128  1.00 13.08 ? 64  THR A CG2 1 
ATOM   332  N N   . HIS A 1 65  ? -2.062  4.316   9.380   1.00 17.15 ? 65  HIS A N   1 
ATOM   333  C CA  . HIS A 1 65  ? -2.829  4.299   8.142   1.00 18.01 ? 65  HIS A CA  1 
ATOM   334  C C   . HIS A 1 65  ? -3.527  5.636   7.892   1.00 17.42 ? 65  HIS A C   1 
ATOM   335  O O   . HIS A 1 65  ? -4.430  5.753   7.075   1.00 18.49 ? 65  HIS A O   1 
ATOM   336  C CB  . HIS A 1 65  ? -3.886  3.199   8.259   1.00 21.02 ? 65  HIS A CB  1 
ATOM   337  C CG  . HIS A 1 65  ? -3.224  1.849   8.160   1.00 24.59 ? 65  HIS A CG  1 
ATOM   338  N ND1 . HIS A 1 65  ? -2.984  1.222   6.981   1.00 27.00 ? 65  HIS A ND1 1 
ATOM   339  C CD2 . HIS A 1 65  ? -2.777  1.027   9.199   1.00 25.65 ? 65  HIS A CD2 1 
ATOM   340  C CE1 . HIS A 1 65  ? -2.407  0.049   7.305   1.00 26.94 ? 65  HIS A CE1 1 
ATOM   341  N NE2 . HIS A 1 65  ? -2.270  -0.095  8.626   1.00 26.22 ? 65  HIS A NE2 1 
ATOM   342  N N   . HIS A 1 66  ? -3.086  6.658   8.662   1.00 14.88 ? 66  HIS A N   1 
ATOM   343  C CA  . HIS A 1 66  ? -3.614  8.010   8.516   1.00 14.85 ? 66  HIS A CA  1 
ATOM   344  C C   . HIS A 1 66  ? -2.488  9.005   8.221   1.00 13.37 ? 66  HIS A C   1 
ATOM   345  O O   . HIS A 1 66  ? -1.316  8.748   8.467   1.00 13.71 ? 66  HIS A O   1 
ATOM   346  C CB  . HIS A 1 66  ? -4.358  8.392   9.797   1.00 15.02 ? 66  HIS A CB  1 
ATOM   347  C CG  . HIS A 1 66  ? -5.571  7.512   9.956   1.00 16.48 ? 66  HIS A CG  1 
ATOM   348  N ND1 . HIS A 1 66  ? -6.640  7.560   9.124   1.00 19.91 ? 66  HIS A ND1 1 
ATOM   349  C CD2 . HIS A 1 66  ? -5.810  6.540   10.932  1.00 18.60 ? 66  HIS A CD2 1 
ATOM   350  C CE1 . HIS A 1 66  ? -7.503  6.636   9.589   1.00 16.50 ? 66  HIS A CE1 1 
ATOM   351  N NE2 . HIS A 1 66  ? -7.032  6.009   10.671  1.00 19.37 ? 66  HIS A NE2 1 
ATOM   352  N N   . PRO A 1 67  ? -2.796  10.208  7.715   1.00 11.99 ? 67  PRO A N   1 
ATOM   353  C CA  . PRO A 1 67  ? -1.748  11.206  7.490   1.00 12.98 ? 67  PRO A CA  1 
ATOM   354  C C   . PRO A 1 67  ? -0.963  11.383  8.789   1.00 14.58 ? 67  PRO A C   1 
ATOM   355  O O   . PRO A 1 67  ? -1.538  11.387  9.879   1.00 15.01 ? 67  PRO A O   1 
ATOM   356  C CB  . PRO A 1 67  ? -2.551  12.448  7.121   1.00 14.92 ? 67  PRO A CB  1 
ATOM   357  C CG  . PRO A 1 67  ? -3.674  11.863  6.323   1.00 12.78 ? 67  PRO A CG  1 
ATOM   358  C CD  . PRO A 1 67  ? -4.081  10.661  7.147   1.00 13.02 ? 67  PRO A CD  1 
ATOM   359  N N   . ILE A 1 68  ? 0.349   11.538  8.668   1.00 12.64 ? 68  ILE A N   1 
ATOM   360  C CA  . ILE A 1 68  ? 1.201   11.664  9.835   1.00 11.65 ? 68  ILE A CA  1 
ATOM   361  C C   . ILE A 1 68  ? 1.498   13.117  10.210  1.00 12.80 ? 68  ILE A C   1 
ATOM   362  O O   . ILE A 1 68  ? 1.567   14.000  9.347   1.00 11.36 ? 68  ILE A O   1 
ATOM   363  C CB  . ILE A 1 68  ? 2.506   10.867  9.595   1.00 11.97 ? 68  ILE A CB  1 
ATOM   364  C CG1 . ILE A 1 68  ? 3.282   10.697  10.902  1.00 13.26 ? 68  ILE A CG1 1 
ATOM   365  C CG2 . ILE A 1 68  ? 3.341   11.557  8.531   1.00 10.24 ? 68  ILE A CG2 1 
ATOM   366  C CD1 . ILE A 1 68  ? 4.254   9.537   10.855  1.00 12.37 ? 68  ILE A CD1 1 
ATOM   367  N N   . SER A 1 69  ? 1.645   13.355  11.510  1.00 13.11 ? 69  SER A N   1 
ATOM   368  C CA  . SER A 1 69  ? 1.926   14.690  12.022  1.00 14.41 ? 69  SER A CA  1 
ATOM   369  C C   . SER A 1 69  ? 3.405   14.847  12.309  1.00 14.28 ? 69  SER A C   1 
ATOM   370  O O   . SER A 1 69  ? 4.141   13.865  12.416  1.00 12.89 ? 69  SER A O   1 
ATOM   371  C CB  . SER A 1 69  ? 1.136   14.935  13.316  1.00 13.26 ? 69  SER A CB  1 
ATOM   372  O OG  . SER A 1 69  ? 1.618   14.088  14.345  1.00 15.68 ? 69  SER A OG  1 
ATOM   373  N N   . ARG A 1 70  ? 3.847   16.091  12.436  1.00 13.95 ? 70  ARG A N   1 
ATOM   374  C CA  . ARG A 1 70  ? 5.247   16.351  12.718  1.00 15.68 ? 70  ARG A CA  1 
ATOM   375  C C   . ARG A 1 70  ? 5.609   15.737  14.066  1.00 16.18 ? 70  ARG A C   1 
ATOM   376  O O   . ARG A 1 70  ? 6.692   15.173  14.234  1.00 15.19 ? 70  ARG A O   1 
ATOM   377  C CB  . ARG A 1 70  ? 5.510   17.854  12.731  1.00 17.42 ? 70  ARG A CB  1 
ATOM   378  C CG  . ARG A 1 70  ? 6.970   18.225  12.913  1.00 18.41 ? 70  ARG A CG  1 
ATOM   379  C CD  . ARG A 1 70  ? 7.154   19.735  12.905  1.00 22.36 ? 70  ARG A CD  1 
ATOM   380  N NE  . ARG A 1 70  ? 8.154   20.147  11.923  1.00 19.30 ? 70  ARG A NE  1 
ATOM   381  C CZ  . ARG A 1 70  ? 9.450   19.866  12.013  1.00 21.44 ? 70  ARG A CZ  1 
ATOM   382  N NH1 . ARG A 1 70  ? 9.918   19.172  13.045  1.00 21.84 ? 70  ARG A NH1 1 
ATOM   383  N NH2 . ARG A 1 70  ? 10.278  20.271  11.061  1.00 21.73 ? 70  ARG A NH2 1 
ATOM   384  N N   . SER A 1 71  ? 4.688   15.832  15.021  1.00 16.66 ? 71  SER A N   1 
ATOM   385  C CA  . SER A 1 71  ? 4.911   15.286  16.355  1.00 16.56 ? 71  SER A CA  1 
ATOM   386  C C   . SER A 1 71  ? 5.155   13.780  16.332  1.00 14.38 ? 71  SER A C   1 
ATOM   387  O O   . SER A 1 71  ? 6.022   13.282  17.052  1.00 16.08 ? 71  SER A O   1 
ATOM   388  C CB  . SER A 1 71  ? 3.714   15.593  17.259  1.00 18.36 ? 71  SER A CB  1 
ATOM   389  O OG  . SER A 1 71  ? 2.540   14.982  16.759  1.00 25.81 ? 71  SER A OG  1 
ATOM   390  N N   . GLU A 1 72  ? 4.391   13.052  15.522  1.00 13.14 ? 72  GLU A N   1 
ATOM   391  C CA  . GLU A 1 72  ? 4.569   11.602  15.438  1.00 13.38 ? 72  GLU A CA  1 
ATOM   392  C C   . GLU A 1 72  ? 5.966   11.291  14.929  1.00 12.08 ? 72  GLU A C   1 
ATOM   393  O O   . GLU A 1 72  ? 6.615   10.363  15.412  1.00 13.40 ? 72  GLU A O   1 
ATOM   394  C CB  . GLU A 1 72  ? 3.539   10.970  14.497  1.00 13.14 ? 72  GLU A CB  1 
ATOM   395  C CG  . GLU A 1 72  ? 2.108   11.007  15.033  1.00 16.40 ? 72  GLU A CG  1 
ATOM   396  C CD  . GLU A 1 72  ? 1.085   10.724  13.958  1.00 14.70 ? 72  GLU A CD  1 
ATOM   397  O OE1 . GLU A 1 72  ? 0.807   9.537   13.676  1.00 16.06 ? 72  GLU A OE1 1 
ATOM   398  O OE2 . GLU A 1 72  ? 0.571   11.701  13.379  1.00 16.78 ? 72  GLU A OE2 1 
ATOM   399  N N   . VAL A 1 73  ? 6.421   12.062  13.945  1.00 12.01 ? 73  VAL A N   1 
ATOM   400  C CA  . VAL A 1 73  ? 7.752   11.849  13.390  1.00 10.86 ? 73  VAL A CA  1 
ATOM   401  C C   . VAL A 1 73  ? 8.833   12.256  14.378  1.00 12.32 ? 73  VAL A C   1 
ATOM   402  O O   . VAL A 1 73  ? 9.857   11.580  14.501  1.00 13.91 ? 73  VAL A O   1 
ATOM   403  C CB  . VAL A 1 73  ? 7.960   12.630  12.075  1.00 12.00 ? 73  VAL A CB  1 
ATOM   404  C CG1 . VAL A 1 73  ? 9.394   12.459  11.600  1.00 10.96 ? 73  VAL A CG1 1 
ATOM   405  C CG2 . VAL A 1 73  ? 7.008   12.118  11.013  1.00 9.98  ? 73  VAL A CG2 1 
ATOM   406  N N   . GLU A 1 74  ? 8.614   13.355  15.091  1.00 12.36 ? 74  GLU A N   1 
ATOM   407  C CA  . GLU A 1 74  ? 9.605   13.802  16.062  1.00 15.22 ? 74  GLU A CA  1 
ATOM   408  C C   . GLU A 1 74  ? 9.777   12.772  17.178  1.00 15.05 ? 74  GLU A C   1 
ATOM   409  O O   . GLU A 1 74  ? 10.882  12.563  17.669  1.00 15.39 ? 74  GLU A O   1 
ATOM   410  C CB  . GLU A 1 74  ? 9.212   15.161  16.646  1.00 15.21 ? 74  GLU A CB  1 
ATOM   411  C CG  . GLU A 1 74  ? 9.080   16.260  15.602  1.00 21.87 ? 74  GLU A CG  1 
ATOM   412  C CD  . GLU A 1 74  ? 8.663   17.600  16.197  1.00 25.95 ? 74  GLU A CD  1 
ATOM   413  O OE1 . GLU A 1 74  ? 7.806   17.609  17.110  1.00 28.93 ? 74  GLU A OE1 1 
ATOM   414  O OE2 . GLU A 1 74  ? 9.183   18.640  15.740  1.00 28.07 ? 74  GLU A OE2 1 
ATOM   415  N N   . ARG A 1 75  ? 8.686   12.116  17.561  1.00 16.34 ? 75  ARG A N   1 
ATOM   416  C CA  . ARG A 1 75  ? 8.735   11.113  18.617  1.00 18.02 ? 75  ARG A CA  1 
ATOM   417  C C   . ARG A 1 75  ? 9.679   9.975   18.239  1.00 17.56 ? 75  ARG A C   1 
ATOM   418  O O   . ARG A 1 75  ? 10.433  9.474   19.076  1.00 15.90 ? 75  ARG A O   1 
ATOM   419  C CB  . ARG A 1 75  ? 7.334   10.555  18.876  1.00 20.05 ? 75  ARG A CB  1 
ATOM   420  C CG  . ARG A 1 75  ? 7.214   9.662   20.105  1.00 26.45 ? 75  ARG A CG  1 
ATOM   421  C CD  . ARG A 1 75  ? 5.793   9.139   20.218  1.00 29.24 ? 75  ARG A CD  1 
ATOM   422  N NE  . ARG A 1 75  ? 4.828   10.215  19.987  1.00 34.59 ? 75  ARG A NE  1 
ATOM   423  C CZ  . ARG A 1 75  ? 3.717   10.086  19.264  1.00 35.70 ? 75  ARG A CZ  1 
ATOM   424  N NH1 . ARG A 1 75  ? 3.417   8.922   18.699  1.00 34.42 ? 75  ARG A NH1 1 
ATOM   425  N NH2 . ARG A 1 75  ? 2.916   11.129  19.089  1.00 34.93 ? 75  ARG A NH2 1 
ATOM   426  N N   . VAL A 1 76  ? 9.642   9.570   16.975  1.00 16.01 ? 76  VAL A N   1 
ATOM   427  C CA  . VAL A 1 76  ? 10.508  8.491   16.517  1.00 14.64 ? 76  VAL A CA  1 
ATOM   428  C C   . VAL A 1 76  ? 11.948  8.982   16.373  1.00 13.30 ? 76  VAL A C   1 
ATOM   429  O O   . VAL A 1 76  ? 12.895  8.252   16.680  1.00 12.27 ? 76  VAL A O   1 
ATOM   430  C CB  . VAL A 1 76  ? 10.011  7.912   15.172  1.00 13.68 ? 76  VAL A CB  1 
ATOM   431  C CG1 . VAL A 1 76  ? 10.878  6.727   14.765  1.00 13.74 ? 76  VAL A CG1 1 
ATOM   432  C CG2 . VAL A 1 76  ? 8.557   7.486   15.300  1.00 14.01 ? 76  VAL A CG2 1 
ATOM   433  N N   . LEU A 1 77  ? 12.122  10.220  15.917  1.00 12.29 ? 77  LEU A N   1 
ATOM   434  C CA  . LEU A 1 77  ? 13.467  10.765  15.772  1.00 15.44 ? 77  LEU A CA  1 
ATOM   435  C C   . LEU A 1 77  ? 14.149  10.840  17.141  1.00 16.46 ? 77  LEU A C   1 
ATOM   436  O O   . LEU A 1 77  ? 15.361  10.686  17.246  1.00 16.82 ? 77  LEU A O   1 
ATOM   437  C CB  . LEU A 1 77  ? 13.425  12.158  15.134  1.00 17.37 ? 77  LEU A CB  1 
ATOM   438  C CG  . LEU A 1 77  ? 13.053  12.220  13.646  1.00 15.32 ? 77  LEU A CG  1 
ATOM   439  C CD1 . LEU A 1 77  ? 12.895  13.667  13.215  1.00 17.91 ? 77  LEU A CD1 1 
ATOM   440  C CD2 . LEU A 1 77  ? 14.133  11.526  12.809  1.00 15.50 ? 77  LEU A CD2 1 
ATOM   441  N N   . ARG A 1 78  ? 13.369  11.075  18.192  1.00 16.96 ? 78  ARG A N   1 
ATOM   442  C CA  . ARG A 1 78  ? 13.945  11.165  19.530  1.00 18.52 ? 78  ARG A CA  1 
ATOM   443  C C   . ARG A 1 78  ? 14.400  9.802   20.059  1.00 18.82 ? 78  ARG A C   1 
ATOM   444  O O   . ARG A 1 78  ? 15.178  9.727   21.011  1.00 19.42 ? 78  ARG A O   1 
ATOM   445  C CB  . ARG A 1 78  ? 12.941  11.785  20.510  1.00 19.66 ? 78  ARG A CB  1 
ATOM   446  C CG  . ARG A 1 78  ? 12.583  13.240  20.218  1.00 24.22 ? 78  ARG A CG  1 
ATOM   447  C CD  . ARG A 1 78  ? 11.967  13.908  21.449  1.00 26.34 ? 78  ARG A CD  1 
ATOM   448  N NE  . ARG A 1 78  ? 10.796  13.184  21.940  1.00 27.93 ? 78  ARG A NE  1 
ATOM   449  C CZ  . ARG A 1 78  ? 9.554   13.378  21.507  1.00 27.88 ? 78  ARG A CZ  1 
ATOM   450  N NH1 . ARG A 1 78  ? 9.302   14.286  20.572  1.00 25.32 ? 78  ARG A NH1 1 
ATOM   451  N NH2 . ARG A 1 78  ? 8.561   12.654  22.006  1.00 30.44 ? 78  ARG A NH2 1 
ATOM   452  N N   . ARG A 1 79  ? 13.926  8.726   19.439  1.00 18.37 ? 79  ARG A N   1 
ATOM   453  C CA  . ARG A 1 79  ? 14.291  7.387   19.884  1.00 17.73 ? 79  ARG A CA  1 
ATOM   454  C C   . ARG A 1 79  ? 15.727  6.984   19.559  1.00 16.32 ? 79  ARG A C   1 
ATOM   455  O O   . ARG A 1 79  ? 16.191  5.935   19.992  1.00 14.62 ? 79  ARG A O   1 
ATOM   456  C CB  . ARG A 1 79  ? 13.284  6.370   19.342  1.00 18.58 ? 79  ARG A CB  1 
ATOM   457  C CG  . ARG A 1 79  ? 11.947  6.468   20.076  1.00 20.28 ? 79  ARG A CG  1 
ATOM   458  C CD  . ARG A 1 79  ? 10.849  5.681   19.409  1.00 22.05 ? 79  ARG A CD  1 
ATOM   459  N NE  . ARG A 1 79  ? 11.122  4.251   19.379  1.00 25.88 ? 79  ARG A NE  1 
ATOM   460  C CZ  . ARG A 1 79  ? 10.302  3.360   18.831  1.00 25.81 ? 79  ARG A CZ  1 
ATOM   461  N NH1 . ARG A 1 79  ? 9.167   3.764   18.277  1.00 27.45 ? 79  ARG A NH1 1 
ATOM   462  N NH2 . ARG A 1 79  ? 10.619  2.073   18.834  1.00 25.66 ? 79  ARG A NH2 1 
ATOM   463  N N   . GLY A 1 80  ? 16.416  7.829   18.796  1.00 16.21 ? 80  GLY A N   1 
ATOM   464  C CA  . GLY A 1 80  ? 17.810  7.594   18.456  1.00 15.73 ? 80  GLY A CA  1 
ATOM   465  C C   . GLY A 1 80  ? 18.233  6.413   17.602  1.00 15.47 ? 80  GLY A C   1 
ATOM   466  O O   . GLY A 1 80  ? 19.262  5.793   17.879  1.00 14.69 ? 80  GLY A O   1 
ATOM   467  N N   . PHE A 1 81  ? 17.472  6.093   16.561  1.00 13.16 ? 81  PHE A N   1 
ATOM   468  C CA  . PHE A 1 81  ? 17.843  4.978   15.700  1.00 14.93 ? 81  PHE A CA  1 
ATOM   469  C C   . PHE A 1 81  ? 19.042  5.399   14.860  1.00 14.56 ? 81  PHE A C   1 
ATOM   470  O O   . PHE A 1 81  ? 19.178  6.566   14.509  1.00 16.10 ? 81  PHE A O   1 
ATOM   471  C CB  . PHE A 1 81  ? 16.669  4.588   14.796  1.00 14.49 ? 81  PHE A CB  1 
ATOM   472  C CG  . PHE A 1 81  ? 15.559  3.886   15.522  1.00 14.67 ? 81  PHE A CG  1 
ATOM   473  C CD1 . PHE A 1 81  ? 15.654  2.533   15.824  1.00 14.29 ? 81  PHE A CD1 1 
ATOM   474  C CD2 . PHE A 1 81  ? 14.432  4.585   15.936  1.00 16.59 ? 81  PHE A CD2 1 
ATOM   475  C CE1 . PHE A 1 81  ? 14.643  1.886   16.529  1.00 16.49 ? 81  PHE A CE1 1 
ATOM   476  C CE2 . PHE A 1 81  ? 13.416  3.946   16.643  1.00 17.12 ? 81  PHE A CE2 1 
ATOM   477  C CZ  . PHE A 1 81  ? 13.521  2.596   16.939  1.00 16.64 ? 81  PHE A CZ  1 
ATOM   478  N N   . THR A 1 82  ? 19.919  4.450   14.548  1.00 14.17 ? 82  THR A N   1 
ATOM   479  C CA  . THR A 1 82  ? 21.098  4.751   13.747  1.00 15.58 ? 82  THR A CA  1 
ATOM   480  C C   . THR A 1 82  ? 20.706  5.048   12.299  1.00 14.90 ? 82  THR A C   1 
ATOM   481  O O   . THR A 1 82  ? 21.263  5.940   11.667  1.00 15.36 ? 82  THR A O   1 
ATOM   482  C CB  . THR A 1 82  ? 22.086  3.581   13.774  1.00 18.09 ? 82  THR A CB  1 
ATOM   483  O OG1 . THR A 1 82  ? 22.515  3.362   15.124  1.00 21.62 ? 82  THR A OG1 1 
ATOM   484  C CG2 . THR A 1 82  ? 23.298  3.881   12.897  1.00 20.01 ? 82  THR A CG2 1 
ATOM   485  N N   . ASN A 1 83  ? 19.747  4.287   11.783  1.00 15.89 ? 83  ASN A N   1 
ATOM   486  C CA  . ASN A 1 83  ? 19.258  4.482   10.419  1.00 14.43 ? 83  ASN A CA  1 
ATOM   487  C C   . ASN A 1 83  ? 17.739  4.462   10.473  1.00 12.85 ? 83  ASN A C   1 
ATOM   488  O O   . ASN A 1 83  ? 17.150  3.560   11.063  1.00 14.30 ? 83  ASN A O   1 
ATOM   489  C CB  . ASN A 1 83  ? 19.762  3.368   9.499   1.00 16.37 ? 83  ASN A CB  1 
ATOM   490  C CG  . ASN A 1 83  ? 21.264  3.387   9.335   1.00 19.48 ? 83  ASN A CG  1 
ATOM   491  O OD1 . ASN A 1 83  ? 21.827  4.302   8.730   1.00 18.65 ? 83  ASN A OD1 1 
ATOM   492  N ND2 . ASN A 1 83  ? 21.927  2.378   9.884   1.00 19.21 ? 83  ASN A ND2 1 
ATOM   493  N N   . LEU A 1 84  ? 17.107  5.451   9.847   1.00 11.96 ? 84  LEU A N   1 
ATOM   494  C CA  . LEU A 1 84  ? 15.652  5.540   9.860   1.00 11.26 ? 84  LEU A CA  1 
ATOM   495  C C   . LEU A 1 84  ? 15.114  5.992   8.508   1.00 10.61 ? 84  LEU A C   1 
ATOM   496  O O   . LEU A 1 84  ? 15.638  6.925   7.910   1.00 11.98 ? 84  LEU A O   1 
ATOM   497  C CB  . LEU A 1 84  ? 15.219  6.535   10.934  1.00 12.00 ? 84  LEU A CB  1 
ATOM   498  C CG  . LEU A 1 84  ? 13.736  6.572   11.298  1.00 11.50 ? 84  LEU A CG  1 
ATOM   499  C CD1 . LEU A 1 84  ? 13.348  5.263   11.974  1.00 14.34 ? 84  LEU A CD1 1 
ATOM   500  C CD2 . LEU A 1 84  ? 13.481  7.750   12.218  1.00 11.41 ? 84  LEU A CD2 1 
ATOM   501  N N   . TRP A 1 85  ? 14.082  5.306   8.029   1.00 11.13 ? 85  TRP A N   1 
ATOM   502  C CA  . TRP A 1 85  ? 13.454  5.636   6.755   1.00 11.05 ? 85  TRP A CA  1 
ATOM   503  C C   . TRP A 1 85  ? 12.027  6.122   6.962   1.00 9.54  ? 85  TRP A C   1 
ATOM   504  O O   . TRP A 1 85  ? 11.332  5.638   7.848   1.00 12.92 ? 85  TRP A O   1 
ATOM   505  C CB  . TRP A 1 85  ? 13.350  4.400   5.861   1.00 11.44 ? 85  TRP A CB  1 
ATOM   506  C CG  . TRP A 1 85  ? 14.635  3.785   5.435   1.00 11.34 ? 85  TRP A CG  1 
ATOM   507  C CD1 . TRP A 1 85  ? 15.471  3.008   6.182   1.00 13.77 ? 85  TRP A CD1 1 
ATOM   508  C CD2 . TRP A 1 85  ? 15.218  3.867   4.130   1.00 13.86 ? 85  TRP A CD2 1 
ATOM   509  N NE1 . TRP A 1 85  ? 16.542  2.594   5.416   1.00 12.71 ? 85  TRP A NE1 1 
ATOM   510  C CE2 . TRP A 1 85  ? 16.410  3.108   4.154   1.00 11.53 ? 85  TRP A CE2 1 
ATOM   511  C CE3 . TRP A 1 85  ? 14.846  4.508   2.941   1.00 13.39 ? 85  TRP A CE3 1 
ATOM   512  C CZ2 . TRP A 1 85  ? 17.238  2.973   3.029   1.00 14.15 ? 85  TRP A CZ2 1 
ATOM   513  C CZ3 . TRP A 1 85  ? 15.670  4.375   1.820   1.00 13.97 ? 85  TRP A CZ3 1 
ATOM   514  C CH2 . TRP A 1 85  ? 16.851  3.612   1.877   1.00 15.07 ? 85  TRP A CH2 1 
ATOM   515  N N   . LEU A 1 86  ? 11.597  7.074   6.137   1.00 9.70  ? 86  LEU A N   1 
ATOM   516  C CA  . LEU A 1 86  ? 10.211  7.541   6.150   1.00 10.81 ? 86  LEU A CA  1 
ATOM   517  C C   . LEU A 1 86  ? 9.699   6.843   4.896   1.00 11.44 ? 86  LEU A C   1 
ATOM   518  O O   . LEU A 1 86  ? 10.200  7.097   3.806   1.00 12.81 ? 86  LEU A O   1 
ATOM   519  C CB  . LEU A 1 86  ? 10.107  9.054   5.964   1.00 11.41 ? 86  LEU A CB  1 
ATOM   520  C CG  . LEU A 1 86  ? 8.670   9.520   5.674   1.00 11.51 ? 86  LEU A CG  1 
ATOM   521  C CD1 . LEU A 1 86  ? 7.783   9.211   6.871   1.00 12.39 ? 86  LEU A CD1 1 
ATOM   522  C CD2 . LEU A 1 86  ? 8.655   11.014  5.374   1.00 11.44 ? 86  LEU A CD2 1 
ATOM   523  N N   . LYS A 1 87  ? 8.723   5.957   5.046   1.00 11.10 ? 87  LYS A N   1 
ATOM   524  C CA  . LYS A 1 87  ? 8.221   5.210   3.902   1.00 14.70 ? 87  LYS A CA  1 
ATOM   525  C C   . LYS A 1 87  ? 6.709   5.246   3.788   1.00 15.22 ? 87  LYS A C   1 
ATOM   526  O O   . LYS A 1 87  ? 5.995   5.069   4.770   1.00 19.02 ? 87  LYS A O   1 
ATOM   527  C CB  . LYS A 1 87  ? 8.695   3.756   4.009   1.00 12.67 ? 87  LYS A CB  1 
ATOM   528  C CG  . LYS A 1 87  ? 8.261   2.834   2.862   1.00 16.98 ? 87  LYS A CG  1 
ATOM   529  C CD  . LYS A 1 87  ? 8.919   1.466   2.990   1.00 20.94 ? 87  LYS A CD  1 
ATOM   530  C CE  . LYS A 1 87  ? 8.605   0.573   1.790   1.00 23.33 ? 87  LYS A CE  1 
ATOM   531  N NZ  . LYS A 1 87  ? 9.289   -0.751  1.882   1.00 24.73 ? 87  LYS A NZ  1 
ATOM   532  N N   . VAL A 1 88  ? 6.218   5.492   2.583   1.00 15.41 ? 88  VAL A N   1 
ATOM   533  C CA  . VAL A 1 88  ? 4.788   5.484   2.370   1.00 12.52 ? 88  VAL A CA  1 
ATOM   534  C C   . VAL A 1 88  ? 4.514   4.515   1.230   1.00 12.66 ? 88  VAL A C   1 
ATOM   535  O O   . VAL A 1 88  ? 5.217   4.514   0.220   1.00 13.76 ? 88  VAL A O   1 
ATOM   536  C CB  . VAL A 1 88  ? 4.232   6.898   2.047   1.00 14.60 ? 88  VAL A CB  1 
ATOM   537  C CG1 . VAL A 1 88  ? 4.948   7.504   0.868   1.00 17.13 ? 88  VAL A CG1 1 
ATOM   538  C CG2 . VAL A 1 88  ? 2.735   6.810   1.782   1.00 12.55 ? 88  VAL A CG2 1 
ATOM   539  N N   . THR A 1 89  ? 3.516   3.661   1.423   1.00 13.03 ? 89  THR A N   1 
ATOM   540  C CA  . THR A 1 89  ? 3.137   2.678   0.422   1.00 14.27 ? 89  THR A CA  1 
ATOM   541  C C   . THR A 1 89  ? 1.637   2.724   0.188   1.00 14.22 ? 89  THR A C   1 
ATOM   542  O O   . THR A 1 89  ? 0.851   2.857   1.129   1.00 12.66 ? 89  THR A O   1 
ATOM   543  C CB  . THR A 1 89  ? 3.516   1.248   0.858   1.00 14.37 ? 89  THR A CB  1 
ATOM   544  O OG1 . THR A 1 89  ? 2.950   0.974   2.143   1.00 17.80 ? 89  THR A OG1 1 
ATOM   545  C CG2 . THR A 1 89  ? 5.025   1.085   0.923   1.00 17.92 ? 89  THR A CG2 1 
ATOM   546  N N   . GLY A 1 90  ? 1.243   2.625   -1.076  1.00 15.05 ? 90  GLY A N   1 
ATOM   547  C CA  . GLY A 1 90  ? -0.170  2.646   -1.403  1.00 14.95 ? 90  GLY A CA  1 
ATOM   548  C C   . GLY A 1 90  ? -0.816  1.324   -1.041  1.00 14.32 ? 90  GLY A C   1 
ATOM   549  O O   . GLY A 1 90  ? -0.139  0.416   -0.565  1.00 15.95 ? 90  GLY A O   1 
ATOM   550  N N   . PRO A 1 91  ? -2.129  1.177   -1.270  1.00 13.67 ? 91  PRO A N   1 
ATOM   551  C CA  . PRO A 1 91  ? -2.855  -0.056  -0.956  1.00 13.71 ? 91  PRO A CA  1 
ATOM   552  C C   . PRO A 1 91  ? -2.291  -1.295  -1.645  1.00 15.83 ? 91  PRO A C   1 
ATOM   553  O O   . PRO A 1 91  ? -1.772  -1.219  -2.758  1.00 15.72 ? 91  PRO A O   1 
ATOM   554  C CB  . PRO A 1 91  ? -4.275  0.242   -1.442  1.00 13.87 ? 91  PRO A CB  1 
ATOM   555  C CG  . PRO A 1 91  ? -4.383  1.729   -1.342  1.00 14.50 ? 91  PRO A CG  1 
ATOM   556  C CD  . PRO A 1 91  ? -3.031  2.193   -1.837  1.00 12.74 ? 91  PRO A CD  1 
ATOM   557  N N   . ILE A 1 92  ? -2.393  -2.433  -0.974  1.00 16.89 ? 92  ILE A N   1 
ATOM   558  C CA  . ILE A 1 92  ? -1.947  -3.694  -1.549  1.00 19.62 ? 92  ILE A CA  1 
ATOM   559  C C   . ILE A 1 92  ? -2.970  -4.748  -1.150  1.00 19.81 ? 92  ILE A C   1 
ATOM   560  O O   . ILE A 1 92  ? -3.365  -4.842  0.013   1.00 22.05 ? 92  ILE A O   1 
ATOM   561  C CB  . ILE A 1 92  ? -0.525  -4.098  -1.069  1.00 24.08 ? 92  ILE A CB  1 
ATOM   562  C CG1 . ILE A 1 92  ? -0.121  -5.421  -1.733  1.00 23.48 ? 92  ILE A CG1 1 
ATOM   563  C CG2 . ILE A 1 92  ? -0.483  -4.218  0.442   1.00 25.74 ? 92  ILE A CG2 1 
ATOM   564  C CD1 . ILE A 1 92  ? 1.343   -5.762  -1.597  1.00 23.24 ? 92  ILE A CD1 1 
ATOM   565  N N   . LEU A 1 93  ? -3.421  -5.522  -2.129  1.00 20.23 ? 93  LEU A N   1 
ATOM   566  C CA  . LEU A 1 93  ? -4.423  -6.549  -1.890  1.00 17.95 ? 93  LEU A CA  1 
ATOM   567  C C   . LEU A 1 93  ? -3.944  -7.927  -2.299  1.00 18.28 ? 93  LEU A C   1 
ATOM   568  O O   . LEU A 1 93  ? -3.184  -8.075  -3.253  1.00 17.20 ? 93  LEU A O   1 
ATOM   569  C CB  . LEU A 1 93  ? -5.691  -6.251  -2.692  1.00 19.94 ? 93  LEU A CB  1 
ATOM   570  C CG  . LEU A 1 93  ? -6.384  -4.901  -2.559  1.00 22.72 ? 93  LEU A CG  1 
ATOM   571  C CD1 . LEU A 1 93  ? -7.509  -4.828  -3.579  1.00 25.44 ? 93  LEU A CD1 1 
ATOM   572  C CD2 . LEU A 1 93  ? -6.923  -4.725  -1.148  1.00 23.92 ? 93  LEU A CD2 1 
ATOM   573  N N   . HIS A 1 94  ? -4.450  -8.945  -1.577  1.00 17.02 ? 94  HIS A N   1 
ATOM   574  C CA  . HIS A 1 94  ? -4.180  -10.307 -1.904  1.00 18.70 ? 94  HIS A CA  1 
ATOM   575  C C   . HIS A 1 94  ? -5.509  -10.988 -2.045  1.00 16.49 ? 94  HIS A C   1 
ATOM   576  O O   . HIS A 1 94  ? -6.390  -10.868 -1.204  1.00 16.56 ? 94  HIS A O   1 
ATOM   577  C CB  . HIS A 1 94  ? -3.392  -10.928 -0.749  1.00 22.37 ? 94  HIS A CB  1 
ATOM   578  C CG  . HIS A 1 94  ? -1.934  -10.567 -0.884  1.00 25.15 ? 94  HIS A CG  1 
ATOM   579  N ND1 . HIS A 1 94  ? -1.340  -9.584  -0.162  1.00 28.78 ? 94  HIS A ND1 1 
ATOM   580  C CD2 . HIS A 1 94  ? -0.968  -11.164 -1.701  1.00 26.36 ? 94  HIS A CD2 1 
ATOM   581  C CE1 . HIS A 1 94  ? -0.044  -9.595  -0.533  1.00 27.80 ? 94  HIS A CE1 1 
ATOM   582  N NE2 . HIS A 1 94  ? 0.206   -10.531 -1.453  1.00 29.56 ? 94  HIS A NE2 1 
ATOM   583  N N   . LEU A 1 95  ? -5.640  -11.626 -3.188  1.00 16.79 ? 95  LEU A N   1 
ATOM   584  C CA  . LEU A 1 95  ? -6.915  -12.265 -3.469  1.00 16.40 ? 95  LEU A CA  1 
ATOM   585  C C   . LEU A 1 95  ? -6.736  -13.703 -3.927  1.00 17.03 ? 95  LEU A C   1 
ATOM   586  O O   . LEU A 1 95  ? -5.652  -14.109 -4.346  1.00 16.85 ? 95  LEU A O   1 
ATOM   587  C CB  . LEU A 1 95  ? -7.643  -11.495 -4.576  1.00 17.51 ? 95  LEU A CB  1 
ATOM   588  C CG  . LEU A 1 95  ? -7.631  -9.964  -4.543  1.00 19.16 ? 95  LEU A CG  1 
ATOM   589  C CD1 . LEU A 1 95  ? -8.083  -9.432  -5.895  1.00 19.46 ? 95  LEU A CD1 1 
ATOM   590  C CD2 . LEU A 1 95  ? -8.538  -9.452  -3.437  1.00 18.69 ? 95  LEU A CD2 1 
ATOM   591  N N   . ARG A 1 96  ? -7.817  -14.466 -3.821  1.00 18.55 ? 96  ARG A N   1 
ATOM   592  C CA  . ARG A 1 96  ? -7.857  -15.847 -4.280  1.00 16.82 ? 96  ARG A CA  1 
ATOM   593  C C   . ARG A 1 96  ? -8.888  -15.738 -5.389  1.00 15.52 ? 96  ARG A C   1 
ATOM   594  O O   . ARG A 1 96  ? -10.033 -15.368 -5.143  1.00 16.74 ? 96  ARG A O   1 
ATOM   595  C CB  . ARG A 1 96  ? -8.344  -16.790 -3.179  1.00 20.02 ? 96  ARG A CB  1 
ATOM   596  C CG  . ARG A 1 96  ? -7.264  -17.169 -2.173  1.00 27.01 ? 96  ARG A CG  1 
ATOM   597  C CD  . ARG A 1 96  ? -7.756  -18.250 -1.212  1.00 31.31 ? 96  ARG A CD  1 
ATOM   598  N NE  . ARG A 1 96  ? -6.725  -18.669 -0.263  1.00 37.51 ? 96  ARG A NE  1 
ATOM   599  C CZ  . ARG A 1 96  ? -5.606  -19.310 -0.595  1.00 39.65 ? 96  ARG A CZ  1 
ATOM   600  N NH1 . ARG A 1 96  ? -5.360  -19.614 -1.861  1.00 42.34 ? 96  ARG A NH1 1 
ATOM   601  N NH2 . ARG A 1 96  ? -4.730  -19.647 0.342   1.00 41.19 ? 96  ARG A NH2 1 
ATOM   602  N N   . VAL A 1 97  ? -8.471  -16.036 -6.615  1.00 14.22 ? 97  VAL A N   1 
ATOM   603  C CA  . VAL A 1 97  ? -9.355  -15.904 -7.758  1.00 13.19 ? 97  VAL A CA  1 
ATOM   604  C C   . VAL A 1 97  ? -9.611  -17.222 -8.473  1.00 13.92 ? 97  VAL A C   1 
ATOM   605  O O   . VAL A 1 97  ? -8.698  -18.019 -8.686  1.00 13.47 ? 97  VAL A O   1 
ATOM   606  C CB  . VAL A 1 97  ? -8.770  -14.863 -8.740  1.00 14.20 ? 97  VAL A CB  1 
ATOM   607  C CG1 . VAL A 1 97  ? -9.620  -14.762 -9.997  1.00 14.74 ? 97  VAL A CG1 1 
ATOM   608  C CG2 . VAL A 1 97  ? -8.691  -13.511 -8.045  1.00 11.52 ? 97  VAL A CG2 1 
ATOM   609  N N   . GLU A 1 98  ? -10.867 -17.442 -8.835  1.00 13.68 ? 98  GLU A N   1 
ATOM   610  C CA  . GLU A 1 98  ? -11.246 -18.665 -9.522  1.00 13.91 ? 98  GLU A CA  1 
ATOM   611  C C   . GLU A 1 98  ? -11.133 -18.492 -11.036 1.00 12.23 ? 98  GLU A C   1 
ATOM   612  O O   . GLU A 1 98  ? -11.981 -17.850 -11.658 1.00 12.32 ? 98  GLU A O   1 
ATOM   613  C CB  . GLU A 1 98  ? -12.682 -19.050 -9.155  1.00 16.75 ? 98  GLU A CB  1 
ATOM   614  C CG  . GLU A 1 98  ? -13.095 -20.450 -9.604  1.00 20.51 ? 98  GLU A CG  1 
ATOM   615  C CD  . GLU A 1 98  ? -14.520 -20.783 -9.208  1.00 22.76 ? 98  GLU A CD  1 
ATOM   616  O OE1 . GLU A 1 98  ? -14.935 -20.390 -8.099  1.00 25.20 ? 98  GLU A OE1 1 
ATOM   617  O OE2 . GLU A 1 98  ? -15.224 -21.442 -9.996  1.00 26.48 ? 98  GLU A OE2 1 
ATOM   618  N N   . GLY A 1 99  ? -10.075 -19.044 -11.617 1.00 13.09 ? 99  GLY A N   1 
ATOM   619  C CA  . GLY A 1 99  ? -9.903  -18.979 -13.062 1.00 14.37 ? 99  GLY A CA  1 
ATOM   620  C C   . GLY A 1 99  ? -9.069  -17.860 -13.660 1.00 16.08 ? 99  GLY A C   1 
ATOM   621  O O   . GLY A 1 99  ? -9.079  -16.729 -13.172 1.00 16.65 ? 99  GLY A O   1 
ATOM   622  N N   . TRP A 1 100 ? -8.370  -18.183 -14.747 1.00 16.07 ? 100 TRP A N   1 
ATOM   623  C CA  . TRP A 1 100 ? -7.489  -17.226 -15.423 1.00 19.91 ? 100 TRP A CA  1 
ATOM   624  C C   . TRP A 1 100 ? -8.263  -16.115 -16.154 1.00 19.34 ? 100 TRP A C   1 
ATOM   625  O O   . TRP A 1 100 ? -7.787  -15.000 -16.328 1.00 21.26 ? 100 TRP A O   1 
ATOM   626  C CB  . TRP A 1 100 ? -6.621  -17.999 -16.418 1.00 23.72 ? 100 TRP A CB  1 
ATOM   627  C CG  . TRP A 1 100 ? -5.645  -18.845 -15.695 1.00 30.99 ? 100 TRP A CG  1 
ATOM   628  C CD1 . TRP A 1 100 ? -5.679  -20.250 -15.562 1.00 32.80 ? 100 TRP A CD1 1 
ATOM   629  C CD2 . TRP A 1 100 ? -4.485  -18.388 -14.959 1.00 34.49 ? 100 TRP A CD2 1 
ATOM   630  N NE1 . TRP A 1 100 ? -4.649  -20.727 -14.813 1.00 33.57 ? 100 TRP A NE1 1 
ATOM   631  C CE2 . TRP A 1 100 ? -3.863  -19.534 -14.405 1.00 35.28 ? 100 TRP A CE2 1 
ATOM   632  C CE3 . TRP A 1 100 ? -3.939  -17.130 -14.717 1.00 35.86 ? 100 TRP A CE3 1 
ATOM   633  C CZ2 . TRP A 1 100 ? -2.718  -19.398 -13.637 1.00 36.52 ? 100 TRP A CZ2 1 
ATOM   634  C CZ3 . TRP A 1 100 ? -2.795  -16.993 -13.949 1.00 38.34 ? 100 TRP A CZ3 1 
ATOM   635  C CH2 . TRP A 1 100 ? -2.184  -18.137 -13.402 1.00 38.60 ? 100 TRP A CH2 1 
ATOM   636  N N   . GLN A 1 101 ? -9.484  -16.391 -16.601 1.00 19.06 ? 101 GLN A N   1 
ATOM   637  C CA  . GLN A 1 101 ? -10.272 -15.376 -17.294 1.00 18.97 ? 101 GLN A CA  1 
ATOM   638  C C   . GLN A 1 101 ? -10.646 -14.221 -16.364 1.00 18.65 ? 101 GLN A C   1 
ATOM   639  O O   . GLN A 1 101 ? -10.635 -13.057 -16.768 1.00 17.72 ? 101 GLN A O   1 
ATOM   640  C CB  . GLN A 1 101 ? -11.511 -16.026 -17.918 1.00 21.83 ? 101 GLN A CB  1 
ATOM   641  C CG  . GLN A 1 101 ? -11.128 -16.953 -19.075 1.00 24.97 ? 101 GLN A CG  1 
ATOM   642  C CD  . GLN A 1 101 ? -12.234 -17.891 -19.517 1.00 28.67 ? 101 GLN A CD  1 
ATOM   643  O OE1 . GLN A 1 101 ? -12.054 -18.676 -20.451 1.00 31.29 ? 101 GLN A OE1 1 
ATOM   644  N NE2 . GLN A 1 101 ? -13.378 -17.821 -18.852 1.00 29.09 ? 101 GLN A NE2 1 
ATOM   645  N N   . CYS A 1 102 ? -10.963 -14.541 -15.115 1.00 17.31 ? 102 CYS A N   1 
ATOM   646  C CA  . CYS A 1 102 ? -11.293 -13.505 -14.152 1.00 17.52 ? 102 CYS A CA  1 
ATOM   647  C C   . CYS A 1 102 ? -9.994  -12.815 -13.708 1.00 17.26 ? 102 CYS A C   1 
ATOM   648  O O   . CYS A 1 102 ? -9.934  -11.583 -13.609 1.00 16.42 ? 102 CYS A O   1 
ATOM   649  C CB  . CYS A 1 102 ? -12.038 -14.108 -12.954 1.00 18.32 ? 102 CYS A CB  1 
ATOM   650  S SG  . CYS A 1 102 ? -12.150 -12.984 -11.524 1.00 19.93 ? 102 CYS A SG  1 
ATOM   651  N N   . ALA A 1 103 ? -8.951  -13.603 -13.464 1.00 16.00 ? 103 ALA A N   1 
ATOM   652  C CA  . ALA A 1 103 ? -7.663  -13.052 -13.048 1.00 16.63 ? 103 ALA A CA  1 
ATOM   653  C C   . ALA A 1 103 ? -7.132  -12.072 -14.094 1.00 16.14 ? 103 ALA A C   1 
ATOM   654  O O   . ALA A 1 103 ? -6.610  -11.003 -13.759 1.00 15.35 ? 103 ALA A O   1 
ATOM   655  C CB  . ALA A 1 103 ? -6.658  -14.173 -12.836 1.00 15.60 ? 103 ALA A CB  1 
ATOM   656  N N   . LYS A 1 104 ? -7.263  -12.447 -15.363 1.00 16.27 ? 104 LYS A N   1 
ATOM   657  C CA  . LYS A 1 104 ? -6.807  -11.608 -16.469 1.00 17.54 ? 104 LYS A CA  1 
ATOM   658  C C   . LYS A 1 104 ? -7.516  -10.258 -16.442 1.00 17.04 ? 104 LYS A C   1 
ATOM   659  O O   . LYS A 1 104 ? -6.879  -9.207  -16.450 1.00 16.63 ? 104 LYS A O   1 
ATOM   660  C CB  . LYS A 1 104 ? -7.081  -12.311 -17.804 1.00 19.22 ? 104 LYS A CB  1 
ATOM   661  C CG  . LYS A 1 104 ? -6.668  -11.525 -19.043 1.00 22.71 ? 104 LYS A CG  1 
ATOM   662  C CD  . LYS A 1 104 ? -6.851  -12.380 -20.291 1.00 25.55 ? 104 LYS A CD  1 
ATOM   663  C CE  . LYS A 1 104 ? -6.347  -11.681 -21.544 1.00 29.30 ? 104 LYS A CE  1 
ATOM   664  N NZ  . LYS A 1 104 ? -7.170  -10.493 -21.889 1.00 30.25 ? 104 LYS A NZ  1 
ATOM   665  N N   . SER A 1 105 ? -8.839  -10.284 -16.391 1.00 17.26 ? 105 SER A N   1 
ATOM   666  C CA  . SER A 1 105 ? -9.596  -9.042  -16.369 1.00 19.53 ? 105 SER A CA  1 
ATOM   667  C C   . SER A 1 105 ? -9.277  -8.206  -15.135 1.00 19.02 ? 105 SER A C   1 
ATOM   668  O O   . SER A 1 105 ? -9.279  -6.980  -15.185 1.00 18.70 ? 105 SER A O   1 
ATOM   669  C CB  . SER A 1 105 ? -11.089 -9.339  -16.424 1.00 22.30 ? 105 SER A CB  1 
ATOM   670  O OG  . SER A 1 105 ? -11.408 -9.982  -17.644 1.00 25.63 ? 105 SER A OG  1 
ATOM   671  N N   . LEU A 1 106 ? -8.983  -8.886  -14.032 1.00 18.02 ? 106 LEU A N   1 
ATOM   672  C CA  . LEU A 1 106 ? -8.678  -8.221  -12.776 1.00 17.23 ? 106 LEU A CA  1 
ATOM   673  C C   . LEU A 1 106 ? -7.322  -7.516  -12.815 1.00 14.75 ? 106 LEU A C   1 
ATOM   674  O O   . LEU A 1 106 ? -7.192  -6.366  -12.381 1.00 14.35 ? 106 LEU A O   1 
ATOM   675  C CB  . LEU A 1 106 ? -8.701  -9.249  -11.644 1.00 19.33 ? 106 LEU A CB  1 
ATOM   676  C CG  . LEU A 1 106 ? -8.587  -8.697  -10.226 1.00 23.98 ? 106 LEU A CG  1 
ATOM   677  C CD1 . LEU A 1 106 ? -9.764  -7.777  -9.946  1.00 23.55 ? 106 LEU A CD1 1 
ATOM   678  C CD2 . LEU A 1 106 ? -8.566  -9.856  -9.234  1.00 24.90 ? 106 LEU A CD2 1 
ATOM   679  N N   . LEU A 1 107 ? -6.315  -8.210  -13.332 1.00 12.04 ? 107 LEU A N   1 
ATOM   680  C CA  . LEU A 1 107 ? -4.970  -7.650  -13.424 1.00 13.98 ? 107 LEU A CA  1 
ATOM   681  C C   . LEU A 1 107 ? -4.965  -6.460  -14.371 1.00 15.15 ? 107 LEU A C   1 
ATOM   682  O O   . LEU A 1 107 ? -4.340  -5.438  -14.095 1.00 14.70 ? 107 LEU A O   1 
ATOM   683  C CB  . LEU A 1 107 ? -3.987  -8.706  -13.924 1.00 14.22 ? 107 LEU A CB  1 
ATOM   684  C CG  . LEU A 1 107 ? -3.753  -9.887  -12.977 1.00 16.20 ? 107 LEU A CG  1 
ATOM   685  C CD1 . LEU A 1 107 ? -2.931  -10.938 -13.689 1.00 19.08 ? 107 LEU A CD1 1 
ATOM   686  C CD2 . LEU A 1 107 ? -3.053  -9.410  -11.704 1.00 14.86 ? 107 LEU A CD2 1 
ATOM   687  N N   . GLU A 1 108 ? -5.660  -6.595  -15.495 1.00 14.23 ? 108 GLU A N   1 
ATOM   688  C CA  . GLU A 1 108 ? -5.718  -5.497  -16.454 1.00 13.51 ? 108 GLU A CA  1 
ATOM   689  C C   . GLU A 1 108 ? -6.376  -4.298  -15.785 1.00 12.68 ? 108 GLU A C   1 
ATOM   690  O O   . GLU A 1 108 ? -5.927  -3.158  -15.952 1.00 14.87 ? 108 GLU A O   1 
ATOM   691  C CB  . GLU A 1 108 ? -6.497  -5.928  -17.698 1.00 16.12 ? 108 GLU A CB  1 
ATOM   692  C CG  . GLU A 1 108 ? -5.887  -7.150  -18.372 1.00 17.56 ? 108 GLU A CG  1 
ATOM   693  C CD  . GLU A 1 108 ? -6.604  -7.549  -19.646 1.00 20.89 ? 108 GLU A CD  1 
ATOM   694  O OE1 . GLU A 1 108 ? -7.828  -7.328  -19.734 1.00 21.15 ? 108 GLU A OE1 1 
ATOM   695  O OE2 . GLU A 1 108 ? -5.944  -8.100  -20.551 1.00 20.81 ? 108 GLU A OE2 1 
ATOM   696  N N   . ALA A 1 109 ? -7.424  -4.553  -15.010 1.00 11.98 ? 109 ALA A N   1 
ATOM   697  C CA  . ALA A 1 109 ? -8.128  -3.484  -14.309 1.00 13.18 ? 109 ALA A CA  1 
ATOM   698  C C   . ALA A 1 109 ? -7.228  -2.818  -13.269 1.00 15.40 ? 109 ALA A C   1 
ATOM   699  O O   . ALA A 1 109 ? -7.234  -1.595  -13.109 1.00 15.78 ? 109 ALA A O   1 
ATOM   700  C CB  . ALA A 1 109 ? -9.385  -4.028  -13.639 1.00 10.70 ? 109 ALA A CB  1 
ATOM   701  N N   . ALA A 1 110 ? -6.450  -3.628  -12.564 1.00 16.66 ? 110 ALA A N   1 
ATOM   702  C CA  . ALA A 1 110 ? -5.554  -3.101  -11.541 1.00 17.12 ? 110 ALA A CA  1 
ATOM   703  C C   . ALA A 1 110 ? -4.544  -2.129  -12.144 1.00 17.15 ? 110 ALA A C   1 
ATOM   704  O O   . ALA A 1 110 ? -4.350  -1.020  -11.642 1.00 16.39 ? 110 ALA A O   1 
ATOM   705  C CB  . ALA A 1 110 ? -4.828  -4.245  -10.852 1.00 16.55 ? 110 ALA A CB  1 
ATOM   706  N N   . ARG A 1 111 ? -3.914  -2.548  -13.233 1.00 15.93 ? 111 ARG A N   1 
ATOM   707  C CA  . ARG A 1 111 ? -2.914  -1.731  -13.900 1.00 17.15 ? 111 ARG A CA  1 
ATOM   708  C C   . ARG A 1 111 ? -3.483  -0.413  -14.422 1.00 18.38 ? 111 ARG A C   1 
ATOM   709  O O   . ARG A 1 111 ? -2.781  0.598   -14.445 1.00 17.41 ? 111 ARG A O   1 
ATOM   710  C CB  . ARG A 1 111 ? -2.257  -2.544  -15.027 1.00 16.30 ? 111 ARG A CB  1 
ATOM   711  C CG  . ARG A 1 111 ? -1.539  -3.798  -14.508 1.00 22.27 ? 111 ARG A CG  1 
ATOM   712  C CD  . ARG A 1 111 ? -0.570  -4.404  -15.521 1.00 21.62 ? 111 ARG A CD  1 
ATOM   713  N NE  . ARG A 1 111 ? -1.221  -5.294  -16.477 1.00 27.12 ? 111 ARG A NE  1 
ATOM   714  C CZ  . ARG A 1 111 ? -1.316  -6.616  -16.335 1.00 25.63 ? 111 ARG A CZ  1 
ATOM   715  N NH1 . ARG A 1 111 ? -0.795  -7.219  -15.272 1.00 22.06 ? 111 ARG A NH1 1 
ATOM   716  N NH2 . ARG A 1 111 ? -1.935  -7.334  -17.258 1.00 24.70 ? 111 ARG A NH2 1 
ATOM   717  N N   . ARG A 1 112 ? -4.755  -0.415  -14.817 1.00 18.72 ? 112 ARG A N   1 
ATOM   718  C CA  . ARG A 1 112 ? -5.397  0.801   -15.316 1.00 19.24 ? 112 ARG A CA  1 
ATOM   719  C C   . ARG A 1 112 ? -5.658  1.780   -14.183 1.00 20.72 ? 112 ARG A C   1 
ATOM   720  O O   . ARG A 1 112 ? -5.774  2.984   -14.412 1.00 22.03 ? 112 ARG A O   1 
ATOM   721  C CB  . ARG A 1 112 ? -6.748  0.498   -15.971 1.00 20.42 ? 112 ARG A CB  1 
ATOM   722  C CG  . ARG A 1 112 ? -6.707  -0.023  -17.386 1.00 21.38 ? 112 ARG A CG  1 
ATOM   723  C CD  . ARG A 1 112 ? -8.082  0.162   -18.016 1.00 18.65 ? 112 ARG A CD  1 
ATOM   724  N NE  . ARG A 1 112 ? -9.123  -0.629  -17.362 1.00 16.89 ? 112 ARG A NE  1 
ATOM   725  C CZ  . ARG A 1 112 ? -9.294  -1.931  -17.555 1.00 17.19 ? 112 ARG A CZ  1 
ATOM   726  N NH1 . ARG A 1 112 ? -8.488  -2.589  -18.378 1.00 18.62 ? 112 ARG A NH1 1 
ATOM   727  N NH2 . ARG A 1 112 ? -10.283 -2.573  -16.950 1.00 21.45 ? 112 ARG A NH2 1 
ATOM   728  N N   . ASN A 1 113 ? -5.763  1.260   -12.965 1.00 19.12 ? 113 ASN A N   1 
ATOM   729  C CA  . ASN A 1 113 ? -6.051  2.107   -11.821 1.00 19.12 ? 113 ASN A CA  1 
ATOM   730  C C   . ASN A 1 113 ? -4.891  2.378   -10.867 1.00 18.53 ? 113 ASN A C   1 
ATOM   731  O O   . ASN A 1 113 ? -5.105  2.653   -9.690  1.00 20.14 ? 113 ASN A O   1 
ATOM   732  C CB  . ASN A 1 113 ? -7.253  1.545   -11.055 1.00 18.36 ? 113 ASN A CB  1 
ATOM   733  C CG  . ASN A 1 113 ? -8.552  1.673   -11.840 1.00 19.12 ? 113 ASN A CG  1 
ATOM   734  O OD1 . ASN A 1 113 ? -9.315  2.628   -11.661 1.00 17.47 ? 113 ASN A OD1 1 
ATOM   735  N ND2 . ASN A 1 113 ? -8.819  0.696   -12.699 1.00 18.15 ? 113 ASN A ND2 1 
ATOM   736  N N   . GLY A 1 114 ? -3.663  2.294   -11.372 1.00 20.34 ? 114 GLY A N   1 
ATOM   737  C CA  . GLY A 1 114 ? -2.511  2.605   -10.542 1.00 20.71 ? 114 GLY A CA  1 
ATOM   738  C C   . GLY A 1 114 ? -1.782  1.490   -9.818  1.00 21.06 ? 114 GLY A C   1 
ATOM   739  O O   . GLY A 1 114 ? -0.862  1.755   -9.048  1.00 22.20 ? 114 GLY A O   1 
ATOM   740  N N   . PHE A 1 115 ? -2.180  0.245   -10.043 1.00 19.11 ? 115 PHE A N   1 
ATOM   741  C CA  . PHE A 1 115 ? -1.497  -0.863  -9.408  1.00 17.31 ? 115 PHE A CA  1 
ATOM   742  C C   . PHE A 1 115 ? -0.650  -1.590  -10.428 1.00 17.79 ? 115 PHE A C   1 
ATOM   743  O O   . PHE A 1 115 ? -0.941  -2.713  -10.781 1.00 16.59 ? 115 PHE A O   1 
ATOM   744  C CB  . PHE A 1 115 ? -2.554  -1.829  -8.884  1.00 15.96 ? 115 PHE A CB  1 
ATOM   745  C CG  . PHE A 1 115 ? -3.364  -1.168  -7.821  1.00 17.32 ? 115 PHE A CG  1 
ATOM   746  C CD1 . PHE A 1 115 ? -4.447  -0.379  -8.180  1.00 18.07 ? 115 PHE A CD1 1 
ATOM   747  C CD2 . PHE A 1 115 ? -3.023  -1.333  -6.489  1.00 16.97 ? 115 PHE A CD2 1 
ATOM   748  C CE1 . PHE A 1 115 ? -5.201  0.244   -7.195  1.00 19.36 ? 115 PHE A CE1 1 
ATOM   749  C CE2 . PHE A 1 115 ? -3.786  -0.706  -5.507  1.00 18.46 ? 115 PHE A CE2 1 
ATOM   750  C CZ  . PHE A 1 115 ? -4.877  0.081   -5.854  1.00 17.95 ? 115 PHE A CZ  1 
ATOM   751  N N   . LYS A 1 116 ? 0.384   -0.862  -10.920 1.00 20.63 ? 116 LYS A N   1 
ATOM   752  C CA  . LYS A 1 116 ? 1.325   -1.321  -11.942 1.00 24.77 ? 116 LYS A CA  1 
ATOM   753  C C   . LYS A 1 116 ? 1.932   -2.688  -11.599 1.00 24.67 ? 116 LYS A C   1 
ATOM   754  O O   . LYS A 1 116 ? 2.228   -3.499  -12.465 1.00 26.38 ? 116 LYS A O   1 
ATOM   755  C CB  . LYS A 1 116 ? 2.435   -0.277  -12.071 1.00 27.68 ? 116 LYS A CB  1 
ATOM   756  C CG  . LYS A 1 116 ? 3.413   -0.607  -13.201 1.00 32.93 ? 116 LYS A CG  1 
ATOM   757  C CD  . LYS A 1 116 ? 4.417   0.520   -13.446 1.00 35.53 ? 116 LYS A CD  1 
ATOM   758  C CE  . LYS A 1 116 ? 5.260   0.834   -12.206 1.00 37.90 ? 116 LYS A CE  1 
ATOM   759  N NZ  . LYS A 1 116 ? 5.928   2.123   -12.378 1.00 39.53 ? 116 LYS A NZ  1 
ATOM   760  N N   . HIS A 1 117 ? 2.151   -2.865  -10.283 1.00 24.54 ? 117 HIS A N   1 
ATOM   761  C CA  . HIS A 1 117 ? 2.773   -4.091  -9.792  1.00 25.00 ? 117 HIS A CA  1 
ATOM   762  C C   . HIS A 1 117 ? 1.730   -5.146  -9.408  1.00 23.56 ? 117 HIS A C   1 
ATOM   763  O O   . HIS A 1 117 ? 1.392   -5.331  -8.246  1.00 24.41 ? 117 HIS A O   1 
ATOM   764  C CB  . HIS A 1 117 ? 3.615   -3.732  -8.566  1.00 28.24 ? 117 HIS A CB  1 
ATOM   765  C CG  . HIS A 1 117 ? 4.635   -2.688  -8.942  1.00 32.64 ? 117 HIS A CG  1 
ATOM   766  N ND1 . HIS A 1 117 ? 5.099   -1.753  -8.075  1.00 33.95 ? 117 HIS A ND1 1 
ATOM   767  C CD2 . HIS A 1 117 ? 5.265   -2.500  -10.176 1.00 33.05 ? 117 HIS A CD2 1 
ATOM   768  C CE1 . HIS A 1 117 ? 5.989   -1.021  -8.773  1.00 35.76 ? 117 HIS A CE1 1 
ATOM   769  N NE2 . HIS A 1 117 ? 6.108   -1.446  -10.034 1.00 34.07 ? 117 HIS A NE2 1 
ATOM   770  N N   . SER A 1 118 ? 1.154   -5.832  -10.387 1.00 20.18 ? 118 SER A N   1 
ATOM   771  C CA  . SER A 1 118 ? 0.108   -6.803  -10.110 1.00 18.62 ? 118 SER A CA  1 
ATOM   772  C C   . SER A 1 118 ? 0.290   -8.075  -10.921 1.00 17.19 ? 118 SER A C   1 
ATOM   773  O O   . SER A 1 118 ? 0.562   -8.021  -12.121 1.00 19.22 ? 118 SER A O   1 
ATOM   774  C CB  . SER A 1 118 ? -1.263  -6.199  -10.423 1.00 17.32 ? 118 SER A CB  1 
ATOM   775  O OG  . SER A 1 118 ? -1.578  -5.133  -9.538  1.00 18.46 ? 118 SER A OG  1 
ATOM   776  N N   . GLY A 1 119 ? 0.132   -9.218  -10.261 1.00 16.71 ? 119 GLY A N   1 
ATOM   777  C CA  . GLY A 1 119 ? 0.262   -10.488 -10.952 1.00 15.77 ? 119 GLY A CA  1 
ATOM   778  C C   . GLY A 1 119 ? -0.120  -11.688 -10.106 1.00 14.53 ? 119 GLY A C   1 
ATOM   779  O O   . GLY A 1 119 ? -0.492  -11.558 -8.942  1.00 13.97 ? 119 GLY A O   1 
ATOM   780  N N   . VAL A 1 120 ? -0.051  -12.869 -10.708 1.00 14.64 ? 120 VAL A N   1 
ATOM   781  C CA  . VAL A 1 120 ? -0.355  -14.109 -10.004 1.00 14.40 ? 120 VAL A CA  1 
ATOM   782  C C   . VAL A 1 120 ? 0.958   -14.525 -9.353  1.00 16.04 ? 120 VAL A C   1 
ATOM   783  O O   . VAL A 1 120 ? 1.962   -14.699 -10.043 1.00 16.40 ? 120 VAL A O   1 
ATOM   784  C CB  . VAL A 1 120 ? -0.808  -15.208 -10.992 1.00 14.08 ? 120 VAL A CB  1 
ATOM   785  C CG1 . VAL A 1 120 ? -1.079  -16.513 -10.253 1.00 13.46 ? 120 VAL A CG1 1 
ATOM   786  C CG2 . VAL A 1 120 ? -2.048  -14.741 -11.734 1.00 13.95 ? 120 VAL A CG2 1 
ATOM   787  N N   . ILE A 1 121 ? 0.955   -14.679 -8.032  1.00 16.33 ? 121 ILE A N   1 
ATOM   788  C CA  . ILE A 1 121 ? 2.173   -15.045 -7.323  1.00 17.36 ? 121 ILE A CA  1 
ATOM   789  C C   . ILE A 1 121 ? 2.305   -16.531 -7.016  1.00 17.11 ? 121 ILE A C   1 
ATOM   790  O O   . ILE A 1 121 ? 3.415   -17.042 -6.852  1.00 19.34 ? 121 ILE A O   1 
ATOM   791  C CB  . ILE A 1 121 ? 2.309   -14.227 -6.018  1.00 18.65 ? 121 ILE A CB  1 
ATOM   792  C CG1 . ILE A 1 121 ? 1.047   -14.366 -5.163  1.00 18.46 ? 121 ILE A CG1 1 
ATOM   793  C CG2 . ILE A 1 121 ? 2.556   -12.760 -6.360  1.00 18.30 ? 121 ILE A CG2 1 
ATOM   794  C CD1 . ILE A 1 121 ? 1.116   -13.606 -3.845  1.00 17.79 ? 121 ILE A CD1 1 
ATOM   795  N N   . SER A 1 122 ? 1.175   -17.226 -6.943  1.00 18.76 ? 122 SER A N   1 
ATOM   796  C CA  . SER A 1 122 ? 1.185   -18.659 -6.672  1.00 18.63 ? 122 SER A CA  1 
ATOM   797  C C   . SER A 1 122 ? -0.186  -19.254 -6.942  1.00 19.97 ? 122 SER A C   1 
ATOM   798  O O   . SER A 1 122 ? -1.132  -18.541 -7.269  1.00 16.28 ? 122 SER A O   1 
ATOM   799  C CB  . SER A 1 122 ? 1.576   -18.930 -5.216  1.00 21.24 ? 122 SER A CB  1 
ATOM   800  O OG  . SER A 1 122 ? 0.573   -18.487 -4.318  1.00 22.64 ? 122 SER A OG  1 
ATOM   801  N N   . ILE A 1 123 ? -0.284  -20.572 -6.812  1.00 20.59 ? 123 ILE A N   1 
ATOM   802  C CA  . ILE A 1 123 ? -1.548  -21.258 -7.022  1.00 22.58 ? 123 ILE A CA  1 
ATOM   803  C C   . ILE A 1 123 ? -1.839  -22.116 -5.797  1.00 23.91 ? 123 ILE A C   1 
ATOM   804  O O   . ILE A 1 123 ? -1.067  -23.011 -5.467  1.00 24.23 ? 123 ILE A O   1 
ATOM   805  C CB  . ILE A 1 123 ? -1.499  -22.156 -8.270  1.00 21.63 ? 123 ILE A CB  1 
ATOM   806  C CG1 . ILE A 1 123 ? -1.167  -21.312 -9.504  1.00 22.25 ? 123 ILE A CG1 1 
ATOM   807  C CG2 . ILE A 1 123 ? -2.836  -22.862 -8.453  1.00 19.28 ? 123 ILE A CG2 1 
ATOM   808  C CD1 . ILE A 1 123 ? -1.089  -22.108 -10.789 1.00 23.49 ? 123 ILE A CD1 1 
ATOM   809  N N   . ALA A 1 124 ? -2.951  -21.835 -5.125  1.00 25.52 ? 124 ALA A N   1 
ATOM   810  C CA  . ALA A 1 124 ? -3.335  -22.576 -3.925  1.00 27.71 ? 124 ALA A CA  1 
ATOM   811  C C   . ALA A 1 124 ? -3.540  -24.068 -4.195  1.00 29.49 ? 124 ALA A C   1 
ATOM   812  O O   . ALA A 1 124 ? -3.705  -24.489 -5.340  1.00 29.16 ? 124 ALA A O   1 
ATOM   813  C CB  . ALA A 1 124 ? -4.598  -21.975 -3.333  1.00 26.17 ? 124 ALA A CB  1 
ATOM   814  N N   . GLU A 1 125 ? -3.522  -24.867 -3.130  1.00 31.71 ? 125 GLU A N   1 
ATOM   815  C CA  . GLU A 1 125 ? -3.697  -26.311 -3.270  1.00 33.34 ? 125 GLU A CA  1 
ATOM   816  C C   . GLU A 1 125 ? -5.047  -26.645 -3.910  1.00 32.89 ? 125 GLU A C   1 
ATOM   817  O O   . GLU A 1 125 ? -5.228  -27.661 -4.573  1.00 34.18 ? 125 GLU A O   1 
ATOM   818  C CB  . GLU A 1 125 ? -3.611  -26.942 -1.872  1.00 36.96 ? 125 GLU A CB  1 
ATOM   819  C CG  . GLU A 1 125 ? -2.216  -26.827 -1.246  1.00 41.21 ? 125 GLU A CG  1 
ATOM   820  C CD  . GLU A 1 125 ? -2.193  -27.540 0.093   1.00 43.95 ? 125 GLU A CD  1 
ATOM   821  O OE1 . GLU A 1 125 ? -2.989  -27.195 0.959   1.00 45.27 ? 125 GLU A OE1 1 
ATOM   822  O OE2 . GLU A 1 125 ? -1.327  -28.404 0.279   1.00 45.64 ? 125 GLU A OE2 1 
ATOM   823  N N   . ASP A 1 126 ? -6.027  -25.751 -3.664  1.00 31.81 ? 126 ASP A N   1 
ATOM   824  C CA  . ASP A 1 126 ? -7.346  -25.921 -4.257  1.00 31.25 ? 126 ASP A CA  1 
ATOM   825  C C   . ASP A 1 126 ? -7.435  -25.286 -5.657  1.00 29.02 ? 126 ASP A C   1 
ATOM   826  O O   . ASP A 1 126 ? -8.502  -25.006 -6.184  1.00 29.55 ? 126 ASP A O   1 
ATOM   827  C CB  . ASP A 1 126 ? -8.384  -25.308 -3.311  1.00 32.66 ? 126 ASP A CB  1 
ATOM   828  C CG  . ASP A 1 126 ? -8.312  -23.789 -3.389  1.00 35.11 ? 126 ASP A CG  1 
ATOM   829  O OD1 . ASP A 1 126 ? -7.204  -23.283 -3.578  1.00 36.16 ? 126 ASP A OD1 1 
ATOM   830  O OD2 . ASP A 1 126 ? -9.343  -23.138 -3.232  1.00 37.71 ? 126 ASP A OD2 1 
ATOM   831  N N   . SER A 1 127 ? -6.237  -25.024 -6.229  1.00 26.25 ? 127 SER A N   1 
ATOM   832  C CA  . SER A 1 127 ? -6.123  -24.559 -7.621  1.00 24.36 ? 127 SER A CA  1 
ATOM   833  C C   . SER A 1 127 ? -6.544  -23.093 -7.817  1.00 20.72 ? 127 SER A C   1 
ATOM   834  O O   . SER A 1 127 ? -6.452  -22.523 -8.898  1.00 17.55 ? 127 SER A O   1 
ATOM   835  C CB  . SER A 1 127 ? -6.930  -25.493 -8.531  1.00 25.68 ? 127 SER A CB  1 
ATOM   836  O OG  . SER A 1 127 ? -6.129  -26.629 -8.856  1.00 25.49 ? 127 SER A OG  1 
ATOM   837  N N   . ARG A 1 128 ? -7.037  -22.396 -6.805  1.00 20.18 ? 128 ARG A N   1 
ATOM   838  C CA  . ARG A 1 128 ? -7.383  -21.002 -7.032  1.00 20.19 ? 128 ARG A CA  1 
ATOM   839  C C   . ARG A 1 128 ? -6.096  -20.209 -7.189  1.00 18.92 ? 128 ARG A C   1 
ATOM   840  O O   . ARG A 1 128 ? -5.072  -20.549 -6.594  1.00 18.29 ? 128 ARG A O   1 
ATOM   841  C CB  . ARG A 1 128 ? -8.227  -20.449 -5.886  1.00 23.73 ? 128 ARG A CB  1 
ATOM   842  C CG  . ARG A 1 128 ? -9.717  -20.632 -6.137  1.00 28.51 ? 128 ARG A CG  1 
ATOM   843  C CD  . ARG A 1 128 ? -10.561 -19.783 -5.218  1.00 33.96 ? 128 ARG A CD  1 
ATOM   844  N NE  . ARG A 1 128 ? -11.986 -20.030 -5.424  1.00 37.77 ? 128 ARG A NE  1 
ATOM   845  C CZ  . ARG A 1 128 ? -12.522 -21.230 -5.637  1.00 39.56 ? 128 ARG A CZ  1 
ATOM   846  N NH1 . ARG A 1 128 ? -11.753 -22.311 -5.679  1.00 41.08 ? 128 ARG A NH1 1 
ATOM   847  N NH2 . ARG A 1 128 ? -13.831 -21.349 -5.802  1.00 40.24 ? 128 ARG A NH2 1 
ATOM   848  N N   . LEU A 1 129 ? -6.147  -19.165 -8.007  1.00 16.91 ? 129 LEU A N   1 
ATOM   849  C CA  . LEU A 1 129 ? -4.985  -18.333 -8.257  1.00 14.34 ? 129 LEU A CA  1 
ATOM   850  C C   . LEU A 1 129 ? -4.813  -17.326 -7.132  1.00 14.70 ? 129 LEU A C   1 
ATOM   851  O O   . LEU A 1 129 ? -5.781  -16.715 -6.683  1.00 14.77 ? 129 LEU A O   1 
ATOM   852  C CB  . LEU A 1 129 ? -5.144  -17.584 -9.580  1.00 13.95 ? 129 LEU A CB  1 
ATOM   853  C CG  . LEU A 1 129 ? -5.595  -18.440 -10.765 1.00 15.04 ? 129 LEU A CG  1 
ATOM   854  C CD1 . LEU A 1 129 ? -5.716  -17.569 -12.017 1.00 13.13 ? 129 LEU A CD1 1 
ATOM   855  C CD2 . LEU A 1 129 ? -4.605  -19.568 -10.975 1.00 13.42 ? 129 LEU A CD2 1 
ATOM   856  N N   . VAL A 1 130 ? -3.579  -17.171 -6.674  1.00 14.18 ? 130 VAL A N   1 
ATOM   857  C CA  . VAL A 1 130 ? -3.291  -16.215 -5.620  1.00 16.82 ? 130 VAL A CA  1 
ATOM   858  C C   . VAL A 1 130 ? -2.729  -14.987 -6.311  1.00 15.97 ? 130 VAL A C   1 
ATOM   859  O O   . VAL A 1 130 ? -1.636  -15.022 -6.872  1.00 15.51 ? 130 VAL A O   1 
ATOM   860  C CB  . VAL A 1 130 ? -2.276  -16.783 -4.618  1.00 17.63 ? 130 VAL A CB  1 
ATOM   861  C CG1 . VAL A 1 130 ? -1.950  -15.742 -3.554  1.00 17.77 ? 130 VAL A CG1 1 
ATOM   862  C CG2 . VAL A 1 130 ? -2.853  -18.029 -3.970  1.00 21.39 ? 130 VAL A CG2 1 
ATOM   863  N N   . ILE A 1 131 ? -3.494  -13.904 -6.268  1.00 15.41 ? 131 ILE A N   1 
ATOM   864  C CA  . ILE A 1 131 ? -3.111  -12.660 -6.921  1.00 15.39 ? 131 ILE A CA  1 
ATOM   865  C C   . ILE A 1 131 ? -2.731  -11.548 -5.955  1.00 15.26 ? 131 ILE A C   1 
ATOM   866  O O   . ILE A 1 131 ? -3.291  -11.432 -4.867  1.00 15.17 ? 131 ILE A O   1 
ATOM   867  C CB  . ILE A 1 131 ? -4.268  -12.176 -7.828  1.00 17.09 ? 131 ILE A CB  1 
ATOM   868  C CG1 . ILE A 1 131 ? -4.387  -13.120 -9.029  1.00 17.80 ? 131 ILE A CG1 1 
ATOM   869  C CG2 . ILE A 1 131 ? -4.058  -10.735 -8.259  1.00 15.87 ? 131 ILE A CG2 1 
ATOM   870  C CD1 . ILE A 1 131 ? -5.507  -12.772 -9.970  1.00 21.02 ? 131 ILE A CD1 1 
ATOM   871  N N   . GLU A 1 132 ? -1.766  -10.737 -6.367  1.00 15.60 ? 132 GLU A N   1 
ATOM   872  C CA  . GLU A 1 132 ? -1.321  -9.610  -5.562  1.00 15.62 ? 132 GLU A CA  1 
ATOM   873  C C   . GLU A 1 132 ? -1.515  -8.336  -6.365  1.00 15.26 ? 132 GLU A C   1 
ATOM   874  O O   . GLU A 1 132 ? -1.041  -8.227  -7.496  1.00 14.31 ? 132 GLU A O   1 
ATOM   875  C CB  . GLU A 1 132 ? 0.156   -9.756  -5.192  1.00 16.03 ? 132 GLU A CB  1 
ATOM   876  C CG  . GLU A 1 132 ? 0.713   -8.592  -4.383  1.00 18.35 ? 132 GLU A CG  1 
ATOM   877  C CD  . GLU A 1 132 ? 2.188   -8.764  -4.054  1.00 16.39 ? 132 GLU A CD  1 
ATOM   878  O OE1 . GLU A 1 132 ? 3.045   -8.383  -4.881  1.00 17.97 ? 132 GLU A OE1 1 
ATOM   879  O OE2 . GLU A 1 132 ? 2.490   -9.297  -2.969  1.00 21.08 ? 132 GLU A OE2 1 
ATOM   880  N N   . ILE A 1 133 ? -2.220  -7.378  -5.771  1.00 14.58 ? 133 ILE A N   1 
ATOM   881  C CA  . ILE A 1 133 ? -2.479  -6.087  -6.397  1.00 14.59 ? 133 ILE A CA  1 
ATOM   882  C C   . ILE A 1 133 ? -1.707  -5.067  -5.558  1.00 12.85 ? 133 ILE A C   1 
ATOM   883  O O   . ILE A 1 133 ? -2.037  -4.863  -4.394  1.00 12.26 ? 133 ILE A O   1 
ATOM   884  C CB  . ILE A 1 133 ? -3.981  -5.740  -6.345  1.00 15.76 ? 133 ILE A CB  1 
ATOM   885  C CG1 . ILE A 1 133 ? -4.809  -6.904  -6.900  1.00 20.74 ? 133 ILE A CG1 1 
ATOM   886  C CG2 . ILE A 1 133 ? -4.249  -4.474  -7.145  1.00 18.37 ? 133 ILE A CG2 1 
ATOM   887  C CD1 . ILE A 1 133 ? -4.421  -7.310  -8.310  1.00 18.21 ? 133 ILE A CD1 1 
ATOM   888  N N   . MET A 1 134 ? -0.696  -4.430  -6.144  1.00 12.44 ? 134 MET A N   1 
ATOM   889  C CA  . MET A 1 134 ? 0.128   -3.469  -5.407  1.00 14.44 ? 134 MET A CA  1 
ATOM   890  C C   . MET A 1 134 ? 0.235   -2.099  -6.063  1.00 12.65 ? 134 MET A C   1 
ATOM   891  O O   . MET A 1 134 ? 0.536   -1.986  -7.248  1.00 12.81 ? 134 MET A O   1 
ATOM   892  C CB  . MET A 1 134 ? 1.530   -4.058  -5.197  1.00 17.50 ? 134 MET A CB  1 
ATOM   893  C CG  . MET A 1 134 ? 2.542   -3.096  -4.592  1.00 20.80 ? 134 MET A CG  1 
ATOM   894  S SD  . MET A 1 134 ? 4.073   -3.936  -4.129  1.00 28.90 ? 134 MET A SD  1 
ATOM   895  C CE  . MET A 1 134 ? 5.015   -3.789  -5.612  1.00 27.69 ? 134 MET A CE  1 
ATOM   896  N N   . SER A 1 135 ? -0.002  -1.062  -5.265  1.00 12.93 ? 135 SER A N   1 
ATOM   897  C CA  . SER A 1 135 ? 0.020   0.324   -5.724  1.00 12.66 ? 135 SER A CA  1 
ATOM   898  C C   . SER A 1 135 ? 1.393   0.743   -6.261  1.00 14.02 ? 135 SER A C   1 
ATOM   899  O O   . SER A 1 135 ? 2.440   0.328   -5.783  1.00 12.86 ? 135 SER A O   1 
ATOM   900  C CB  . SER A 1 135 ? -0.375  1.230   -4.557  1.00 13.53 ? 135 SER A CB  1 
ATOM   901  O OG  . SER A 1 135 ? -0.296  2.594   -4.978  1.00 13.53 ? 135 SER A OG  1 
ATOM   902  N N   . SER A 1 136 ? 1.362   1.575   -7.322  1.00 14.84 ? 136 SER A N   1 
ATOM   903  C CA  . SER A 1 136 ? 2.610   2.078   -7.883  1.00 17.50 ? 136 SER A CA  1 
ATOM   904  C C   . SER A 1 136 ? 3.132   3.300   -7.114  1.00 17.09 ? 136 SER A C   1 
ATOM   905  O O   . SER A 1 136 ? 4.254   3.756   -7.295  1.00 16.70 ? 136 SER A O   1 
ATOM   906  C CB  . SER A 1 136 ? 2.362   2.448   -9.348  1.00 20.18 ? 136 SER A CB  1 
ATOM   907  O OG  . SER A 1 136 ? 1.468   3.561   -9.411  1.00 25.19 ? 136 SER A OG  1 
ATOM   908  N N   . GLN A 1 137 ? 2.256   3.851   -6.254  1.00 16.27 ? 137 GLN A N   1 
ATOM   909  C CA  . GLN A 1 137 ? 2.665   5.032   -5.499  1.00 16.20 ? 137 GLN A CA  1 
ATOM   910  C C   . GLN A 1 137 ? 3.434   4.659   -4.226  1.00 16.59 ? 137 GLN A C   1 
ATOM   911  O O   . GLN A 1 137 ? 3.033   3.795   -3.457  1.00 16.03 ? 137 GLN A O   1 
ATOM   912  C CB  . GLN A 1 137 ? 1.408   5.824   -5.135  1.00 16.32 ? 137 GLN A CB  1 
ATOM   913  C CG  . GLN A 1 137 ? 0.753   6.474   -6.353  1.00 20.84 ? 137 GLN A CG  1 
ATOM   914  C CD  . GLN A 1 137 ? -0.301  7.454   -5.895  1.00 21.25 ? 137 GLN A CD  1 
ATOM   915  O OE1 . GLN A 1 137 ? -1.350  7.630   -6.492  1.00 24.49 ? 137 GLN A OE1 1 
ATOM   916  N NE2 . GLN A 1 137 ? 0.030   8.120   -4.771  1.00 17.79 ? 137 GLN A NE2 1 
ATOM   917  N N   . SER A 1 138 ? 4.561   5.338   -4.052  1.00 15.30 ? 138 SER A N   1 
ATOM   918  C CA  . SER A 1 138 ? 5.392   5.105   -2.886  1.00 14.07 ? 138 SER A CA  1 
ATOM   919  C C   . SER A 1 138 ? 6.513   6.113   -2.797  1.00 13.59 ? 138 SER A C   1 
ATOM   920  O O   . SER A 1 138 ? 6.782   6.868   -3.735  1.00 12.18 ? 138 SER A O   1 
ATOM   921  C CB  . SER A 1 138 ? 6.005   3.705   -2.934  1.00 16.52 ? 138 SER A CB  1 
ATOM   922  O OG  . SER A 1 138 ? 7.051   3.655   -3.890  1.00 19.66 ? 138 SER A OG  1 
ATOM   923  N N   . MET A 1 139 ? 7.167   6.103   -1.646  1.00 11.25 ? 139 MET A N   1 
ATOM   924  C CA  . MET A 1 139 ? 8.309   6.964   -1.389  1.00 12.30 ? 139 MET A CA  1 
ATOM   925  C C   . MET A 1 139 ? 9.061   6.299   -0.248  1.00 11.21 ? 139 MET A C   1 
ATOM   926  O O   . MET A 1 139 ? 8.462   5.831   0.708   1.00 11.40 ? 139 MET A O   1 
ATOM   927  C CB  . MET A 1 139 ? 7.867   8.379   -0.991  1.00 13.66 ? 139 MET A CB  1 
ATOM   928  C CG  . MET A 1 139 ? 9.012   9.245   -0.500  1.00 16.89 ? 139 MET A CG  1 
ATOM   929  S SD  . MET A 1 139 ? 8.565   10.947  -0.122  1.00 19.98 ? 139 MET A SD  1 
ATOM   930  C CE  . MET A 1 139 ? 7.584   10.727  1.337   1.00 14.69 ? 139 MET A CE  1 
ATOM   931  N N   . SER A 1 140 ? 10.376  6.211   -0.375  1.00 13.11 ? 140 SER A N   1 
ATOM   932  C CA  . SER A 1 140 ? 11.190  5.608   0.669   1.00 12.88 ? 140 SER A CA  1 
ATOM   933  C C   . SER A 1 140 ? 12.357  6.556   0.822   1.00 13.63 ? 140 SER A C   1 
ATOM   934  O O   . SER A 1 140 ? 13.287  6.544   0.016   1.00 13.07 ? 140 SER A O   1 
ATOM   935  C CB  . SER A 1 140 ? 11.667  4.218   0.245   1.00 14.44 ? 140 SER A CB  1 
ATOM   936  O OG  . SER A 1 140 ? 12.348  4.276   -0.996  1.00 18.96 ? 140 SER A OG  1 
ATOM   937  N N   . VAL A 1 141 ? 12.294  7.391   1.853   1.00 13.42 ? 141 VAL A N   1 
ATOM   938  C CA  . VAL A 1 141 ? 13.329  8.386   2.083   1.00 14.05 ? 141 VAL A CA  1 
ATOM   939  C C   . VAL A 1 141 ? 14.064  8.235   3.401   1.00 15.50 ? 141 VAL A C   1 
ATOM   940  O O   . VAL A 1 141 ? 13.452  8.107   4.456   1.00 13.41 ? 141 VAL A O   1 
ATOM   941  C CB  . VAL A 1 141 ? 12.732  9.810   2.046   1.00 17.61 ? 141 VAL A CB  1 
ATOM   942  C CG1 . VAL A 1 141 ? 13.844  10.843  2.095   1.00 16.38 ? 141 VAL A CG1 1 
ATOM   943  C CG2 . VAL A 1 141 ? 11.886  9.984   0.803   1.00 19.71 ? 141 VAL A CG2 1 
ATOM   944  N N   . PRO A 1 142 ? 15.402  8.231   3.354   1.00 15.82 ? 142 PRO A N   1 
ATOM   945  C CA  . PRO A 1 142 ? 16.165  8.137   4.584   1.00 16.43 ? 142 PRO A CA  1 
ATOM   946  C C   . PRO A 1 142 ? 16.016  9.456   5.355   1.00 15.90 ? 142 PRO A C   1 
ATOM   947  O O   . PRO A 1 142 ? 16.120  10.549  4.816   1.00 15.33 ? 142 PRO A O   1 
ATOM   948  C CB  . PRO A 1 142 ? 17.632  7.839   4.208   1.00 16.25 ? 142 PRO A CB  1 
ATOM   949  C CG  . PRO A 1 142 ? 17.623  7.329   2.762   1.00 17.78 ? 142 PRO A CG  1 
ATOM   950  C CD  . PRO A 1 142 ? 16.308  8.060   2.214   1.00 16.72 ? 142 PRO A CD  1 
ATOM   951  N N   . LEU A 1 143 ? 15.654  9.328   6.647   1.00 15.98 ? 143 LEU A N   1 
ATOM   952  C CA  . LEU A 1 143 ? 15.581  10.521  7.491   1.00 14.90 ? 143 LEU A CA  1 
ATOM   953  C C   . LEU A 1 143 ? 16.859  10.649  8.309   1.00 14.33 ? 143 LEU A C   1 
ATOM   954  O O   . LEU A 1 143 ? 17.372  11.726  8.585   1.00 13.87 ? 143 LEU A O   1 
ATOM   955  C CB  . LEU A 1 143 ? 14.407  10.383  8.466   1.00 15.49 ? 143 LEU A CB  1 
ATOM   956  C CG  . LEU A 1 143 ? 13.023  10.525  7.819   1.00 15.42 ? 143 LEU A CG  1 
ATOM   957  C CD1 . LEU A 1 143 ? 11.916  10.615  8.870   1.00 16.21 ? 143 LEU A CD1 1 
ATOM   958  C CD2 . LEU A 1 143 ? 12.891  11.778  6.958   1.00 17.01 ? 143 LEU A CD2 1 
ATOM   959  N N   . VAL A 1 144 ? 17.329  9.472   8.763   1.00 11.61 ? 144 VAL A N   1 
ATOM   960  C CA  . VAL A 1 144 ? 18.577  9.392   9.484   1.00 14.41 ? 144 VAL A CA  1 
ATOM   961  C C   . VAL A 1 144 ? 19.465  8.309   8.879   1.00 11.86 ? 144 VAL A C   1 
ATOM   962  O O   . VAL A 1 144 ? 19.022  7.213   8.555   1.00 14.79 ? 144 VAL A O   1 
ATOM   963  C CB  . VAL A 1 144 ? 18.260  9.023   10.932  1.00 13.72 ? 144 VAL A CB  1 
ATOM   964  C CG1 . VAL A 1 144 ? 19.516  9.165   11.785  1.00 15.05 ? 144 VAL A CG1 1 
ATOM   965  C CG2 . VAL A 1 144 ? 17.170  9.936   11.467  1.00 17.12 ? 144 VAL A CG2 1 
ATOM   966  N N   . MET A 1 145 ? 20.743  8.614   8.700   1.00 16.41 ? 145 MET A N   1 
ATOM   967  C CA  . MET A 1 145 ? 21.672  7.639   8.145   1.00 18.07 ? 145 MET A CA  1 
ATOM   968  C C   . MET A 1 145 ? 22.972  7.685   8.937   1.00 19.58 ? 145 MET A C   1 
ATOM   969  O O   . MET A 1 145 ? 23.547  8.754   9.143   1.00 20.48 ? 145 MET A O   1 
ATOM   970  C CB  . MET A 1 145 ? 21.940  7.943   6.668   1.00 21.08 ? 145 MET A CB  1 
ATOM   971  C CG  . MET A 1 145 ? 22.707  6.854   5.915   1.00 21.63 ? 145 MET A CG  1 
ATOM   972  S SD  . MET A 1 145 ? 22.677  7.131   4.112   1.00 29.30 ? 145 MET A SD  1 
ATOM   973  C CE  . MET A 1 145 ? 21.310  8.292   3.966   1.00 14.35 ? 145 MET A CE  1 
ATOM   974  N N   . GLU A 1 146 ? 23.415  6.519   9.393   1.00 21.38 ? 146 GLU A N   1 
ATOM   975  C CA  . GLU A 1 146 ? 24.643  6.412   10.165  1.00 23.29 ? 146 GLU A CA  1 
ATOM   976  C C   . GLU A 1 146 ? 24.650  7.388   11.339  1.00 23.46 ? 146 GLU A C   1 
ATOM   977  O O   . GLU A 1 146 ? 25.628  8.100   11.580  1.00 23.69 ? 146 GLU A O   1 
ATOM   978  C CB  . GLU A 1 146 ? 25.846  6.641   9.244   1.00 25.29 ? 146 GLU A CB  1 
ATOM   979  C CG  . GLU A 1 146 ? 26.172  5.422   8.382   1.00 28.18 ? 146 GLU A CG  1 
ATOM   980  C CD  . GLU A 1 146 ? 26.943  5.763   7.120   1.00 31.90 ? 146 GLU A CD  1 
ATOM   981  O OE1 . GLU A 1 146 ? 27.819  6.655   7.171   1.00 34.21 ? 146 GLU A OE1 1 
ATOM   982  O OE2 . GLU A 1 146 ? 26.682  5.126   6.075   1.00 34.91 ? 146 GLU A OE2 1 
ATOM   983  N N   . GLY A 1 147 ? 23.535  7.412   12.061  1.00 22.67 ? 147 GLY A N   1 
ATOM   984  C CA  . GLY A 1 147 ? 23.395  8.271   13.223  1.00 25.98 ? 147 GLY A CA  1 
ATOM   985  C C   . GLY A 1 147 ? 23.194  9.746   12.945  1.00 26.81 ? 147 GLY A C   1 
ATOM   986  O O   . GLY A 1 147 ? 22.993  10.531  13.869  1.00 27.27 ? 147 GLY A O   1 
ATOM   987  N N   . ALA A 1 148 ? 23.234  10.136  11.677  1.00 27.09 ? 148 ALA A N   1 
ATOM   988  C CA  . ALA A 1 148 ? 23.068  11.540  11.334  1.00 27.32 ? 148 ALA A CA  1 
ATOM   989  C C   . ALA A 1 148 ? 21.721  11.854  10.700  1.00 27.62 ? 148 ALA A C   1 
ATOM   990  O O   . ALA A 1 148 ? 21.324  11.229  9.713   1.00 25.18 ? 148 ALA A O   1 
ATOM   991  C CB  . ALA A 1 148 ? 24.189  11.979  10.403  1.00 28.20 ? 148 ALA A CB  1 
ATOM   992  N N   . ARG A 1 149 ? 21.014  12.817  11.280  1.00 28.57 ? 149 ARG A N   1 
ATOM   993  C CA  . ARG A 1 149 ? 19.732  13.237  10.735  1.00 28.70 ? 149 ARG A CA  1 
ATOM   994  C C   . ARG A 1 149 ? 20.112  13.996  9.470   1.00 29.19 ? 149 ARG A C   1 
ATOM   995  O O   . ARG A 1 149 ? 20.901  14.938  9.530   1.00 31.59 ? 149 ARG A O   1 
ATOM   996  C CB  . ARG A 1 149 ? 18.997  14.161  11.710  1.00 27.76 ? 149 ARG A CB  1 
ATOM   997  C CG  . ARG A 1 149 ? 17.737  14.751  11.108  1.00 27.01 ? 149 ARG A CG  1 
ATOM   998  C CD  . ARG A 1 149 ? 16.910  15.567  12.083  1.00 25.96 ? 149 ARG A CD  1 
ATOM   999  N NE  . ARG A 1 149 ? 16.019  16.448  11.333  1.00 23.29 ? 149 ARG A NE  1 
ATOM   1000 C CZ  . ARG A 1 149 ? 15.031  17.164  11.855  1.00 22.61 ? 149 ARG A CZ  1 
ATOM   1001 N NH1 . ARG A 1 149 ? 14.772  17.113  13.156  1.00 20.69 ? 149 ARG A NH1 1 
ATOM   1002 N NH2 . ARG A 1 149 ? 14.315  17.955  11.063  1.00 20.14 ? 149 ARG A NH2 1 
ATOM   1003 N N   . ILE A 1 150 ? 19.562  13.590  8.332   1.00 26.64 ? 150 ILE A N   1 
ATOM   1004 C CA  . ILE A 1 150 ? 19.909  14.225  7.068   1.00 26.55 ? 150 ILE A CA  1 
ATOM   1005 C C   . ILE A 1 150 ? 18.879  15.166  6.442   1.00 25.47 ? 150 ILE A C   1 
ATOM   1006 O O   . ILE A 1 150 ? 19.059  15.620  5.311   1.00 24.85 ? 150 ILE A O   1 
ATOM   1007 C CB  . ILE A 1 150 ? 20.295  13.156  6.030   1.00 27.22 ? 150 ILE A CB  1 
ATOM   1008 C CG1 . ILE A 1 150 ? 19.150  12.157  5.861   1.00 28.00 ? 150 ILE A CG1 1 
ATOM   1009 C CG2 . ILE A 1 150 ? 21.555  12.433  6.483   1.00 28.12 ? 150 ILE A CG2 1 
ATOM   1010 C CD1 . ILE A 1 150 ? 19.458  11.034  4.898   1.00 32.10 ? 150 ILE A CD1 1 
ATOM   1011 N N   . VAL A 1 151 ? 17.804  15.464  7.162   1.00 24.64 ? 151 VAL A N   1 
ATOM   1012 C CA  . VAL A 1 151 ? 16.789  16.370  6.632   1.00 23.27 ? 151 VAL A CA  1 
ATOM   1013 C C   . VAL A 1 151 ? 16.556  17.538  7.585   1.00 21.70 ? 151 VAL A C   1 
ATOM   1014 O O   . VAL A 1 151 ? 16.293  17.335  8.770   1.00 21.36 ? 151 VAL A O   1 
ATOM   1015 C CB  . VAL A 1 151 ? 15.442  15.635  6.385   1.00 25.84 ? 151 VAL A CB  1 
ATOM   1016 C CG1 . VAL A 1 151 ? 15.634  14.531  5.348   1.00 28.34 ? 151 VAL A CG1 1 
ATOM   1017 C CG2 . VAL A 1 151 ? 14.918  15.049  7.678   1.00 26.48 ? 151 VAL A CG2 1 
ATOM   1018 N N   . GLY A 1 152 ? 16.668  18.759  7.064   1.00 16.61 ? 152 GLY A N   1 
ATOM   1019 C CA  . GLY A 1 152 ? 16.451  19.937  7.883   1.00 15.51 ? 152 GLY A CA  1 
ATOM   1020 C C   . GLY A 1 152 ? 14.963  20.088  8.147   1.00 13.07 ? 152 GLY A C   1 
ATOM   1021 O O   . GLY A 1 152 ? 14.168  19.307  7.634   1.00 13.95 ? 152 GLY A O   1 
ATOM   1022 N N   . ASP A 1 153 ? 14.576  21.093  8.928   1.00 15.20 ? 153 ASP A N   1 
ATOM   1023 C CA  . ASP A 1 153 ? 13.165  21.279  9.236   1.00 11.46 ? 153 ASP A CA  1 
ATOM   1024 C C   . ASP A 1 153 ? 12.268  21.652  8.060   1.00 13.39 ? 153 ASP A C   1 
ATOM   1025 O O   . ASP A 1 153 ? 11.156  21.130  7.943   1.00 11.69 ? 153 ASP A O   1 
ATOM   1026 C CB  . ASP A 1 153 ? 13.005  22.292  10.373  1.00 14.99 ? 153 ASP A CB  1 
ATOM   1027 C CG  . ASP A 1 153 ? 13.415  21.715  11.718  1.00 14.63 ? 153 ASP A CG  1 
ATOM   1028 O OD1 . ASP A 1 153 ? 13.207  20.504  11.922  1.00 17.18 ? 153 ASP A OD1 1 
ATOM   1029 O OD2 . ASP A 1 153 ? 13.932  22.464  12.571  1.00 19.14 ? 153 ASP A OD2 1 
ATOM   1030 N N   . ASP A 1 154 ? 12.718  22.554  7.190   1.00 13.29 ? 154 ASP A N   1 
ATOM   1031 C CA  . ASP A 1 154 ? 11.883  22.925  6.049   1.00 13.30 ? 154 ASP A CA  1 
ATOM   1032 C C   . ASP A 1 154 ? 11.634  21.694  5.192   1.00 14.62 ? 154 ASP A C   1 
ATOM   1033 O O   . ASP A 1 154 ? 10.519  21.462  4.724   1.00 13.29 ? 154 ASP A O   1 
ATOM   1034 C CB  . ASP A 1 154 ? 12.549  24.002  5.191   1.00 13.45 ? 154 ASP A CB  1 
ATOM   1035 C CG  . ASP A 1 154 ? 12.703  25.317  5.921   1.00 12.68 ? 154 ASP A CG  1 
ATOM   1036 O OD1 . ASP A 1 154 ? 11.914  25.577  6.848   1.00 14.09 ? 154 ASP A OD1 1 
ATOM   1037 O OD2 . ASP A 1 154 ? 13.607  26.092  5.555   1.00 13.98 ? 154 ASP A OD2 1 
ATOM   1038 N N   . ALA A 1 155 ? 12.681  20.900  5.002   1.00 13.12 ? 155 ALA A N   1 
ATOM   1039 C CA  . ALA A 1 155 ? 12.592  19.689  4.195   1.00 11.66 ? 155 ALA A CA  1 
ATOM   1040 C C   . ALA A 1 155 ? 11.664  18.649  4.817   1.00 11.09 ? 155 ALA A C   1 
ATOM   1041 O O   . ALA A 1 155 ? 10.838  18.047  4.128   1.00 10.24 ? 155 ALA A O   1 
ATOM   1042 C CB  . ALA A 1 155 ? 13.992  19.089  4.000   1.00 14.29 ? 155 ALA A CB  1 
ATOM   1043 N N   . LEU A 1 156 ? 11.807  18.431  6.118   1.00 11.12 ? 156 LEU A N   1 
ATOM   1044 C CA  . LEU A 1 156 ? 10.973  17.453  6.807   1.00 10.90 ? 156 LEU A CA  1 
ATOM   1045 C C   . LEU A 1 156 ? 9.495   17.770  6.630   1.00 12.38 ? 156 LEU A C   1 
ATOM   1046 O O   . LEU A 1 156 ? 8.692   16.871  6.378   1.00 12.63 ? 156 LEU A O   1 
ATOM   1047 C CB  . LEU A 1 156 ? 11.323  17.404  8.299   1.00 10.97 ? 156 LEU A CB  1 
ATOM   1048 C CG  . LEU A 1 156 ? 10.484  16.405  9.099   1.00 15.54 ? 156 LEU A CG  1 
ATOM   1049 C CD1 . LEU A 1 156 ? 10.708  15.009  8.548   1.00 17.52 ? 156 LEU A CD1 1 
ATOM   1050 C CD2 . LEU A 1 156 ? 10.857  16.472  10.577  1.00 16.83 ? 156 LEU A CD2 1 
ATOM   1051 N N   . ASP A 1 157 ? 9.129   19.045  6.757   1.00 13.43 ? 157 ASP A N   1 
ATOM   1052 C CA  . ASP A 1 157 ? 7.727   19.434  6.590   1.00 13.29 ? 157 ASP A CA  1 
ATOM   1053 C C   . ASP A 1 157 ? 7.234   19.117  5.176   1.00 12.99 ? 157 ASP A C   1 
ATOM   1054 O O   . ASP A 1 157 ? 6.106   18.653  5.000   1.00 12.26 ? 157 ASP A O   1 
ATOM   1055 C CB  . ASP A 1 157 ? 7.526   20.930  6.888   1.00 15.45 ? 157 ASP A CB  1 
ATOM   1056 C CG  . ASP A 1 157 ? 7.632   21.253  8.373   1.00 20.57 ? 157 ASP A CG  1 
ATOM   1057 O OD1 . ASP A 1 157 ? 7.445   20.341  9.210   1.00 20.93 ? 157 ASP A OD1 1 
ATOM   1058 O OD2 . ASP A 1 157 ? 7.889   22.430  8.707   1.00 22.56 ? 157 ASP A OD2 1 
ATOM   1059 N N   . MET A 1 158 ? 8.066   19.370  4.167   1.00 11.77 ? 158 MET A N   1 
ATOM   1060 C CA  . MET A 1 158 ? 7.664   19.071  2.792   1.00 12.30 ? 158 MET A CA  1 
ATOM   1061 C C   . MET A 1 158 ? 7.534   17.566  2.569   1.00 11.04 ? 158 MET A C   1 
ATOM   1062 O O   . MET A 1 158 ? 6.619   17.114  1.883   1.00 10.77 ? 158 MET A O   1 
ATOM   1063 C CB  . MET A 1 158 ? 8.657   19.663  1.783   1.00 13.97 ? 158 MET A CB  1 
ATOM   1064 C CG  . MET A 1 158 ? 8.527   21.174  1.615   1.00 21.57 ? 158 MET A CG  1 
ATOM   1065 S SD  . MET A 1 158 ? 9.579   21.841  0.310   1.00 24.56 ? 158 MET A SD  1 
ATOM   1066 C CE  . MET A 1 158 ? 10.995  22.437  1.285   1.00 27.42 ? 158 MET A CE  1 
ATOM   1067 N N   . LEU A 1 159 ? 8.450   16.794  3.145   1.00 11.09 ? 159 LEU A N   1 
ATOM   1068 C CA  . LEU A 1 159 ? 8.413   15.337  3.008   1.00 10.11 ? 159 LEU A CA  1 
ATOM   1069 C C   . LEU A 1 159 ? 7.179   14.766  3.709   1.00 11.36 ? 159 LEU A C   1 
ATOM   1070 O O   . LEU A 1 159 ? 6.552   13.823  3.219   1.00 9.92  ? 159 LEU A O   1 
ATOM   1071 C CB  . LEU A 1 159 ? 9.672   14.719  3.608   1.00 12.08 ? 159 LEU A CB  1 
ATOM   1072 C CG  . LEU A 1 159 ? 10.998  15.034  2.903   1.00 14.79 ? 159 LEU A CG  1 
ATOM   1073 C CD1 . LEU A 1 159 ? 12.161  14.542  3.759   1.00 19.76 ? 159 LEU A CD1 1 
ATOM   1074 C CD2 . LEU A 1 159 ? 11.032  14.369  1.531   1.00 13.99 ? 159 LEU A CD2 1 
ATOM   1075 N N   . ILE A 1 160 ? 6.845   15.329  4.869   1.00 10.70 ? 160 ILE A N   1 
ATOM   1076 C CA  . ILE A 1 160 ? 5.673   14.872  5.611   1.00 11.51 ? 160 ILE A CA  1 
ATOM   1077 C C   . ILE A 1 160 ? 4.424   15.175  4.788   1.00 10.72 ? 160 ILE A C   1 
ATOM   1078 O O   . ILE A 1 160 ? 3.508   14.352  4.683   1.00 11.70 ? 160 ILE A O   1 
ATOM   1079 C CB  . ILE A 1 160 ? 5.572   15.573  6.986   1.00 12.17 ? 160 ILE A CB  1 
ATOM   1080 C CG1 . ILE A 1 160 ? 6.634   14.998  7.929   1.00 13.94 ? 160 ILE A CG1 1 
ATOM   1081 C CG2 . ILE A 1 160 ? 4.175   15.393  7.579   1.00 13.02 ? 160 ILE A CG2 1 
ATOM   1082 C CD1 . ILE A 1 160 ? 6.684   15.670  9.294   1.00 13.28 ? 160 ILE A CD1 1 
ATOM   1083 N N   . GLU A 1 161 ? 4.392   16.363  4.198   1.00 12.25 ? 161 GLU A N   1 
ATOM   1084 C CA  . GLU A 1 161 ? 3.255   16.763  3.373   1.00 15.79 ? 161 GLU A CA  1 
ATOM   1085 C C   . GLU A 1 161 ? 3.160   15.839  2.151   1.00 14.77 ? 161 GLU A C   1 
ATOM   1086 O O   . GLU A 1 161 ? 2.065   15.462  1.719   1.00 14.24 ? 161 GLU A O   1 
ATOM   1087 C CB  . GLU A 1 161 ? 3.434   18.218  2.947   1.00 19.59 ? 161 GLU A CB  1 
ATOM   1088 C CG  . GLU A 1 161 ? 2.245   18.841  2.244   1.00 27.32 ? 161 GLU A CG  1 
ATOM   1089 C CD  . GLU A 1 161 ? 2.389   20.351  2.137   1.00 30.98 ? 161 GLU A CD  1 
ATOM   1090 O OE1 . GLU A 1 161 ? 3.483   20.816  1.746   1.00 32.53 ? 161 GLU A OE1 1 
ATOM   1091 O OE2 . GLU A 1 161 ? 1.414   21.070  2.441   1.00 33.40 ? 161 GLU A OE2 1 
ATOM   1092 N N   . LYS A 1 162 ? 4.314   15.469  1.606   1.00 13.20 ? 162 LYS A N   1 
ATOM   1093 C CA  . LYS A 1 162 ? 4.364   14.579  0.447   1.00 12.50 ? 162 LYS A CA  1 
ATOM   1094 C C   . LYS A 1 162 ? 3.886   13.167  0.793   1.00 12.28 ? 162 LYS A C   1 
ATOM   1095 O O   . LYS A 1 162 ? 3.152   12.535  0.025   1.00 11.94 ? 162 LYS A O   1 
ATOM   1096 C CB  . LYS A 1 162 ? 5.791   14.519  -0.108  1.00 14.48 ? 162 LYS A CB  1 
ATOM   1097 C CG  . LYS A 1 162 ? 5.997   13.441  -1.169  1.00 18.85 ? 162 LYS A CG  1 
ATOM   1098 C CD  . LYS A 1 162 ? 5.171   13.692  -2.424  1.00 23.12 ? 162 LYS A CD  1 
ATOM   1099 C CE  . LYS A 1 162 ? 5.699   14.884  -3.209  1.00 25.03 ? 162 LYS A CE  1 
ATOM   1100 N NZ  . LYS A 1 162 ? 5.065   14.982  -4.549  1.00 27.51 ? 162 LYS A NZ  1 
ATOM   1101 N N   . ALA A 1 163 ? 4.316   12.663  1.944   1.00 11.38 ? 163 ALA A N   1 
ATOM   1102 C CA  . ALA A 1 163 ? 3.909   11.333  2.374   1.00 11.23 ? 163 ALA A CA  1 
ATOM   1103 C C   . ALA A 1 163 ? 2.397   11.285  2.549   1.00 12.87 ? 163 ALA A C   1 
ATOM   1104 O O   . ALA A 1 163 ? 1.746   10.322  2.160   1.00 13.35 ? 163 ALA A O   1 
ATOM   1105 C CB  . ALA A 1 163 ? 4.591   10.977  3.691   1.00 11.43 ? 163 ALA A CB  1 
ATOM   1106 N N   . ASN A 1 164 ? 1.840   12.331  3.147   1.00 11.36 ? 164 ASN A N   1 
ATOM   1107 C CA  . ASN A 1 164 ? 0.400   12.376  3.368   1.00 12.91 ? 164 ASN A CA  1 
ATOM   1108 C C   . ASN A 1 164 ? -0.380  12.463  2.059   1.00 12.20 ? 164 ASN A C   1 
ATOM   1109 O O   . ASN A 1 164 ? -1.425  11.825  1.906   1.00 14.80 ? 164 ASN A O   1 
ATOM   1110 C CB  . ASN A 1 164 ? 0.051   13.547  4.288   1.00 13.21 ? 164 ASN A CB  1 
ATOM   1111 C CG  . ASN A 1 164 ? 0.588   13.352  5.692   1.00 13.17 ? 164 ASN A CG  1 
ATOM   1112 O OD1 . ASN A 1 164 ? 0.929   12.236  6.084   1.00 13.60 ? 164 ASN A OD1 1 
ATOM   1113 N ND2 . ASN A 1 164 ? 0.650   14.436  6.465   1.00 14.59 ? 164 ASN A ND2 1 
ATOM   1114 N N   . THR A 1 165 ? 0.139   13.242  1.114   1.00 12.35 ? 165 THR A N   1 
ATOM   1115 C CA  . THR A 1 165 ? -0.492  13.396  -0.193  1.00 13.11 ? 165 THR A CA  1 
ATOM   1116 C C   . THR A 1 165 ? -0.519  12.048  -0.911  1.00 13.44 ? 165 THR A C   1 
ATOM   1117 O O   . THR A 1 165 ? -1.549  11.637  -1.457  1.00 13.71 ? 165 THR A O   1 
ATOM   1118 C CB  . THR A 1 165 ? 0.278   14.425  -1.056  1.00 15.64 ? 165 THR A CB  1 
ATOM   1119 O OG1 . THR A 1 165 ? 0.171   15.721  -0.453  1.00 18.38 ? 165 THR A OG1 1 
ATOM   1120 C CG2 . THR A 1 165 ? -0.291  14.487  -2.464  1.00 16.82 ? 165 THR A CG2 1 
ATOM   1121 N N   . ILE A 1 166 ? 0.616   11.356  -0.912  1.00 12.13 ? 166 ILE A N   1 
ATOM   1122 C CA  . ILE A 1 166 ? 0.692   10.052  -1.558  1.00 11.62 ? 166 ILE A CA  1 
ATOM   1123 C C   . ILE A 1 166 ? -0.261  9.059   -0.895  1.00 13.60 ? 166 ILE A C   1 
ATOM   1124 O O   . ILE A 1 166 ? -0.958  8.295   -1.575  1.00 11.83 ? 166 ILE A O   1 
ATOM   1125 C CB  . ILE A 1 166 ? 2.140   9.506   -1.511  1.00 11.70 ? 166 ILE A CB  1 
ATOM   1126 C CG1 . ILE A 1 166 ? 3.021   10.324  -2.459  1.00 10.07 ? 166 ILE A CG1 1 
ATOM   1127 C CG2 . ILE A 1 166 ? 2.169   8.025   -1.880  1.00 13.58 ? 166 ILE A CG2 1 
ATOM   1128 C CD1 . ILE A 1 166 ? 4.492   9.930   -2.435  1.00 15.93 ? 166 ILE A CD1 1 
ATOM   1129 N N   . LEU A 1 167 ? -0.307  9.067   0.434   1.00 12.09 ? 167 LEU A N   1 
ATOM   1130 C CA  . LEU A 1 167 ? -1.186  8.144   1.143   1.00 12.33 ? 167 LEU A CA  1 
ATOM   1131 C C   . LEU A 1 167 ? -2.640  8.340   0.734   1.00 13.58 ? 167 LEU A C   1 
ATOM   1132 O O   . LEU A 1 167 ? -3.333  7.379   0.391   1.00 13.74 ? 167 LEU A O   1 
ATOM   1133 C CB  . LEU A 1 167 ? -1.070  8.331   2.658   1.00 13.12 ? 167 LEU A CB  1 
ATOM   1134 C CG  . LEU A 1 167 ? -1.962  7.404   3.484   1.00 13.35 ? 167 LEU A CG  1 
ATOM   1135 C CD1 . LEU A 1 167 ? -1.476  5.962   3.344   1.00 16.04 ? 167 LEU A CD1 1 
ATOM   1136 C CD2 . LEU A 1 167 ? -1.937  7.831   4.957   1.00 15.56 ? 167 LEU A CD2 1 
ATOM   1137 N N   . VAL A 1 168 ? -3.096  9.589   0.767   1.00 13.61 ? 168 VAL A N   1 
ATOM   1138 C CA  . VAL A 1 168 ? -4.475  9.910   0.421   1.00 16.20 ? 168 VAL A CA  1 
ATOM   1139 C C   . VAL A 1 168 ? -4.813  9.685   -1.049  1.00 15.85 ? 168 VAL A C   1 
ATOM   1140 O O   . VAL A 1 168 ? -5.852  9.103   -1.372  1.00 16.85 ? 168 VAL A O   1 
ATOM   1141 C CB  . VAL A 1 168 ? -4.805  11.376  0.791   1.00 18.91 ? 168 VAL A CB  1 
ATOM   1142 C CG1 . VAL A 1 168 ? -6.262  11.684  0.470   1.00 21.81 ? 168 VAL A CG1 1 
ATOM   1143 C CG2 . VAL A 1 168 ? -4.534  11.603  2.271   1.00 19.94 ? 168 VAL A CG2 1 
ATOM   1144 N N   . GLU A 1 169 ? -3.939  10.141  -1.941  1.00 15.00 ? 169 GLU A N   1 
ATOM   1145 C CA  . GLU A 1 169 ? -4.179  9.986   -3.367  1.00 15.51 ? 169 GLU A CA  1 
ATOM   1146 C C   . GLU A 1 169 ? -4.092  8.543   -3.849  1.00 15.95 ? 169 GLU A C   1 
ATOM   1147 O O   . GLU A 1 169 ? -4.781  8.167   -4.798  1.00 17.53 ? 169 GLU A O   1 
ATOM   1148 C CB  . GLU A 1 169 ? -3.204  10.856  -4.166  1.00 16.29 ? 169 GLU A CB  1 
ATOM   1149 C CG  . GLU A 1 169 ? -3.461  12.347  -4.010  1.00 17.72 ? 169 GLU A CG  1 
ATOM   1150 C CD  . GLU A 1 169 ? -2.605  13.189  -4.938  1.00 20.79 ? 169 GLU A CD  1 
ATOM   1151 O OE1 . GLU A 1 169 ? -1.748  12.616  -5.645  1.00 21.01 ? 169 GLU A OE1 1 
ATOM   1152 O OE2 . GLU A 1 169 ? -2.789  14.427  -4.958  1.00 22.22 ? 169 GLU A OE2 1 
ATOM   1153 N N   . SER A 1 170 ? -3.258  7.735   -3.200  1.00 15.02 ? 170 SER A N   1 
ATOM   1154 C CA  . SER A 1 170 ? -3.096  6.341   -3.603  1.00 14.77 ? 170 SER A CA  1 
ATOM   1155 C C   . SER A 1 170 ? -4.353  5.531   -3.314  1.00 14.91 ? 170 SER A C   1 
ATOM   1156 O O   . SER A 1 170 ? -4.587  4.486   -3.922  1.00 13.37 ? 170 SER A O   1 
ATOM   1157 C CB  . SER A 1 170 ? -1.895  5.703   -2.891  1.00 14.19 ? 170 SER A CB  1 
ATOM   1158 O OG  . SER A 1 170 ? -2.154  5.486   -1.513  1.00 15.72 ? 170 SER A OG  1 
ATOM   1159 N N   . ARG A 1 171 ? -5.170  6.017   -2.388  1.00 16.34 ? 171 ARG A N   1 
ATOM   1160 C CA  . ARG A 1 171 ? -6.403  5.324   -2.052  1.00 18.53 ? 171 ARG A CA  1 
ATOM   1161 C C   . ARG A 1 171 ? -7.493  5.564   -3.087  1.00 20.34 ? 171 ARG A C   1 
ATOM   1162 O O   . ARG A 1 171 ? -8.431  4.773   -3.202  1.00 19.46 ? 171 ARG A O   1 
ATOM   1163 C CB  . ARG A 1 171 ? -6.873  5.741   -0.657  1.00 21.77 ? 171 ARG A CB  1 
ATOM   1164 C CG  . ARG A 1 171 ? -6.041  5.087   0.424   1.00 23.68 ? 171 ARG A CG  1 
ATOM   1165 C CD  . ARG A 1 171 ? -6.284  5.640   1.814   1.00 23.04 ? 171 ARG A CD  1 
ATOM   1166 N NE  . ARG A 1 171 ? -5.506  4.868   2.778   1.00 21.94 ? 171 ARG A NE  1 
ATOM   1167 C CZ  . ARG A 1 171 ? -5.296  5.221   4.041   1.00 21.62 ? 171 ARG A CZ  1 
ATOM   1168 N NH1 . ARG A 1 171 ? -5.807  6.354   4.515   1.00 20.62 ? 171 ARG A NH1 1 
ATOM   1169 N NH2 . ARG A 1 171 ? -4.570  4.438   4.829   1.00 19.86 ? 171 ARG A NH2 1 
ATOM   1170 N N   . ILE A 1 172 ? -7.363  6.648   -3.847  1.00 19.81 ? 172 ILE A N   1 
ATOM   1171 C CA  . ILE A 1 172 ? -8.339  6.962   -4.884  1.00 20.90 ? 172 ILE A CA  1 
ATOM   1172 C C   . ILE A 1 172 ? -8.375  5.841   -5.915  1.00 20.04 ? 172 ILE A C   1 
ATOM   1173 O O   . ILE A 1 172 ? -9.449  5.371   -6.293  1.00 20.12 ? 172 ILE A O   1 
ATOM   1174 C CB  . ILE A 1 172 ? -7.997  8.286   -5.598  1.00 23.70 ? 172 ILE A CB  1 
ATOM   1175 C CG1 . ILE A 1 172 ? -8.143  9.456   -4.620  1.00 25.12 ? 172 ILE A CG1 1 
ATOM   1176 C CG2 . ILE A 1 172 ? -8.899  8.472   -6.811  1.00 22.43 ? 172 ILE A CG2 1 
ATOM   1177 C CD1 . ILE A 1 172 ? -9.514  9.545   -3.974  1.00 28.71 ? 172 ILE A CD1 1 
ATOM   1178 N N   . GLY A 1 173 ? -7.194  5.420   -6.363  1.00 18.97 ? 173 GLY A N   1 
ATOM   1179 C CA  . GLY A 1 173 ? -7.106  4.350   -7.338  1.00 18.54 ? 173 GLY A CA  1 
ATOM   1180 C C   . GLY A 1 173 ? -7.728  3.067   -6.826  1.00 17.83 ? 173 GLY A C   1 
ATOM   1181 O O   . GLY A 1 173 ? -8.299  2.292   -7.594  1.00 18.42 ? 173 GLY A O   1 
ATOM   1182 N N   . LEU A 1 174 ? -7.614  2.828   -5.524  1.00 16.57 ? 174 LEU A N   1 
ATOM   1183 C CA  . LEU A 1 174 ? -8.194  1.626   -4.944  1.00 16.29 ? 174 LEU A CA  1 
ATOM   1184 C C   . LEU A 1 174 ? -9.710  1.725   -5.057  1.00 17.32 ? 174 LEU A C   1 
ATOM   1185 O O   . LEU A 1 174 ? -10.393 0.741   -5.340  1.00 16.59 ? 174 LEU A O   1 
ATOM   1186 C CB  . LEU A 1 174 ? -7.796  1.494   -3.474  1.00 16.69 ? 174 LEU A CB  1 
ATOM   1187 C CG  . LEU A 1 174 ? -8.439  0.329   -2.721  1.00 18.85 ? 174 LEU A CG  1 
ATOM   1188 C CD1 . LEU A 1 174 ? -7.973  -0.986  -3.320  1.00 20.76 ? 174 LEU A CD1 1 
ATOM   1189 C CD2 . LEU A 1 174 ? -8.073  0.403   -1.245  1.00 22.08 ? 174 LEU A CD2 1 
ATOM   1190 N N   . ASP A 1 175 ? -10.233 2.927   -4.843  1.00 18.64 ? 175 ASP A N   1 
ATOM   1191 C CA  . ASP A 1 175 ? -11.670 3.135   -4.928  1.00 21.22 ? 175 ASP A CA  1 
ATOM   1192 C C   . ASP A 1 175 ? -12.173 2.942   -6.354  1.00 21.72 ? 175 ASP A C   1 
ATOM   1193 O O   . ASP A 1 175 ? -13.140 2.216   -6.575  1.00 22.35 ? 175 ASP A O   1 
ATOM   1194 C CB  . ASP A 1 175 ? -12.045 4.530   -4.432  1.00 23.36 ? 175 ASP A CB  1 
ATOM   1195 C CG  . ASP A 1 175 ? -13.544 4.747   -4.402  1.00 26.62 ? 175 ASP A CG  1 
ATOM   1196 O OD1 . ASP A 1 175 ? -14.237 3.989   -3.696  1.00 26.83 ? 175 ASP A OD1 1 
ATOM   1197 O OD2 . ASP A 1 175 ? -14.030 5.672   -5.087  1.00 30.50 ? 175 ASP A OD2 1 
ATOM   1198 N N   . THR A 1 176 ? -11.521 3.582   -7.324  1.00 22.91 ? 176 THR A N   1 
ATOM   1199 C CA  . THR A 1 176 ? -11.948 3.435   -8.712  1.00 23.17 ? 176 THR A CA  1 
ATOM   1200 C C   . THR A 1 176 ? -11.813 1.973   -9.136  1.00 22.99 ? 176 THR A C   1 
ATOM   1201 O O   . THR A 1 176 ? -12.670 1.444   -9.841  1.00 24.34 ? 176 THR A O   1 
ATOM   1202 C CB  . THR A 1 176 ? -11.127 4.334   -9.667  1.00 24.66 ? 176 THR A CB  1 
ATOM   1203 O OG1 . THR A 1 176 ? -9.740  3.989   -9.595  1.00 27.61 ? 176 THR A OG1 1 
ATOM   1204 C CG2 . THR A 1 176 ? -11.300 5.801   -9.289  1.00 25.85 ? 176 THR A CG2 1 
ATOM   1205 N N   . PHE A 1 177 ? -10.741 1.324   -8.694  1.00 21.30 ? 177 PHE A N   1 
ATOM   1206 C CA  . PHE A 1 177 ? -10.511 -0.086  -9.007  1.00 20.41 ? 177 PHE A CA  1 
ATOM   1207 C C   . PHE A 1 177 ? -11.685 -0.937  -8.516  1.00 21.59 ? 177 PHE A C   1 
ATOM   1208 O O   . PHE A 1 177 ? -12.230 -1.752  -9.267  1.00 21.35 ? 177 PHE A O   1 
ATOM   1209 C CB  . PHE A 1 177 ? -9.218  -0.568  -8.339  1.00 18.42 ? 177 PHE A CB  1 
ATOM   1210 C CG  . PHE A 1 177 ? -8.992  -2.048  -8.439  1.00 18.85 ? 177 PHE A CG  1 
ATOM   1211 C CD1 . PHE A 1 177 ? -8.718  -2.646  -9.666  1.00 18.85 ? 177 PHE A CD1 1 
ATOM   1212 C CD2 . PHE A 1 177 ? -9.050  -2.850  -7.304  1.00 20.56 ? 177 PHE A CD2 1 
ATOM   1213 C CE1 . PHE A 1 177 ? -8.499  -4.017  -9.763  1.00 18.87 ? 177 PHE A CE1 1 
ATOM   1214 C CE2 . PHE A 1 177 ? -8.834  -4.230  -7.388  1.00 18.72 ? 177 PHE A CE2 1 
ATOM   1215 C CZ  . PHE A 1 177 ? -8.556  -4.812  -8.625  1.00 22.38 ? 177 PHE A CZ  1 
ATOM   1216 N N   . SER A 1 178 ? -12.071 -0.748  -7.256  1.00 20.88 ? 178 SER A N   1 
ATOM   1217 C CA  . SER A 1 178 ? -13.173 -1.513  -6.680  1.00 22.73 ? 178 SER A CA  1 
ATOM   1218 C C   . SER A 1 178 ? -14.441 -1.302  -7.497  1.00 24.38 ? 178 SER A C   1 
ATOM   1219 O O   . SER A 1 178 ? -15.272 -2.201  -7.609  1.00 23.28 ? 178 SER A O   1 
ATOM   1220 C CB  . SER A 1 178 ? -13.415 -1.108  -5.220  1.00 23.29 ? 178 SER A CB  1 
ATOM   1221 O OG  . SER A 1 178 ? -14.027 0.165   -5.126  1.00 23.42 ? 178 SER A OG  1 
ATOM   1222 N N   . ARG A 1 179 ? -14.574 -0.108  -8.067  1.00 26.88 ? 179 ARG A N   1 
ATOM   1223 C CA  . ARG A 1 179 ? -15.720 0.243   -8.903  1.00 29.32 ? 179 ARG A CA  1 
ATOM   1224 C C   . ARG A 1 179 ? -15.685 -0.613  -10.168 1.00 30.80 ? 179 ARG A C   1 
ATOM   1225 O O   . ARG A 1 179 ? -16.693 -1.191  -10.575 1.00 30.93 ? 179 ARG A O   1 
ATOM   1226 C CB  . ARG A 1 179 ? -15.645 1.717   -9.312  1.00 32.47 ? 179 ARG A CB  1 
ATOM   1227 C CG  . ARG A 1 179 ? -16.700 2.636   -8.711  1.00 35.83 ? 179 ARG A CG  1 
ATOM   1228 C CD  . ARG A 1 179 ? -16.430 2.965   -7.254  1.00 38.17 ? 179 ARG A CD  1 
ATOM   1229 N NE  . ARG A 1 179 ? -17.230 4.105   -6.812  1.00 40.97 ? 179 ARG A NE  1 
ATOM   1230 C CZ  . ARG A 1 179 ? -17.256 4.568   -5.567  1.00 42.22 ? 179 ARG A CZ  1 
ATOM   1231 N NH1 . ARG A 1 179 ? -16.525 3.990   -4.626  1.00 43.78 ? 179 ARG A NH1 1 
ATOM   1232 N NH2 . ARG A 1 179 ? -18.013 5.614   -5.261  1.00 42.30 ? 179 ARG A NH2 1 
ATOM   1233 N N   . GLU A 1 180 ? -14.505 -0.671  -10.778 1.00 30.28 ? 180 GLU A N   1 
ATOM   1234 C CA  . GLU A 1 180 ? -14.262 -1.427  -12.005 1.00 32.44 ? 180 GLU A CA  1 
ATOM   1235 C C   . GLU A 1 180 ? -14.478 -2.928  -11.789 1.00 34.99 ? 180 GLU A C   1 
ATOM   1236 O O   . GLU A 1 180 ? -15.103 -3.600  -12.613 1.00 34.70 ? 180 GLU A O   1 
ATOM   1237 C CB  . GLU A 1 180 ? -12.824 -1.165  -12.475 1.00 32.03 ? 180 GLU A CB  1 
ATOM   1238 C CG  . GLU A 1 180 ? -12.414 -1.779  -13.816 1.00 33.69 ? 180 GLU A CG  1 
ATOM   1239 C CD  . GLU A 1 180 ? -12.938 -1.004  -15.014 1.00 34.30 ? 180 GLU A CD  1 
ATOM   1240 O OE1 . GLU A 1 180 ? -13.108 0.230   -14.900 1.00 34.32 ? 180 GLU A OE1 1 
ATOM   1241 O OE2 . GLU A 1 180 ? -13.163 -1.626  -16.076 1.00 34.76 ? 180 GLU A OE2 1 
ATOM   1242 N N   . VAL A 1 181 ? -13.968 -3.446  -10.673 1.00 35.46 ? 181 VAL A N   1 
ATOM   1243 C CA  . VAL A 1 181 ? -14.086 -4.865  -10.349 1.00 38.11 ? 181 VAL A CA  1 
ATOM   1244 C C   . VAL A 1 181 ? -15.521 -5.395  -10.364 1.00 40.73 ? 181 VAL A C   1 
ATOM   1245 O O   . VAL A 1 181 ? -15.775 -6.479  -10.892 1.00 41.40 ? 181 VAL A O   1 
ATOM   1246 C CB  . VAL A 1 181 ? -13.444 -5.172  -8.973  1.00 37.75 ? 181 VAL A CB  1 
ATOM   1247 C CG1 . VAL A 1 181 ? -13.701 -6.620  -8.581  1.00 37.79 ? 181 VAL A CG1 1 
ATOM   1248 C CG2 . VAL A 1 181 ? -11.947 -4.915  -9.038  1.00 35.59 ? 181 VAL A CG2 1 
ATOM   1249 N N   . GLU A 1 182 ? -16.453 -4.642  -9.788  1.00 42.84 ? 182 GLU A N   1 
ATOM   1250 C CA  . GLU A 1 182 ? -17.853 -5.063  -9.759  1.00 44.29 ? 182 GLU A CA  1 
ATOM   1251 C C   . GLU A 1 182 ? -18.401 -5.272  -11.164 1.00 44.77 ? 182 GLU A C   1 
ATOM   1252 O O   . GLU A 1 182 ? -19.345 -6.036  -11.366 1.00 45.52 ? 182 GLU A O   1 
ATOM   1253 C CB  . GLU A 1 182 ? -18.725 -4.021  -9.055  1.00 45.23 ? 182 GLU A CB  1 
ATOM   1254 C CG  . GLU A 1 182 ? -18.605 -3.986  -7.548  1.00 46.03 ? 182 GLU A CG  1 
ATOM   1255 C CD  . GLU A 1 182 ? -19.697 -3.144  -6.915  1.00 46.56 ? 182 GLU A CD  1 
ATOM   1256 O OE1 . GLU A 1 182 ? -19.784 -1.939  -7.237  1.00 46.49 ? 182 GLU A OE1 1 
ATOM   1257 O OE2 . GLU A 1 182 ? -20.474 -3.689  -6.102  1.00 45.61 ? 182 GLU A OE2 1 
ATOM   1258 N N   . GLU A 1 183 ? -17.804 -4.582  -12.129 1.00 45.17 ? 183 GLU A N   1 
ATOM   1259 C CA  . GLU A 1 183 ? -18.227 -4.657  -13.520 1.00 44.74 ? 183 GLU A CA  1 
ATOM   1260 C C   . GLU A 1 183 ? -17.557 -5.772  -14.328 1.00 44.16 ? 183 GLU A C   1 
ATOM   1261 O O   . GLU A 1 183 ? -18.007 -6.101  -15.428 1.00 44.16 ? 183 GLU A O   1 
ATOM   1262 C CB  . GLU A 1 183 ? -17.998 -3.290  -14.182 1.00 46.39 ? 183 GLU A CB  1 
ATOM   1263 C CG  . GLU A 1 183 ? -17.907 -3.291  -15.700 1.00 48.40 ? 183 GLU A CG  1 
ATOM   1264 C CD  . GLU A 1 183 ? -16.509 -3.604  -16.193 1.00 50.30 ? 183 GLU A CD  1 
ATOM   1265 O OE1 . GLU A 1 183 ? -15.555 -2.937  -15.731 1.00 50.20 ? 183 GLU A OE1 1 
ATOM   1266 O OE2 . GLU A 1 183 ? -16.360 -4.511  -17.041 1.00 50.57 ? 183 GLU A OE2 1 
ATOM   1267 N N   . LEU A 1 184 ? -16.493 -6.359  -13.786 1.00 41.98 ? 184 LEU A N   1 
ATOM   1268 C CA  . LEU A 1 184 ? -15.789 -7.435  -14.483 1.00 40.76 ? 184 LEU A CA  1 
ATOM   1269 C C   . LEU A 1 184 ? -16.707 -8.636  -14.696 1.00 39.70 ? 184 LEU A C   1 
ATOM   1270 O O   . LEU A 1 184 ? -16.949 -9.425  -13.781 1.00 38.77 ? 184 LEU A O   1 
ATOM   1271 C CB  . LEU A 1 184 ? -14.548 -7.857  -13.695 1.00 39.86 ? 184 LEU A CB  1 
ATOM   1272 C CG  . LEU A 1 184 ? -13.500 -6.759  -13.495 1.00 39.50 ? 184 LEU A CG  1 
ATOM   1273 C CD1 . LEU A 1 184 ? -12.309 -7.326  -12.742 1.00 39.09 ? 184 LEU A CD1 1 
ATOM   1274 C CD2 . LEU A 1 184 ? -13.063 -6.209  -14.846 1.00 38.90 ? 184 LEU A CD2 1 
ATOM   1275 N N   . VAL A 1 185 ? -17.212 -8.765  -15.918 1.00 39.28 ? 185 VAL A N   1 
ATOM   1276 C CA  . VAL A 1 185 ? -18.126 -9.845  -16.272 1.00 37.81 ? 185 VAL A CA  1 
ATOM   1277 C C   . VAL A 1 185 ? -17.533 -11.231 -16.055 1.00 36.75 ? 185 VAL A C   1 
ATOM   1278 O O   . VAL A 1 185 ? -18.183 -12.115 -15.496 1.00 35.78 ? 185 VAL A O   1 
ATOM   1279 C CB  . VAL A 1 185 ? -18.555 -9.739  -17.750 1.00 38.37 ? 185 VAL A CB  1 
ATOM   1280 C CG1 . VAL A 1 185 ? -19.650 -10.756 -18.047 1.00 38.50 ? 185 VAL A CG1 1 
ATOM   1281 C CG2 . VAL A 1 185 ? -19.029 -8.330  -18.056 1.00 38.32 ? 185 VAL A CG2 1 
ATOM   1282 N N   . GLU A 1 186 ? -16.294 -11.413 -16.499 1.00 35.37 ? 186 GLU A N   1 
ATOM   1283 C CA  . GLU A 1 186 ? -15.624 -12.701 -16.386 1.00 34.73 ? 186 GLU A CA  1 
ATOM   1284 C C   . GLU A 1 186 ? -15.471 -13.202 -14.946 1.00 32.50 ? 186 GLU A C   1 
ATOM   1285 O O   . GLU A 1 186 ? -15.158 -14.372 -14.722 1.00 31.10 ? 186 GLU A O   1 
ATOM   1286 C CB  . GLU A 1 186 ? -14.258 -12.627 -17.066 1.00 36.61 ? 186 GLU A CB  1 
ATOM   1287 C CG  . GLU A 1 186 ? -13.841 -13.923 -17.739 1.00 39.69 ? 186 GLU A CG  1 
ATOM   1288 C CD  . GLU A 1 186 ? -14.738 -14.303 -18.910 1.00 40.20 ? 186 GLU A CD  1 
ATOM   1289 O OE1 . GLU A 1 186 ? -15.968 -14.398 -18.718 1.00 40.65 ? 186 GLU A OE1 1 
ATOM   1290 O OE2 . GLU A 1 186 ? -14.210 -14.514 -20.024 1.00 41.63 ? 186 GLU A OE2 1 
ATOM   1291 N N   . CYS A 1 187 ? -15.695 -12.323 -13.974 1.00 30.04 ? 187 CYS A N   1 
ATOM   1292 C CA  . CYS A 1 187 ? -15.589 -12.704 -12.568 1.00 27.32 ? 187 CYS A CA  1 
ATOM   1293 C C   . CYS A 1 187 ? -16.970 -12.918 -11.957 1.00 27.63 ? 187 CYS A C   1 
ATOM   1294 O O   . CYS A 1 187 ? -17.969 -12.721 -12.679 1.00 28.60 ? 187 CYS A O   1 
ATOM   1295 C CB  . CYS A 1 187 ? -14.858 -11.621 -11.772 1.00 25.17 ? 187 CYS A CB  1 
ATOM   1296 S SG  . CYS A 1 187 ? -13.120 -11.339 -12.221 1.00 22.82 ? 187 CYS A SG  1 
HETATM 1297 O O   . HOH B 2 .   ? 15.765  24.060  11.965  1.00 11.47 ? 189 HOH A O   1 
HETATM 1298 O O   . HOH B 2 .   ? 11.852  28.028  8.063   1.00 14.04 ? 190 HOH A O   1 
HETATM 1299 O O   . HOH B 2 .   ? -3.173  -9.654  -17.388 1.00 19.82 ? 191 HOH A O   1 
HETATM 1300 O O   . HOH B 2 .   ? 4.184   19.189  6.806   1.00 15.81 ? 192 HOH A O   1 
HETATM 1301 O O   . HOH B 2 .   ? 0.654   -0.480  2.030   1.00 15.77 ? 193 HOH A O   1 
HETATM 1302 O O   . HOH B 2 .   ? -6.000  -1.163  -20.447 1.00 15.70 ? 194 HOH A O   1 
HETATM 1303 O O   . HOH B 2 .   ? 15.638  21.899  4.981   1.00 13.79 ? 195 HOH A O   1 
HETATM 1304 O O   . HOH B 2 .   ? -16.755 -12.994 -3.798  1.00 16.97 ? 196 HOH A O   1 
HETATM 1305 O O   . HOH B 2 .   ? -10.563 1.034   -15.396 1.00 20.88 ? 197 HOH A O   1 
HETATM 1306 O O   . HOH B 2 .   ? -8.331  -21.328 -15.312 1.00 13.62 ? 198 HOH A O   1 
HETATM 1307 O O   . HOH B 2 .   ? -1.276  9.475   12.011  1.00 14.37 ? 199 HOH A O   1 
HETATM 1308 O O   . HOH B 2 .   ? -2.846  3.212   -5.406  1.00 18.37 ? 200 HOH A O   1 
HETATM 1309 O O   . HOH B 2 .   ? 7.499   16.415  -5.508  1.00 26.73 ? 201 HOH A O   1 
HETATM 1310 O O   . HOH B 2 .   ? 8.674   23.446  4.335   1.00 19.41 ? 202 HOH A O   1 
HETATM 1311 O O   . HOH B 2 .   ? 10.311  24.740  8.907   1.00 21.23 ? 203 HOH A O   1 
HETATM 1312 O O   . HOH B 2 .   ? 10.542  9.502   21.814  1.00 34.40 ? 204 HOH A O   1 
HETATM 1313 O O   . HOH B 2 .   ? 18.407  5.448   6.329   1.00 14.87 ? 205 HOH A O   1 
HETATM 1314 O O   . HOH B 2 .   ? 5.146   19.238  9.472   1.00 22.69 ? 206 HOH A O   1 
HETATM 1315 O O   . HOH B 2 .   ? 17.514  19.411  4.452   1.00 19.68 ? 207 HOH A O   1 
HETATM 1316 O O   . HOH B 2 .   ? 4.868   2.400   4.391   1.00 15.36 ? 208 HOH A O   1 
HETATM 1317 O O   . HOH B 2 .   ? -4.358  -2.397  -18.130 1.00 21.23 ? 209 HOH A O   1 
HETATM 1318 O O   . HOH B 2 .   ? 0.382   11.243  -5.058  1.00 19.34 ? 210 HOH A O   1 
HETATM 1319 O O   . HOH B 2 .   ? 15.274  7.564   15.432  1.00 21.06 ? 211 HOH A O   1 
HETATM 1320 O O   . HOH B 2 .   ? -4.120  11.939  10.819  1.00 21.47 ? 212 HOH A O   1 
HETATM 1321 O O   . HOH B 2 .   ? -3.580  3.727   11.926  1.00 25.43 ? 213 HOH A O   1 
HETATM 1322 O O   . HOH B 2 .   ? 16.612  22.856  9.675   1.00 19.91 ? 214 HOH A O   1 
HETATM 1323 O O   . HOH B 2 .   ? -0.648  16.650  2.277   1.00 32.04 ? 215 HOH A O   1 
HETATM 1324 O O   . HOH B 2 .   ? -10.446 -5.472  -17.173 1.00 18.43 ? 216 HOH A O   1 
HETATM 1325 O O   . HOH B 2 .   ? 2.202   -22.461 -6.031  1.00 28.13 ? 217 HOH A O   1 
HETATM 1326 O O   . HOH B 2 .   ? -19.337 -0.569  6.883   1.00 19.52 ? 218 HOH A O   1 
HETATM 1327 O O   . HOH B 2 .   ? 21.036  0.365   11.753  1.00 24.04 ? 219 HOH A O   1 
HETATM 1328 O O   . HOH B 2 .   ? -15.926 1.944   7.028   1.00 18.17 ? 220 HOH A O   1 
HETATM 1329 O O   . HOH B 2 .   ? -0.255  4.642   14.765  1.00 34.93 ? 221 HOH A O   1 
HETATM 1330 O O   . HOH B 2 .   ? -5.181  -2.005  6.254   1.00 22.76 ? 222 HOH A O   1 
HETATM 1331 O O   . HOH B 2 .   ? 13.630  21.403  14.925  1.00 21.12 ? 223 HOH A O   1 
HETATM 1332 O O   . HOH B 2 .   ? -19.129 -8.466  -0.771  1.00 28.51 ? 224 HOH A O   1 
HETATM 1333 O O   . HOH B 2 .   ? -9.418  -5.131  -19.488 1.00 28.30 ? 225 HOH A O   1 
HETATM 1334 O O   . HOH B 2 .   ? 3.471   0.786   -3.283  1.00 25.57 ? 226 HOH A O   1 
HETATM 1335 O O   . HOH B 2 .   ? 0.046   4.144   -12.414 1.00 40.04 ? 227 HOH A O   1 
HETATM 1336 O O   . HOH B 2 .   ? 3.133   1.822   15.495  1.00 20.49 ? 228 HOH A O   1 
HETATM 1337 O O   . HOH B 2 .   ? 18.172  14.638  3.044   1.00 29.81 ? 229 HOH A O   1 
HETATM 1338 O O   . HOH B 2 .   ? -15.484 -16.507 -20.921 1.00 36.35 ? 230 HOH A O   1 
HETATM 1339 O O   . HOH B 2 .   ? -4.714  -14.883 -0.793  1.00 45.72 ? 231 HOH A O   1 
HETATM 1340 O O   . HOH B 2 .   ? 20.701  -1.989  9.672   1.00 27.27 ? 232 HOH A O   1 
HETATM 1341 O O   . HOH B 2 .   ? 1.400   16.799  8.907   1.00 24.80 ? 233 HOH A O   1 
HETATM 1342 O O   . HOH B 2 .   ? -0.374  16.982  5.037   1.00 21.77 ? 234 HOH A O   1 
HETATM 1343 O O   . HOH B 2 .   ? -0.941  14.291  16.604  1.00 28.73 ? 235 HOH A O   1 
HETATM 1344 O O   . HOH B 2 .   ? 12.664  18.699  14.320  1.00 21.02 ? 236 HOH A O   1 
HETATM 1345 O O   . HOH B 2 .   ? 19.161  1.390   13.193  1.00 30.78 ? 237 HOH A O   1 
HETATM 1346 O O   . HOH B 2 .   ? -8.137  4.380   12.565  1.00 27.69 ? 238 HOH A O   1 
HETATM 1347 O O   . HOH B 2 .   ? 5.228   8.007   16.772  1.00 23.85 ? 239 HOH A O   1 
HETATM 1348 O O   . HOH B 2 .   ? -8.418  9.098   -0.787  1.00 35.18 ? 240 HOH A O   1 
HETATM 1349 O O   . HOH B 2 .   ? 0.141   -2.215  8.818   1.00 35.62 ? 241 HOH A O   1 
HETATM 1350 O O   . HOH B 2 .   ? -5.519  -23.585 -11.613 1.00 24.69 ? 242 HOH A O   1 
HETATM 1351 O O   . HOH B 2 .   ? -9.165  3.910   9.747   1.00 41.25 ? 243 HOH A O   1 
HETATM 1352 O O   . HOH B 2 .   ? -0.229  -20.543 -2.801  1.00 27.72 ? 244 HOH A O   1 
HETATM 1353 O O   . HOH B 2 .   ? 2.682   -7.705  -7.723  1.00 32.18 ? 245 HOH A O   1 
HETATM 1354 O O   . HOH B 2 .   ? 19.252  8.912   15.597  1.00 29.24 ? 246 HOH A O   1 
HETATM 1355 O O   . HOH B 2 .   ? 1.145   12.641  18.378  1.00 35.42 ? 247 HOH A O   1 
HETATM 1356 O O   . HOH B 2 .   ? 0.110   0.717   -14.252 1.00 25.73 ? 248 HOH A O   1 
HETATM 1357 O O   . HOH B 2 .   ? -1.829  12.717  14.207  1.00 28.03 ? 249 HOH A O   1 
HETATM 1358 O O   . HOH B 2 .   ? -4.760  6.398   -6.990  1.00 25.67 ? 250 HOH A O   1 
HETATM 1359 O O   . HOH B 2 .   ? 1.841   -0.893  -1.940  1.00 26.86 ? 251 HOH A O   1 
HETATM 1360 O O   . HOH B 2 .   ? -2.786  -0.346  -17.656 1.00 31.84 ? 252 HOH A O   1 
HETATM 1361 O O   . HOH B 2 .   ? -23.025 3.078   5.635   1.00 24.81 ? 253 HOH A O   1 
HETATM 1362 O O   . HOH B 2 .   ? -7.369  -3.714  5.361   1.00 27.06 ? 254 HOH A O   1 
HETATM 1363 O O   . HOH B 2 .   ? -21.764 0.864   4.376   1.00 38.46 ? 255 HOH A O   1 
HETATM 1364 O O   . HOH B 2 .   ? 5.068   18.712  -0.043  1.00 33.20 ? 256 HOH A O   1 
HETATM 1365 O O   . HOH B 2 .   ? -7.290  9.226   6.748   1.00 37.48 ? 257 HOH A O   1 
HETATM 1366 O O   . HOH B 2 .   ? 9.838   22.788  10.491  1.00 27.31 ? 258 HOH A O   1 
HETATM 1367 O O   . HOH B 2 .   ? 6.878   6.114   18.265  1.00 26.41 ? 259 HOH A O   1 
HETATM 1368 O O   . HOH B 2 .   ? 1.681   18.265  6.626   1.00 25.36 ? 260 HOH A O   1 
HETATM 1369 O O   . HOH B 2 .   ? -17.461 2.795   4.965   1.00 26.41 ? 261 HOH A O   1 
HETATM 1370 O O   . HOH B 2 .   ? -7.225  1.241   7.498   1.00 36.41 ? 262 HOH A O   1 
HETATM 1371 O O   . HOH B 2 .   ? 15.790  15.179  15.371  1.00 32.39 ? 263 HOH A O   1 
HETATM 1372 O O   . HOH B 2 .   ? 16.805  10.050  15.272  1.00 30.15 ? 264 HOH A O   1 
HETATM 1373 O O   . HOH B 2 .   ? 1.479   -17.390 -2.188  1.00 25.99 ? 265 HOH A O   1 
HETATM 1374 O O   . HOH B 2 .   ? 5.845   -0.156  -2.911  1.00 35.46 ? 266 HOH A O   1 
HETATM 1375 O O   . HOH B 2 .   ? 2.446   12.871  -5.451  1.00 31.08 ? 267 HOH A O   1 
HETATM 1376 O O   . HOH B 2 .   ? 2.500   17.138  -1.484  1.00 27.92 ? 268 HOH A O   1 
HETATM 1377 O O   . HOH B 2 .   ? -9.386  -7.232  4.335   1.00 35.60 ? 269 HOH A O   1 
HETATM 1378 O O   . HOH B 2 .   ? -2.210  10.245  -7.741  1.00 28.09 ? 270 HOH A O   1 
HETATM 1379 O O   . HOH B 2 .   ? 17.949  10.332  20.832  1.00 41.64 ? 271 HOH A O   1 
HETATM 1380 O O   . HOH B 2 .   ? -9.802  -9.186  -20.259 1.00 39.47 ? 272 HOH A O   1 
HETATM 1381 O O   . HOH B 2 .   ? -19.673 -1.281  -1.322  1.00 32.74 ? 273 HOH A O   1 
HETATM 1382 O O   . HOH B 2 .   ? -15.866 -13.031 -1.234  1.00 30.82 ? 274 HOH A O   1 
HETATM 1383 O O   . HOH B 2 .   ? -19.547 -13.353 -4.249  1.00 30.16 ? 275 HOH A O   1 
HETATM 1384 O O   . HOH B 2 .   ? -2.737  4.309   -13.638 1.00 46.59 ? 276 HOH A O   1 
HETATM 1385 O O   . HOH B 2 .   ? -3.459  4.116   -7.945  1.00 29.61 ? 277 HOH A O   1 
HETATM 1386 O O   . HOH B 2 .   ? -10.775 -26.668 -5.283  1.00 33.42 ? 278 HOH A O   1 
HETATM 1387 O O   . HOH B 2 .   ? -19.321 0.788   4.959   1.00 42.80 ? 279 HOH A O   1 
HETATM 1388 O O   . HOH B 2 .   ? -1.082  6.229   -9.889  1.00 30.91 ? 280 HOH A O   1 
HETATM 1389 O O   . HOH B 2 .   ? -5.870  -4.253  -21.226 1.00 30.58 ? 281 HOH A O   1 
HETATM 1390 O O   . HOH B 2 .   ? -13.066 8.772   -6.092  1.00 52.54 ? 282 HOH A O   1 
HETATM 1391 O O   . HOH B 2 .   ? -8.389  3.788   6.319   1.00 38.33 ? 283 HOH A O   1 
HETATM 1392 O O   . HOH B 2 .   ? -8.066  6.630   -10.021 1.00 38.76 ? 284 HOH A O   1 
HETATM 1393 O O   . HOH B 2 .   ? 5.012   22.833  1.275   1.00 40.86 ? 285 HOH A O   1 
HETATM 1394 O O   . HOH B 2 .   ? 6.759   -0.298  5.734   1.00 30.43 ? 286 HOH A O   1 
HETATM 1395 O O   . HOH B 2 .   ? -9.819  -9.299  2.926   1.00 34.94 ? 287 HOH A O   1 
HETATM 1396 O O   . HOH B 2 .   ? 0.389   16.545  16.833  1.00 27.41 ? 288 HOH A O   1 
HETATM 1397 O O   . HOH B 2 .   ? 1.719   -5.775  -13.688 1.00 27.64 ? 289 HOH A O   1 
HETATM 1398 O O   . HOH B 2 .   ? 17.404  12.977  14.366  1.00 27.74 ? 290 HOH A O   1 
HETATM 1399 O O   . HOH B 2 .   ? 6.086   3.288   18.038  1.00 40.45 ? 291 HOH A O   1 
HETATM 1400 O O   . HOH B 2 .   ? -17.294 -15.417 -3.805  1.00 30.96 ? 292 HOH A O   1 
HETATM 1401 O O   . HOH B 2 .   ? 4.562   -10.124 -6.091  1.00 25.41 ? 293 HOH A O   1 
HETATM 1402 O O   . HOH B 2 .   ? -7.423  -21.078 -1.986  1.00 41.00 ? 294 HOH A O   1 
HETATM 1403 O O   . HOH B 2 .   ? -9.869  -19.965 -1.625  1.00 55.01 ? 295 HOH A O   1 
HETATM 1404 O O   . HOH B 2 .   ? 21.663  4.442   17.411  1.00 35.86 ? 296 HOH A O   1 
HETATM 1405 O O   . HOH B 2 .   ? -2.240  -4.653  -18.861 1.00 30.16 ? 297 HOH A O   1 
HETATM 1406 O O   . HOH B 2 .   ? -1.501  10.132  17.156  1.00 39.13 ? 298 HOH A O   1 
HETATM 1407 O O   . HOH B 2 .   ? -18.223 -8.553  1.703   1.00 31.77 ? 299 HOH A O   1 
HETATM 1408 O O   . HOH B 2 .   ? 25.380  2.481   9.319   1.00 44.04 ? 300 HOH A O   1 
HETATM 1409 O O   . HOH B 2 .   ? -10.609 -11.616 5.207   1.00 44.20 ? 301 HOH A O   1 
HETATM 1410 O O   . HOH B 2 .   ? -8.470  3.705   3.552   1.00 42.53 ? 302 HOH A O   1 
HETATM 1411 O O   . HOH B 2 .   ? 9.109   -0.006  17.695  1.00 37.03 ? 303 HOH A O   1 
HETATM 1412 O O   . HOH B 2 .   ? 3.786   -2.578  -0.288  1.00 29.64 ? 304 HOH A O   1 
HETATM 1413 O O   . HOH B 2 .   ? -15.377 -17.370 -17.957 1.00 18.58 ? 305 HOH A O   1 
HETATM 1414 O O   . HOH B 2 .   ? -8.270  -7.549  -22.725 1.00 35.74 ? 306 HOH A O   1 
HETATM 1415 O O   . HOH B 2 .   ? 23.578  3.539   6.119   1.00 33.54 ? 307 HOH A O   1 
HETATM 1416 O O   . HOH B 2 .   ? -2.382  -7.292  1.653   1.00 44.04 ? 308 HOH A O   1 
HETATM 1417 O O   . HOH B 2 .   ? -4.216  -26.479 -10.922 1.00 43.94 ? 309 HOH A O   1 
HETATM 1418 O O   . HOH B 2 .   ? -6.145  2.876   10.688  1.00 41.55 ? 310 HOH A O   1 
HETATM 1419 O O   . HOH B 2 .   ? -12.582 5.183   -1.257  1.00 48.45 ? 311 HOH A O   1 
HETATM 1420 O O   . HOH B 2 .   ? -5.564  13.716  9.679   1.00 37.02 ? 312 HOH A O   1 
HETATM 1421 O O   . HOH B 2 .   ? 5.456   24.625  8.948   1.00 52.65 ? 313 HOH A O   1 
HETATM 1422 O O   . HOH B 2 .   ? 18.085  -7.464  1.529   1.00 49.35 ? 314 HOH A O   1 
HETATM 1423 O O   . HOH B 2 .   ? -0.870  -11.676 3.202   1.00 61.16 ? 315 HOH A O   1 
HETATM 1424 O O   . HOH B 2 .   ? -12.087 -17.344 -5.102  1.00 29.93 ? 316 HOH A O   1 
HETATM 1425 O O   . HOH B 2 .   ? -2.954  16.368  -3.805  1.00 42.08 ? 317 HOH A O   1 
HETATM 1426 O O   . HOH B 2 .   ? -16.923 -4.552  8.249   1.00 45.57 ? 318 HOH A O   1 
HETATM 1427 O O   . HOH B 2 .   ? -16.396 -5.078  3.865   1.00 25.84 ? 319 HOH A O   1 
HETATM 1428 O O   . HOH B 2 .   ? -18.004 -13.596 -1.421  1.00 43.12 ? 320 HOH A O   1 
HETATM 1429 O O   . HOH B 2 .   ? -14.568 -18.124 -5.800  1.00 40.78 ? 321 HOH A O   1 
HETATM 1430 O O   . HOH B 2 .   ? -16.858 -20.656 -15.276 1.00 45.28 ? 322 HOH A O   1 
HETATM 1431 O O   . HOH B 2 .   ? -5.461  -8.245  5.930   1.00 34.45 ? 323 HOH A O   1 
HETATM 1432 O O   . HOH B 2 .   ? -7.659  -8.025  6.529   1.00 49.45 ? 324 HOH A O   1 
HETATM 1433 O O   . HOH B 2 .   ? -1.210  -2.997  6.814   1.00 43.15 ? 325 HOH A O   1 
HETATM 1434 O O   . HOH B 2 .   ? 4.614   -0.507  3.964   1.00 36.85 ? 326 HOH A O   1 
HETATM 1435 O O   . HOH B 2 .   ? 17.212  -0.451  13.226  1.00 33.83 ? 327 HOH A O   1 
HETATM 1436 O O   . HOH B 2 .   ? 21.567  -3.967  3.731   1.00 49.13 ? 328 HOH A O   1 
HETATM 1437 O O   . HOH B 2 .   ? 19.819  -5.599  1.968   1.00 39.53 ? 329 HOH A O   1 
HETATM 1438 O O   . HOH B 2 .   ? 12.839  -3.621  6.494   1.00 40.94 ? 330 HOH A O   1 
HETATM 1439 O O   . HOH B 2 .   ? 8.734   20.842  17.057  1.00 44.41 ? 331 HOH A O   1 
HETATM 1440 O O   . HOH B 2 .   ? 6.950   22.420  14.546  1.00 45.29 ? 332 HOH A O   1 
HETATM 1441 O O   . HOH B 2 .   ? 8.987   7.395   22.663  1.00 42.72 ? 333 HOH A O   1 
HETATM 1442 O O   . HOH B 2 .   ? 16.881  10.127  22.768  1.00 43.76 ? 334 HOH A O   1 
HETATM 1443 O O   . HOH B 2 .   ? 17.589  7.772   22.187  1.00 36.28 ? 335 HOH A O   1 
HETATM 1444 O O   . HOH B 2 .   ? 14.750  6.628   22.936  1.00 40.38 ? 336 HOH A O   1 
HETATM 1445 O O   . HOH B 2 .   ? 12.864  8.475   23.269  1.00 35.38 ? 337 HOH A O   1 
HETATM 1446 O O   . HOH B 2 .   ? 12.244  10.506  24.358  1.00 45.12 ? 338 HOH A O   1 
HETATM 1447 O O   . HOH B 2 .   ? 20.581  7.267   19.783  1.00 41.24 ? 339 HOH A O   1 
HETATM 1448 O O   . HOH B 2 .   ? -10.521 -14.778 -20.620 1.00 32.50 ? 340 HOH A O   1 
HETATM 1449 O O   . HOH B 2 .   ? -10.443 -12.379 -19.259 1.00 31.70 ? 341 HOH A O   1 
HETATM 1450 O O   . HOH B 2 .   ? -3.395  -9.156  -20.116 1.00 31.56 ? 342 HOH A O   1 
HETATM 1451 O O   . HOH B 2 .   ? 1.459   -1.380  -16.123 1.00 49.27 ? 343 HOH A O   1 
HETATM 1452 O O   . HOH B 2 .   ? -5.489  7.237   -9.395  1.00 37.91 ? 344 HOH A O   1 
HETATM 1453 O O   . HOH B 2 .   ? 3.651   -9.464  -9.584  0.50 35.50 ? 345 HOH A O   1 
HETATM 1454 O O   . HOH B 2 .   ? 28.434  8.612   8.334   1.00 41.95 ? 346 HOH A O   1 
HETATM 1455 O O   . HOH B 2 .   ? 5.852   23.487  10.811  1.00 42.97 ? 347 HOH A O   1 
HETATM 1456 O O   . HOH B 2 .   ? -14.042 -9.333  -17.862 1.00 28.50 ? 348 HOH A O   1 
HETATM 1457 O O   . HOH B 2 .   ? -14.679 -16.594 -15.699 1.00 17.92 ? 349 HOH A O   1 
HETATM 1458 O O   . HOH B 2 .   ? -13.987 -5.445  5.780   1.00 33.56 ? 350 HOH A O   1 
HETATM 1459 O O   . HOH B 2 .   ? -18.939 -3.907  7.053   1.00 41.47 ? 351 HOH A O   1 
HETATM 1460 O O   . HOH B 2 .   ? -15.997 -7.412  2.541   1.00 36.29 ? 352 HOH A O   1 
HETATM 1461 O O   . HOH B 2 .   ? -16.921 -19.622 -6.763  1.00 52.47 ? 353 HOH A O   1 
HETATM 1462 O O   . HOH B 2 .   ? -12.867 -11.572 2.597   1.00 34.95 ? 354 HOH A O   1 
HETATM 1463 O O   . HOH B 2 .   ? -7.013  -5.568  7.269   1.00 49.37 ? 355 HOH A O   1 
HETATM 1464 O O   . HOH B 2 .   ? 0.001   -5.506  9.409   1.00 47.39 ? 356 HOH A O   1 
HETATM 1465 O O   . HOH B 2 .   ? 15.464  -2.899  8.372   1.00 33.92 ? 357 HOH A O   1 
HETATM 1466 O O   . HOH B 2 .   ? 4.845   0.013   15.190  1.00 48.35 ? 358 HOH A O   1 
HETATM 1467 O O   . HOH B 2 .   ? -2.638  5.611   13.927  1.00 40.85 ? 359 HOH A O   1 
HETATM 1468 O O   . HOH B 2 .   ? -5.865  15.100  7.758   1.00 49.64 ? 360 HOH A O   1 
HETATM 1469 O O   . HOH B 2 .   ? 1.747   16.327  20.342  1.00 45.89 ? 361 HOH A O   1 
HETATM 1470 O O   . HOH B 2 .   ? 14.936  10.007  23.944  1.00 46.88 ? 362 HOH A O   1 
HETATM 1471 O O   . HOH B 2 .   ? -12.540 -17.800 -23.161 1.00 37.72 ? 363 HOH A O   1 
HETATM 1472 O O   . HOH B 2 .   ? -1.836  -7.606  -21.085 1.00 33.92 ? 364 HOH A O   1 
HETATM 1473 O O   . HOH B 2 .   ? 0.961   -24.931 -7.152  1.00 34.52 ? 365 HOH A O   1 
HETATM 1474 O O   . HOH B 2 .   ? -5.760  -21.928 1.433   1.00 44.91 ? 366 HOH A O   1 
HETATM 1475 O O   . HOH B 2 .   ? -6.461  -23.976 -0.244  1.00 32.62 ? 367 HOH A O   1 
HETATM 1476 O O   . HOH B 2 .   ? 21.745  9.875   16.283  1.00 40.70 ? 368 HOH A O   1 
HETATM 1477 O O   . HOH B 2 .   ? 14.165  23.131  2.281   1.00 35.98 ? 369 HOH A O   1 
HETATM 1478 O O   . HOH B 2 .   ? -2.006  17.017  -0.494  1.00 42.88 ? 370 HOH A O   1 
HETATM 1479 O O   . HOH B 2 .   ? -4.406  9.292   -7.705  1.00 45.66 ? 371 HOH A O   1 
HETATM 1480 O O   . HOH B 2 .   ? -9.970  3.354   -1.174  1.00 32.99 ? 372 HOH A O   1 
HETATM 1481 O O   . HOH B 2 .   ? -15.144 1.788   -13.833 1.00 40.82 ? 373 HOH A O   1 
HETATM 1482 O O   . HOH B 2 .   ? 10.694  2.623   -2.356  1.00 40.84 ? 374 HOH A O   1 
HETATM 1483 O O   . HOH B 2 .   ? -19.112 -4.785  4.405   1.00 54.27 ? 375 HOH A O   1 
HETATM 1484 O O   . HOH B 2 .   ? -11.482 -19.000 -2.818  1.00 43.44 ? 376 HOH A O   1 
HETATM 1485 O O   . HOH B 2 .   ? -6.510  -10.136 6.503   1.00 53.92 ? 377 HOH A O   1 
HETATM 1486 O O   . HOH B 2 .   ? -1.732  -20.674 -1.153  1.00 52.82 ? 378 HOH A O   1 
HETATM 1487 O O   . HOH B 2 .   ? -7.952  8.450   2.913   1.00 49.30 ? 379 HOH A O   1 
HETATM 1488 O O   . HOH B 2 .   ? -4.623  15.155  -2.941  1.00 51.40 ? 380 HOH A O   1 
HETATM 1489 O O   . HOH B 2 .   ? -17.177 -16.479 -1.829  1.00 48.66 ? 381 HOH A O   1 
HETATM 1490 O O   . HOH B 2 .   ? 4.679   1.714   17.318  1.00 51.66 ? 382 HOH A O   1 
HETATM 1491 O O   . HOH B 2 .   ? 6.083   -4.708  8.027   1.00 47.93 ? 383 HOH A O   1 
HETATM 1492 O O   . HOH B 2 .   ? 8.187   -3.479  7.116   1.00 50.08 ? 384 HOH A O   1 
HETATM 1493 O O   . HOH B 2 .   ? -2.302  14.481  18.483  1.00 40.94 ? 385 HOH A O   1 
HETATM 1494 O O   . HOH B 2 .   ? 7.202   -2.532  -12.118 1.00 44.44 ? 386 HOH A O   1 
HETATM 1495 O O   . HOH B 2 .   ? 7.513   22.210  18.378  1.00 47.59 ? 387 HOH A O   1 
HETATM 1496 O O   . HOH B 2 .   ? -15.340 -6.611  7.567   1.00 55.84 ? 388 HOH A O   1 
# 
